data_8FFT
#
_entry.id   8FFT
#
_cell.length_a   60.855
_cell.length_b   158.159
_cell.length_c   73.231
_cell.angle_alpha   90.000
_cell.angle_beta   90.010
_cell.angle_gamma   90.000
#
_symmetry.space_group_name_H-M   'P 1 21 1'
#
loop_
_entity.id
_entity.type
_entity.pdbx_description
1 polymer 'Aminotransferase class I/II-fold pyridoxal phosphate-dependent enzyme'
2 non-polymer 'MAGNESIUM ION'
3 water water
#
_entity_poly.entity_id   1
_entity_poly.type   'polypeptide(L)'
_entity_poly.pdbx_seq_one_letter_code
;MKIQPALLEMWLSEYERVPYNLGESSVDNFTLGELLNLTGDRDALDQLSLMNNDTHGSLRLREAIASLDKSVSPDDILVT
AGTTEAILIYFKVRYRSGANVVVPVPTFHVLYETPAFLGYEVRYLQLRAENGFRIDPQELAKLVDDNTEVIVLNTPQNPS
GVVCSETEIQSIIEIAEKHNAEILADEHYRFLPHDQDTEILPSLYGLSPKIISLGSTG(LLP)CFGCIGLRIGWLIGNPE
IIKACHFFKDYTTHTVCVLNDYIAAGVLLHKGKILPRYRQMIQHNIQQFETFIKQQRGLIDWVKPEAGTIAFPFFTDPNI
NSKIVAKRLVEDHGVLLLPGEAFDRPSHFRIALGVEPSLFQYALEKLAIVIETS
;
_entity_poly.pdbx_strand_id   A,B,C,D
#
# COMPACT_ATOMS: atom_id res chain seq x y z
N VAL A 18 -41.39 4.64 3.26
CA VAL A 18 -42.10 5.62 4.07
C VAL A 18 -41.18 6.79 4.43
N PRO A 19 -41.73 8.00 4.45
CA PRO A 19 -40.88 9.17 4.70
C PRO A 19 -40.38 9.28 6.13
N TYR A 20 -41.09 8.71 7.09
CA TYR A 20 -40.75 8.79 8.51
C TYR A 20 -40.47 7.38 9.03
N ASN A 21 -39.33 6.82 8.63
CA ASN A 21 -38.98 5.44 8.94
C ASN A 21 -38.16 5.40 10.23
N LEU A 22 -38.78 4.90 11.30
CA LEU A 22 -38.13 4.74 12.59
C LEU A 22 -37.94 3.26 12.95
N GLY A 23 -38.11 2.35 12.00
CA GLY A 23 -38.07 0.93 12.28
C GLY A 23 -36.73 0.26 12.03
N GLU A 24 -35.72 1.01 11.61
CA GLU A 24 -34.41 0.43 11.35
C GLU A 24 -33.51 0.55 12.57
N SER A 25 -32.42 -0.20 12.55
CA SER A 25 -31.45 -0.19 13.63
C SER A 25 -30.17 0.52 13.25
N SER A 26 -30.07 1.05 12.03
CA SER A 26 -28.94 1.86 11.64
C SER A 26 -29.30 3.34 11.79
N VAL A 27 -28.26 4.18 11.84
CA VAL A 27 -28.47 5.62 11.91
C VAL A 27 -28.67 6.15 10.51
N ASP A 28 -29.06 7.42 10.41
CA ASP A 28 -29.25 8.08 9.12
C ASP A 28 -27.96 8.01 8.30
N ASN A 29 -28.05 7.46 7.09
CA ASN A 29 -26.87 7.12 6.32
C ASN A 29 -26.38 8.30 5.49
N PHE A 30 -25.06 8.38 5.33
CA PHE A 30 -24.44 9.36 4.45
C PHE A 30 -24.65 8.97 2.99
N THR A 31 -24.47 9.95 2.11
CA THR A 31 -24.11 9.60 0.75
C THR A 31 -22.62 9.30 0.68
N LEU A 32 -22.21 8.63 -0.41
CA LEU A 32 -20.79 8.35 -0.58
C LEU A 32 -19.97 9.63 -0.59
N GLY A 33 -20.46 10.65 -1.29
CA GLY A 33 -19.73 11.92 -1.31
C GLY A 33 -19.63 12.57 0.04
N GLU A 34 -20.73 12.56 0.82
CA GLU A 34 -20.69 13.11 2.17
C GLU A 34 -19.66 12.38 3.02
N LEU A 35 -19.58 11.05 2.88
CA LEU A 35 -18.66 10.27 3.68
C LEU A 35 -17.21 10.58 3.29
N LEU A 36 -16.92 10.63 1.99
CA LEU A 36 -15.56 10.89 1.54
C LEU A 36 -15.09 12.30 1.92
N ASN A 37 -16.01 13.28 1.98
CA ASN A 37 -15.63 14.60 2.48
C ASN A 37 -15.20 14.56 3.94
N LEU A 38 -15.65 13.57 4.71
CA LEU A 38 -15.23 13.44 6.10
C LEU A 38 -13.98 12.58 6.25
N THR A 39 -13.85 11.53 5.43
CA THR A 39 -12.72 10.62 5.58
C THR A 39 -11.50 11.04 4.78
N GLY A 40 -11.67 11.88 3.76
CA GLY A 40 -10.55 12.29 2.94
C GLY A 40 -10.05 11.25 1.97
N ASP A 41 -10.78 10.15 1.80
CA ASP A 41 -10.31 8.99 1.05
C ASP A 41 -10.60 9.06 -0.44
N ARG A 42 -11.16 10.16 -0.94
CA ARG A 42 -11.65 10.20 -2.31
C ARG A 42 -10.52 9.98 -3.32
N ASP A 43 -9.41 10.70 -3.16
CA ASP A 43 -8.35 10.64 -4.16
C ASP A 43 -7.66 9.28 -4.21
N ALA A 44 -7.62 8.56 -3.08
CA ALA A 44 -6.96 7.27 -3.06
C ALA A 44 -7.77 6.18 -3.72
N LEU A 45 -9.10 6.33 -3.80
CA LEU A 45 -9.95 5.27 -4.33
C LEU A 45 -9.62 4.94 -5.77
N ASP A 46 -9.32 5.95 -6.59
CA ASP A 46 -9.12 5.69 -8.01
C ASP A 46 -7.90 4.81 -8.28
N GLN A 47 -6.91 4.80 -7.38
CA GLN A 47 -5.74 3.95 -7.61
C GLN A 47 -5.92 2.53 -7.07
N LEU A 48 -7.00 2.26 -6.35
CA LEU A 48 -7.22 0.93 -5.81
C LEU A 48 -7.40 -0.09 -6.92
N SER A 49 -6.73 -1.23 -6.79
CA SER A 49 -6.87 -2.31 -7.76
C SER A 49 -8.16 -3.09 -7.53
N LEU A 50 -8.83 -3.45 -8.63
CA LEU A 50 -10.03 -4.27 -8.54
C LEU A 50 -9.73 -5.76 -8.61
N MET A 51 -8.47 -6.14 -8.41
CA MET A 51 -8.16 -7.53 -8.14
C MET A 51 -8.77 -7.92 -6.80
N ASN A 52 -8.72 -9.21 -6.49
CA ASN A 52 -9.27 -9.69 -5.23
C ASN A 52 -8.56 -9.01 -4.06
N ASN A 53 -9.34 -8.55 -3.10
CA ASN A 53 -8.80 -7.97 -1.88
C ASN A 53 -8.01 -9.03 -1.11
N ASP A 54 -7.20 -8.56 -0.17
CA ASP A 54 -6.65 -9.43 0.86
C ASP A 54 -7.79 -10.25 1.48
N THR A 55 -7.63 -11.58 1.47
CA THR A 55 -8.71 -12.45 1.90
C THR A 55 -9.03 -12.35 3.40
N HIS A 56 -8.17 -11.75 4.20
CA HIS A 56 -8.51 -11.41 5.58
C HIS A 56 -9.10 -10.01 5.69
N GLY A 57 -9.23 -9.30 4.58
CA GLY A 57 -9.42 -7.87 4.62
C GLY A 57 -8.09 -7.14 4.56
N SER A 58 -8.12 -5.93 4.03
CA SER A 58 -6.89 -5.18 3.85
C SER A 58 -6.22 -4.89 5.19
N LEU A 59 -4.90 -4.74 5.14
CA LEU A 59 -4.16 -4.39 6.35
C LEU A 59 -4.62 -3.05 6.89
N ARG A 60 -4.94 -2.11 6.00
CA ARG A 60 -5.39 -0.80 6.44
C ARG A 60 -6.66 -0.90 7.28
N LEU A 61 -7.62 -1.73 6.86
CA LEU A 61 -8.84 -1.90 7.63
C LEU A 61 -8.59 -2.68 8.92
N ARG A 62 -7.82 -3.76 8.84
CA ARG A 62 -7.59 -4.57 10.02
C ARG A 62 -6.76 -3.82 11.06
N GLU A 63 -5.83 -2.96 10.63
CA GLU A 63 -5.10 -2.14 11.59
C GLU A 63 -6.00 -1.08 12.20
N ALA A 64 -6.90 -0.50 11.40
CA ALA A 64 -7.84 0.46 11.94
C ALA A 64 -8.78 -0.17 12.96
N ILE A 65 -9.24 -1.40 12.69
CA ILE A 65 -10.05 -2.13 13.65
C ILE A 65 -9.24 -2.43 14.91
N ALA A 66 -8.00 -2.90 14.73
CA ALA A 66 -7.19 -3.32 15.87
C ALA A 66 -6.81 -2.14 16.77
N SER A 67 -6.67 -0.94 16.20
CA SER A 67 -6.33 0.23 17.00
C SER A 67 -7.42 0.61 17.98
N LEU A 68 -8.63 0.08 17.84
CA LEU A 68 -9.69 0.40 18.78
C LEU A 68 -9.50 -0.25 20.14
N ASP A 69 -8.70 -1.32 20.22
CA ASP A 69 -8.52 -2.04 21.47
C ASP A 69 -7.11 -2.58 21.56
N LYS A 70 -6.52 -2.47 22.76
CA LYS A 70 -5.17 -2.99 22.95
C LYS A 70 -5.14 -4.51 22.85
N SER A 71 -6.23 -5.17 23.22
CA SER A 71 -6.25 -6.62 23.19
C SER A 71 -6.33 -7.18 21.77
N VAL A 72 -6.53 -6.33 20.76
CA VAL A 72 -6.76 -6.77 19.39
C VAL A 72 -5.55 -6.41 18.55
N SER A 73 -5.01 -7.41 17.86
CA SER A 73 -3.95 -7.22 16.87
C SER A 73 -4.53 -7.36 15.47
N PRO A 74 -3.89 -6.76 14.46
CA PRO A 74 -4.41 -6.85 13.09
C PRO A 74 -4.55 -8.27 12.56
N ASP A 75 -3.80 -9.23 13.12
CA ASP A 75 -3.90 -10.62 12.69
C ASP A 75 -5.04 -11.37 13.36
N ASP A 76 -5.70 -10.79 14.37
CA ASP A 76 -6.82 -11.46 15.00
C ASP A 76 -8.13 -11.23 14.26
N ILE A 77 -8.10 -10.56 13.11
CA ILE A 77 -9.31 -10.01 12.51
C ILE A 77 -9.57 -10.68 11.17
N LEU A 78 -10.81 -11.06 10.93
CA LEU A 78 -11.28 -11.49 9.63
C LEU A 78 -12.39 -10.55 9.17
N VAL A 79 -12.16 -9.83 8.08
CA VAL A 79 -13.17 -8.93 7.54
C VAL A 79 -14.15 -9.73 6.70
N THR A 80 -15.44 -9.46 6.89
CA THR A 80 -16.52 -10.17 6.22
C THR A 80 -17.49 -9.17 5.62
N ALA A 81 -18.38 -9.66 4.75
CA ALA A 81 -19.37 -8.81 4.11
C ALA A 81 -20.54 -8.62 5.08
N GLY A 82 -20.33 -7.73 6.03
CA GLY A 82 -21.25 -7.55 7.14
C GLY A 82 -21.04 -8.60 8.22
N THR A 83 -21.60 -8.33 9.40
CA THR A 83 -21.54 -9.33 10.46
C THR A 83 -22.46 -10.50 10.19
N THR A 84 -23.43 -10.35 9.27
CA THR A 84 -24.27 -11.48 8.90
C THR A 84 -23.45 -12.62 8.31
N GLU A 85 -22.48 -12.31 7.44
CA GLU A 85 -21.60 -13.36 6.92
C GLU A 85 -20.72 -13.92 8.02
N ALA A 86 -20.16 -13.05 8.86
CA ALA A 86 -19.33 -13.51 9.97
C ALA A 86 -20.11 -14.47 10.87
N ILE A 87 -21.36 -14.12 11.18
CA ILE A 87 -22.19 -14.99 12.01
C ILE A 87 -22.36 -16.35 11.35
N LEU A 88 -22.61 -16.37 10.04
CA LEU A 88 -22.80 -17.63 9.33
C LEU A 88 -21.53 -18.48 9.35
N ILE A 89 -20.38 -17.87 9.02
CA ILE A 89 -19.14 -18.66 8.96
C ILE A 89 -18.76 -19.17 10.34
N TYR A 90 -18.91 -18.34 11.37
CA TYR A 90 -18.51 -18.77 12.70
C TYR A 90 -19.35 -19.94 13.17
N PHE A 91 -20.67 -19.84 13.05
CA PHE A 91 -21.53 -20.93 13.51
C PHE A 91 -21.32 -22.19 12.69
N LYS A 92 -21.03 -22.06 11.40
CA LYS A 92 -20.70 -23.23 10.60
C LYS A 92 -19.45 -23.92 11.13
N VAL A 93 -18.41 -23.14 11.41
CA VAL A 93 -17.14 -23.70 11.86
C VAL A 93 -17.31 -24.45 13.18
N ARG A 94 -18.06 -23.88 14.11
CA ARG A 94 -18.19 -24.47 15.44
C ARG A 94 -19.28 -25.52 15.53
N TYR A 95 -19.93 -25.86 14.42
CA TYR A 95 -21.04 -26.79 14.46
C TYR A 95 -20.53 -28.22 14.61
N ARG A 96 -21.25 -29.00 15.42
CA ARG A 96 -21.09 -30.44 15.48
C ARG A 96 -22.43 -31.04 15.87
N SER A 97 -22.62 -32.30 15.53
CA SER A 97 -23.87 -32.98 15.81
C SER A 97 -24.18 -32.96 17.30
N GLY A 98 -25.41 -32.61 17.65
CA GLY A 98 -25.83 -32.55 19.03
C GLY A 98 -25.45 -31.30 19.77
N ALA A 99 -24.84 -30.32 19.09
CA ALA A 99 -24.45 -29.08 19.73
C ALA A 99 -25.64 -28.15 19.91
N ASN A 100 -25.57 -27.32 20.95
CA ASN A 100 -26.61 -26.33 21.16
C ASN A 100 -25.97 -24.95 21.32
N VAL A 101 -26.77 -23.93 21.08
CA VAL A 101 -26.37 -22.54 21.28
C VAL A 101 -27.40 -21.89 22.19
N VAL A 102 -26.92 -21.02 23.08
CA VAL A 102 -27.78 -20.24 23.97
C VAL A 102 -27.86 -18.83 23.40
N VAL A 103 -29.07 -18.37 23.12
CA VAL A 103 -29.28 -17.05 22.54
C VAL A 103 -30.21 -16.26 23.45
N PRO A 104 -29.76 -15.17 24.06
CA PRO A 104 -30.69 -14.29 24.76
C PRO A 104 -31.56 -13.55 23.75
N VAL A 105 -32.87 -13.60 23.97
CA VAL A 105 -33.82 -12.93 23.09
C VAL A 105 -34.65 -11.96 23.94
N PRO A 106 -35.17 -10.86 23.38
CA PRO A 106 -35.06 -10.44 21.97
C PRO A 106 -33.66 -10.05 21.54
N THR A 107 -33.33 -10.35 20.28
CA THR A 107 -32.06 -9.98 19.69
C THR A 107 -32.23 -9.97 18.17
N PHE A 108 -31.17 -9.61 17.46
CA PHE A 108 -31.20 -9.68 16.01
C PHE A 108 -31.47 -11.11 15.56
N HIS A 109 -32.46 -11.26 14.66
CA HIS A 109 -33.01 -12.57 14.35
C HIS A 109 -31.98 -13.54 13.78
N VAL A 110 -30.98 -13.02 13.05
CA VAL A 110 -29.97 -13.89 12.46
C VAL A 110 -29.21 -14.66 13.53
N LEU A 111 -29.08 -14.08 14.73
CA LEU A 111 -28.27 -14.70 15.79
C LEU A 111 -28.86 -16.02 16.27
N TYR A 112 -30.18 -16.22 16.15
CA TYR A 112 -30.75 -17.52 16.46
C TYR A 112 -31.25 -18.28 15.25
N GLU A 113 -31.55 -17.61 14.13
CA GLU A 113 -32.05 -18.31 12.95
C GLU A 113 -30.94 -18.98 12.16
N THR A 114 -29.79 -18.32 12.01
CA THR A 114 -28.66 -18.96 11.35
C THR A 114 -28.20 -20.23 12.06
N PRO A 115 -28.01 -20.25 13.39
CA PRO A 115 -27.68 -21.53 14.05
C PRO A 115 -28.75 -22.60 13.82
N ALA A 116 -30.01 -22.20 13.85
CA ALA A 116 -31.09 -23.17 13.60
C ALA A 116 -30.97 -23.74 12.19
N PHE A 117 -30.71 -22.89 11.19
CA PHE A 117 -30.53 -23.38 9.82
C PHE A 117 -29.39 -24.37 9.73
N LEU A 118 -28.34 -24.18 10.52
CA LEU A 118 -27.14 -25.01 10.50
C LEU A 118 -27.29 -26.30 11.30
N GLY A 119 -28.44 -26.53 11.93
CA GLY A 119 -28.68 -27.76 12.66
C GLY A 119 -28.50 -27.68 14.16
N TYR A 120 -28.12 -26.52 14.70
CA TYR A 120 -27.98 -26.36 16.15
C TYR A 120 -29.33 -26.50 16.85
N GLU A 121 -29.29 -27.05 18.07
CA GLU A 121 -30.39 -26.87 19.01
C GLU A 121 -30.27 -25.48 19.61
N VAL A 122 -31.30 -24.65 19.44
CA VAL A 122 -31.25 -23.28 19.92
C VAL A 122 -32.01 -23.20 21.24
N ARG A 123 -31.32 -22.82 22.30
CA ARG A 123 -31.91 -22.61 23.62
C ARG A 123 -32.03 -21.11 23.86
N TYR A 124 -33.26 -20.64 24.04
CA TYR A 124 -33.55 -19.22 24.20
C TYR A 124 -33.53 -18.81 25.67
N LEU A 125 -32.82 -17.73 25.96
CA LEU A 125 -32.83 -17.08 27.26
C LEU A 125 -33.72 -15.85 27.16
N GLN A 126 -34.93 -15.94 27.68
CA GLN A 126 -35.91 -14.87 27.53
C GLN A 126 -35.55 -13.68 28.41
N LEU A 127 -35.17 -12.56 27.77
CA LEU A 127 -34.94 -11.31 28.48
C LEU A 127 -36.23 -10.51 28.53
N ARG A 128 -36.45 -9.81 29.64
CA ARG A 128 -37.75 -9.18 29.88
C ARG A 128 -37.54 -7.78 30.45
N ALA A 129 -38.46 -6.88 30.08
CA ALA A 129 -38.32 -5.50 30.51
C ALA A 129 -38.47 -5.34 32.02
N GLU A 130 -39.26 -6.22 32.65
CA GLU A 130 -39.41 -6.13 34.09
C GLU A 130 -38.12 -6.46 34.83
N ASN A 131 -37.19 -7.18 34.19
CA ASN A 131 -35.86 -7.39 34.75
C ASN A 131 -34.81 -6.54 34.06
N GLY A 132 -35.22 -5.44 33.42
CA GLY A 132 -34.31 -4.56 32.72
C GLY A 132 -33.62 -5.17 31.52
N PHE A 133 -34.19 -6.23 30.94
CA PHE A 133 -33.59 -6.97 29.82
C PHE A 133 -32.17 -7.43 30.16
N ARG A 134 -31.92 -7.71 31.43
CA ARG A 134 -30.59 -8.13 31.86
C ARG A 134 -30.52 -9.65 32.01
N ILE A 135 -29.32 -10.18 31.78
CA ILE A 135 -29.09 -11.61 31.87
C ILE A 135 -28.90 -12.01 33.32
N ASP A 136 -29.69 -12.96 33.79
CA ASP A 136 -29.52 -13.52 35.13
C ASP A 136 -28.56 -14.69 35.05
N PRO A 137 -27.41 -14.64 35.73
CA PRO A 137 -26.43 -15.73 35.59
C PRO A 137 -26.99 -17.09 35.98
N GLN A 138 -27.88 -17.16 36.97
CA GLN A 138 -28.39 -18.46 37.38
C GLN A 138 -29.35 -19.03 36.36
N GLU A 139 -30.01 -18.17 35.59
CA GLU A 139 -30.92 -18.66 34.57
C GLU A 139 -30.19 -19.02 33.29
N LEU A 140 -29.00 -18.44 33.08
CA LEU A 140 -28.15 -18.82 31.96
C LEU A 140 -27.44 -20.13 32.25
N ALA A 141 -26.98 -20.33 33.48
CA ALA A 141 -26.32 -21.58 33.84
C ALA A 141 -27.27 -22.76 33.75
N LYS A 142 -28.58 -22.53 33.84
CA LYS A 142 -29.56 -23.58 33.65
C LYS A 142 -29.75 -23.96 32.19
N LEU A 143 -29.16 -23.22 31.26
CA LEU A 143 -29.28 -23.50 29.83
C LEU A 143 -28.00 -23.99 29.20
N VAL A 144 -26.85 -23.82 29.85
CA VAL A 144 -25.55 -24.16 29.28
C VAL A 144 -25.12 -25.53 29.78
N ASP A 145 -24.86 -26.45 28.84
CA ASP A 145 -24.25 -27.71 29.22
C ASP A 145 -23.00 -27.96 28.39
N ASP A 146 -22.47 -29.19 28.44
CA ASP A 146 -21.24 -29.49 27.74
C ASP A 146 -21.43 -29.57 26.22
N ASN A 147 -22.67 -29.65 25.74
CA ASN A 147 -22.97 -29.57 24.32
C ASN A 147 -23.21 -28.14 23.86
N THR A 148 -23.26 -27.18 24.79
CA THR A 148 -23.38 -25.77 24.41
C THR A 148 -22.05 -25.32 23.86
N GLU A 149 -22.00 -25.04 22.56
CA GLU A 149 -20.75 -24.61 21.95
C GLU A 149 -20.62 -23.11 21.85
N VAL A 150 -21.74 -22.39 21.79
CA VAL A 150 -21.73 -20.94 21.63
C VAL A 150 -22.75 -20.35 22.58
N ILE A 151 -22.35 -19.31 23.31
CA ILE A 151 -23.29 -18.44 24.00
C ILE A 151 -23.24 -17.09 23.31
N VAL A 152 -24.36 -16.68 22.74
CA VAL A 152 -24.42 -15.40 22.04
C VAL A 152 -24.58 -14.30 23.08
N LEU A 153 -23.77 -13.26 22.96
CA LEU A 153 -23.81 -12.11 23.87
C LEU A 153 -23.85 -10.86 23.01
N ASN A 154 -25.04 -10.34 22.76
CA ASN A 154 -25.20 -9.13 21.96
C ASN A 154 -25.26 -7.93 22.90
N THR A 155 -24.15 -7.19 22.99
CA THR A 155 -24.08 -6.04 23.86
C THR A 155 -23.27 -4.92 23.19
N PRO A 156 -23.84 -3.71 23.03
CA PRO A 156 -25.19 -3.27 23.37
C PRO A 156 -26.26 -4.08 22.66
N GLN A 157 -27.41 -4.26 23.30
CA GLN A 157 -28.45 -5.12 22.77
C GLN A 157 -29.26 -4.40 21.70
N ASN A 158 -29.56 -5.13 20.63
CA ASN A 158 -30.64 -4.77 19.72
C ASN A 158 -31.80 -5.69 20.03
N PRO A 159 -33.00 -5.18 20.41
CA PRO A 159 -33.54 -3.82 20.38
C PRO A 159 -33.50 -2.98 21.66
N SER A 160 -33.04 -3.55 22.78
CA SER A 160 -33.22 -2.84 24.04
C SER A 160 -32.26 -1.68 24.23
N GLY A 161 -31.03 -1.78 23.73
CA GLY A 161 -30.01 -0.80 24.04
C GLY A 161 -29.33 -1.01 25.38
N VAL A 162 -29.59 -2.13 26.04
CA VAL A 162 -28.97 -2.43 27.33
C VAL A 162 -27.54 -2.90 27.12
N VAL A 163 -26.63 -2.38 27.95
CA VAL A 163 -25.23 -2.81 27.96
C VAL A 163 -25.04 -3.77 29.13
N CYS A 164 -24.43 -4.92 28.86
CA CYS A 164 -24.18 -5.87 29.94
C CYS A 164 -23.14 -5.31 30.89
N SER A 165 -23.42 -5.38 32.20
CA SER A 165 -22.51 -4.85 33.19
C SER A 165 -21.27 -5.73 33.27
N GLU A 166 -20.24 -5.21 33.95
CA GLU A 166 -19.01 -5.98 34.04
C GLU A 166 -19.20 -7.26 34.85
N THR A 167 -20.10 -7.25 35.85
CA THR A 167 -20.35 -8.45 36.62
C THR A 167 -21.21 -9.45 35.87
N GLU A 168 -22.16 -8.99 35.05
CA GLU A 168 -22.88 -9.94 34.19
C GLU A 168 -21.93 -10.62 33.22
N ILE A 169 -21.01 -9.85 32.63
CA ILE A 169 -20.03 -10.39 31.71
C ILE A 169 -19.13 -11.40 32.43
N GLN A 170 -18.68 -11.04 33.64
CA GLN A 170 -17.79 -11.91 34.38
C GLN A 170 -18.48 -13.21 34.76
N SER A 171 -19.78 -13.16 35.06
CA SER A 171 -20.52 -14.39 35.36
C SER A 171 -20.71 -15.23 34.11
N ILE A 172 -20.93 -14.59 32.96
CA ILE A 172 -21.05 -15.31 31.70
C ILE A 172 -19.71 -15.94 31.32
N ILE A 173 -18.62 -15.20 31.50
CA ILE A 173 -17.29 -15.76 31.23
C ILE A 173 -17.05 -16.99 32.08
N GLU A 174 -17.53 -16.97 33.33
CA GLU A 174 -17.29 -18.08 34.23
C GLU A 174 -18.14 -19.29 33.84
N ILE A 175 -19.38 -19.05 33.41
CA ILE A 175 -20.22 -20.15 32.94
C ILE A 175 -19.63 -20.73 31.66
N ALA A 176 -19.11 -19.87 30.79
CA ALA A 176 -18.59 -20.34 29.51
C ALA A 176 -17.27 -21.11 29.68
N GLU A 177 -16.38 -20.61 30.52
CA GLU A 177 -15.12 -21.32 30.73
C GLU A 177 -15.31 -22.63 31.48
N LYS A 178 -16.40 -22.75 32.24
CA LYS A 178 -16.67 -23.98 32.98
C LYS A 178 -17.27 -25.06 32.10
N HIS A 179 -17.92 -24.69 31.00
CA HIS A 179 -18.50 -25.64 30.07
C HIS A 179 -17.77 -25.66 28.73
N ASN A 180 -16.62 -24.98 28.64
CA ASN A 180 -15.84 -24.91 27.40
C ASN A 180 -16.69 -24.41 26.25
N ALA A 181 -17.55 -23.44 26.52
CA ALA A 181 -18.37 -22.82 25.49
C ALA A 181 -17.76 -21.49 25.08
N GLU A 182 -17.80 -21.22 23.78
CA GLU A 182 -17.31 -19.94 23.30
C GLU A 182 -18.40 -18.87 23.47
N ILE A 183 -17.96 -17.63 23.58
CA ILE A 183 -18.85 -16.48 23.71
C ILE A 183 -18.77 -15.70 22.41
N LEU A 184 -19.89 -15.63 21.68
CA LEU A 184 -19.98 -14.81 20.48
C LEU A 184 -20.50 -13.44 20.89
N ALA A 185 -19.60 -12.48 21.00
CA ALA A 185 -19.95 -11.15 21.48
C ALA A 185 -20.23 -10.26 20.27
N ASP A 186 -21.50 -10.05 19.97
CA ASP A 186 -21.91 -9.17 18.88
C ASP A 186 -21.88 -7.74 19.40
N GLU A 187 -20.77 -7.03 19.15
CA GLU A 187 -20.54 -5.68 19.64
C GLU A 187 -20.84 -4.63 18.57
N HIS A 188 -21.89 -4.85 17.79
CA HIS A 188 -22.22 -3.96 16.68
C HIS A 188 -22.35 -2.50 17.11
N TYR A 189 -22.90 -2.26 18.31
CA TYR A 189 -23.27 -0.91 18.73
C TYR A 189 -22.30 -0.31 19.75
N ARG A 190 -21.11 -0.88 19.89
CA ARG A 190 -20.14 -0.36 20.86
C ARG A 190 -19.69 1.06 20.54
N PHE A 191 -19.94 1.54 19.32
CA PHE A 191 -19.44 2.84 18.91
C PHE A 191 -20.29 4.00 19.39
N LEU A 192 -21.49 3.75 19.91
CA LEU A 192 -22.42 4.82 20.31
C LEU A 192 -22.90 4.63 21.74
N PRO A 193 -22.03 4.82 22.73
CA PRO A 193 -22.51 4.94 24.10
C PRO A 193 -23.35 6.20 24.25
N HIS A 194 -24.27 6.16 25.22
CA HIS A 194 -25.14 7.31 25.48
C HIS A 194 -24.64 8.13 26.67
N ILE A 200 -15.98 5.31 22.89
CA ILE A 200 -16.63 4.05 22.55
C ILE A 200 -16.49 3.02 23.66
N LEU A 201 -17.39 2.05 23.66
CA LEU A 201 -17.33 0.97 24.63
C LEU A 201 -16.16 0.03 24.29
N PRO A 202 -15.45 -0.48 25.29
CA PRO A 202 -14.33 -1.38 25.01
C PRO A 202 -14.80 -2.73 24.49
N SER A 203 -14.02 -3.31 23.60
CA SER A 203 -14.32 -4.64 23.10
C SER A 203 -14.10 -5.67 24.20
N LEU A 204 -14.91 -6.72 24.16
CA LEU A 204 -14.80 -7.84 25.10
C LEU A 204 -13.72 -8.84 24.71
N TYR A 205 -13.07 -8.66 23.56
CA TYR A 205 -12.21 -9.72 23.02
C TYR A 205 -11.11 -10.15 23.97
N GLY A 206 -10.54 -9.23 24.73
CA GLY A 206 -9.45 -9.67 25.57
C GLY A 206 -9.84 -10.30 26.89
N LEU A 207 -11.10 -10.20 27.30
CA LEU A 207 -11.49 -10.58 28.66
C LEU A 207 -11.40 -12.08 28.93
N SER A 208 -11.52 -12.92 27.91
CA SER A 208 -11.43 -14.35 28.13
C SER A 208 -11.06 -15.03 26.83
N PRO A 209 -10.33 -16.15 26.87
CA PRO A 209 -9.98 -16.85 25.63
C PRO A 209 -11.19 -17.39 24.87
N LYS A 210 -12.34 -17.46 25.52
CA LYS A 210 -13.51 -18.04 24.89
C LYS A 210 -14.33 -17.02 24.11
N ILE A 211 -13.96 -15.75 24.16
CA ILE A 211 -14.75 -14.68 23.58
C ILE A 211 -14.33 -14.47 22.13
N ILE A 212 -15.29 -14.57 21.21
CA ILE A 212 -15.13 -14.15 19.83
C ILE A 212 -15.96 -12.90 19.64
N SER A 213 -15.36 -11.86 19.10
CA SER A 213 -16.02 -10.56 18.98
CA SER A 213 -16.00 -10.55 18.97
C SER A 213 -16.42 -10.29 17.54
N LEU A 214 -17.58 -9.66 17.37
CA LEU A 214 -18.08 -9.22 16.10
C LEU A 214 -18.25 -7.70 16.13
N GLY A 215 -17.82 -7.05 15.07
CA GLY A 215 -17.97 -5.61 14.97
C GLY A 215 -18.33 -5.21 13.55
N SER A 216 -18.71 -3.95 13.40
CA SER A 216 -19.06 -3.45 12.08
C SER A 216 -19.14 -1.94 12.12
N THR A 217 -18.88 -1.32 10.97
CA THR A 217 -19.09 0.11 10.80
C THR A 217 -20.54 0.45 10.50
N GLY A 218 -21.32 -0.54 10.07
CA GLY A 218 -22.62 -0.29 9.46
C GLY A 218 -23.62 0.53 10.23
N CYS A 220 -23.56 2.13 13.09
CA CYS A 220 -23.18 3.31 13.88
C CYS A 220 -22.63 4.50 13.08
N PHE A 221 -22.15 4.26 11.86
CA PHE A 221 -21.39 5.28 11.15
C PHE A 221 -22.13 5.85 9.94
N GLY A 222 -23.40 5.51 9.75
CA GLY A 222 -24.12 6.05 8.62
C GLY A 222 -23.71 5.46 7.29
N CYS A 223 -23.27 4.20 7.26
CA CYS A 223 -22.86 3.56 6.01
C CYS A 223 -23.16 2.07 6.06
N ILE A 224 -24.39 1.71 6.45
CA ILE A 224 -24.77 0.30 6.53
C ILE A 224 -24.61 -0.39 5.18
N GLY A 225 -24.80 0.34 4.09
CA GLY A 225 -24.73 -0.24 2.76
C GLY A 225 -23.34 -0.67 2.32
N LEU A 226 -22.28 -0.23 3.03
CA LEU A 226 -20.93 -0.64 2.66
C LEU A 226 -20.73 -2.14 2.81
N ARG A 227 -21.49 -2.77 3.72
CA ARG A 227 -21.40 -4.21 3.98
C ARG A 227 -20.00 -4.61 4.44
N ILE A 228 -19.56 -3.98 5.52
CA ILE A 228 -18.28 -4.30 6.13
C ILE A 228 -18.53 -4.69 7.58
N GLY A 229 -18.16 -5.91 7.93
CA GLY A 229 -18.09 -6.35 9.31
C GLY A 229 -16.78 -7.08 9.55
N TRP A 230 -16.58 -7.51 10.78
CA TRP A 230 -15.36 -8.24 11.10
C TRP A 230 -15.59 -9.18 12.27
N LEU A 231 -14.78 -10.22 12.31
CA LEU A 231 -14.73 -11.18 13.40
C LEU A 231 -13.34 -11.11 14.03
N ILE A 232 -13.29 -11.20 15.35
CA ILE A 232 -12.04 -11.17 16.10
C ILE A 232 -11.97 -12.45 16.93
N GLY A 233 -10.93 -13.24 16.71
CA GLY A 233 -10.80 -14.49 17.42
C GLY A 233 -9.37 -14.97 17.44
N ASN A 234 -9.15 -16.09 18.12
CA ASN A 234 -7.84 -16.72 18.19
C ASN A 234 -7.41 -17.21 16.79
N PRO A 235 -6.12 -17.52 16.60
CA PRO A 235 -5.67 -17.90 15.25
C PRO A 235 -6.39 -19.12 14.66
N GLU A 236 -6.83 -20.08 15.47
CA GLU A 236 -7.44 -21.27 14.89
C GLU A 236 -8.87 -21.00 14.42
N ILE A 237 -9.63 -20.22 15.17
CA ILE A 237 -10.97 -19.88 14.71
C ILE A 237 -10.88 -18.95 13.51
N ILE A 238 -9.88 -18.06 13.47
CA ILE A 238 -9.70 -17.19 12.31
C ILE A 238 -9.32 -18.00 11.09
N LYS A 239 -8.40 -18.96 11.26
CA LYS A 239 -8.04 -19.83 10.14
C LYS A 239 -9.23 -20.64 9.65
N ALA A 240 -10.03 -21.17 10.58
CA ALA A 240 -11.20 -21.95 10.20
C ALA A 240 -12.25 -21.08 9.52
N CYS A 241 -12.49 -19.87 10.04
CA CYS A 241 -13.46 -18.98 9.41
C CYS A 241 -12.97 -18.49 8.06
N HIS A 242 -11.68 -18.16 7.98
CA HIS A 242 -11.11 -17.73 6.71
C HIS A 242 -11.29 -18.80 5.65
N PHE A 243 -11.07 -20.07 6.02
CA PHE A 243 -11.23 -21.16 5.08
C PHE A 243 -12.66 -21.22 4.55
N PHE A 244 -13.64 -21.19 5.46
CA PHE A 244 -15.01 -21.37 4.98
C PHE A 244 -15.54 -20.13 4.26
N LYS A 245 -14.92 -18.97 4.45
CA LYS A 245 -15.35 -17.79 3.74
C LYS A 245 -15.18 -17.95 2.22
N ASP A 246 -14.29 -18.85 1.78
CA ASP A 246 -14.15 -19.12 0.36
C ASP A 246 -15.42 -19.66 -0.27
N TYR A 247 -16.39 -20.09 0.55
CA TYR A 247 -17.61 -20.69 0.04
C TYR A 247 -18.83 -19.84 0.30
N THR A 248 -18.66 -18.64 0.87
CA THR A 248 -19.75 -17.68 1.03
C THR A 248 -19.57 -16.53 0.05
N THR A 249 -18.53 -15.70 0.23
CA THR A 249 -18.28 -14.58 -0.66
C THR A 249 -16.83 -14.45 -1.09
N HIS A 250 -15.95 -15.34 -0.64
CA HIS A 250 -14.51 -15.29 -0.95
C HIS A 250 -13.85 -14.05 -0.36
N THR A 251 -14.08 -12.87 -0.95
CA THR A 251 -13.50 -11.64 -0.42
C THR A 251 -14.54 -10.53 -0.45
N VAL A 252 -14.32 -9.50 0.38
CA VAL A 252 -15.06 -8.25 0.30
C VAL A 252 -14.30 -7.30 -0.63
N CYS A 253 -15.04 -6.39 -1.27
CA CYS A 253 -14.43 -5.50 -2.25
C CYS A 253 -13.40 -4.59 -1.60
N VAL A 254 -12.32 -4.33 -2.34
CA VAL A 254 -11.28 -3.43 -1.85
C VAL A 254 -11.83 -2.03 -1.62
N LEU A 255 -12.85 -1.65 -2.40
CA LEU A 255 -13.42 -0.32 -2.31
C LEU A 255 -14.16 -0.12 -0.98
N ASN A 256 -15.09 -1.03 -0.66
CA ASN A 256 -15.79 -0.94 0.62
C ASN A 256 -14.83 -1.06 1.80
N ASP A 257 -13.91 -2.03 1.70
CA ASP A 257 -12.84 -2.19 2.68
C ASP A 257 -12.12 -0.86 2.93
N TYR A 258 -11.68 -0.21 1.86
CA TYR A 258 -10.92 1.02 2.00
C TYR A 258 -11.77 2.13 2.61
N ILE A 259 -13.03 2.25 2.18
CA ILE A 259 -13.89 3.30 2.71
C ILE A 259 -14.18 3.05 4.18
N ALA A 260 -14.44 1.80 4.55
CA ALA A 260 -14.72 1.49 5.95
C ALA A 260 -13.53 1.79 6.85
N ALA A 261 -12.31 1.55 6.35
CA ALA A 261 -11.11 1.84 7.15
C ALA A 261 -11.01 3.33 7.44
N GLY A 262 -11.19 4.16 6.42
CA GLY A 262 -11.15 5.60 6.64
C GLY A 262 -12.26 6.08 7.54
N VAL A 263 -13.41 5.42 7.49
CA VAL A 263 -14.50 5.73 8.43
C VAL A 263 -14.02 5.56 9.87
N LEU A 264 -13.35 4.44 10.16
CA LEU A 264 -12.89 4.19 11.52
C LEU A 264 -11.77 5.15 11.92
N LEU A 265 -10.83 5.41 11.02
CA LEU A 265 -9.72 6.32 11.32
C LEU A 265 -10.20 7.75 11.54
N HIS A 266 -11.39 8.08 11.06
CA HIS A 266 -11.95 9.42 11.24
C HIS A 266 -13.27 9.36 12.01
N LYS A 267 -13.39 8.39 12.93
CA LYS A 267 -14.62 8.21 13.68
C LYS A 267 -15.01 9.46 14.46
N GLY A 268 -14.02 10.26 14.86
CA GLY A 268 -14.28 11.49 15.61
C GLY A 268 -15.00 12.55 14.79
N LYS A 269 -15.04 12.39 13.46
CA LYS A 269 -15.81 13.30 12.62
C LYS A 269 -17.22 12.79 12.39
N ILE A 270 -17.57 11.61 12.91
CA ILE A 270 -18.85 11.00 12.57
C ILE A 270 -19.66 10.68 13.82
N LEU A 271 -19.05 9.94 14.75
CA LEU A 271 -19.77 9.41 15.91
C LEU A 271 -20.28 10.49 16.86
N PRO A 272 -19.52 11.53 17.19
CA PRO A 272 -20.06 12.55 18.11
C PRO A 272 -21.32 13.20 17.61
N ARG A 273 -21.42 13.43 16.30
CA ARG A 273 -22.64 14.01 15.76
C ARG A 273 -23.83 13.07 15.95
N TYR A 274 -23.63 11.77 15.69
CA TYR A 274 -24.71 10.81 15.89
C TYR A 274 -25.03 10.65 17.36
N ARG A 275 -24.02 10.68 18.24
CA ARG A 275 -24.29 10.63 19.68
C ARG A 275 -25.16 11.80 20.10
N GLN A 276 -24.87 12.99 19.56
CA GLN A 276 -25.68 14.15 19.89
C GLN A 276 -27.12 13.98 19.41
N MET A 277 -27.31 13.43 18.20
CA MET A 277 -28.67 13.18 17.71
C MET A 277 -29.41 12.19 18.60
N ILE A 278 -28.72 11.14 19.04
CA ILE A 278 -29.37 10.09 19.82
C ILE A 278 -29.78 10.63 21.19
N GLN A 279 -28.92 11.43 21.82
CA GLN A 279 -29.26 11.94 23.14
C GLN A 279 -30.40 12.96 23.08
N HIS A 280 -30.47 13.76 22.01
CA HIS A 280 -31.64 14.61 21.85
C HIS A 280 -32.90 13.77 21.70
N ASN A 281 -32.83 12.67 20.94
CA ASN A 281 -34.00 11.83 20.76
C ASN A 281 -34.33 11.04 22.02
N ILE A 282 -33.33 10.66 22.81
CA ILE A 282 -33.61 10.07 24.11
C ILE A 282 -34.34 11.05 25.00
N GLN A 283 -33.91 12.31 25.02
CA GLN A 283 -34.62 13.26 25.85
C GLN A 283 -36.02 13.51 25.30
N GLN A 284 -36.17 13.56 23.98
CA GLN A 284 -37.50 13.74 23.40
C GLN A 284 -38.41 12.58 23.78
N PHE A 285 -37.87 11.36 23.82
CA PHE A 285 -38.72 10.23 24.17
C PHE A 285 -39.07 10.22 25.65
N GLU A 286 -38.18 10.73 26.50
CA GLU A 286 -38.51 10.84 27.92
C GLU A 286 -39.60 11.87 28.16
N THR A 287 -39.55 13.00 27.45
CA THR A 287 -40.67 13.94 27.46
C THR A 287 -41.94 13.26 26.98
N PHE A 288 -41.83 12.44 25.93
CA PHE A 288 -42.99 11.71 25.43
C PHE A 288 -43.53 10.74 26.48
N ILE A 289 -42.62 10.11 27.23
CA ILE A 289 -43.03 9.21 28.31
C ILE A 289 -43.82 9.97 29.37
N LYS A 290 -43.36 11.15 29.75
CA LYS A 290 -44.09 11.94 30.74
C LYS A 290 -45.46 12.36 30.21
N GLN A 291 -45.53 12.75 28.94
CA GLN A 291 -46.80 13.17 28.35
C GLN A 291 -47.80 12.03 28.30
N GLN A 292 -47.34 10.79 28.20
CA GLN A 292 -48.23 9.65 28.12
C GLN A 292 -48.67 9.13 29.47
N ARG A 293 -48.10 9.62 30.56
CA ARG A 293 -48.58 9.40 31.92
C ARG A 293 -48.76 7.91 32.24
N GLY A 294 -47.67 7.17 32.06
CA GLY A 294 -47.65 5.77 32.42
C GLY A 294 -48.15 4.81 31.36
N LEU A 295 -48.73 5.32 30.27
CA LEU A 295 -49.17 4.43 29.20
C LEU A 295 -47.97 3.86 28.44
N ILE A 296 -46.89 4.63 28.33
CA ILE A 296 -45.66 4.21 27.65
C ILE A 296 -44.55 4.17 28.69
N ASP A 297 -43.75 3.11 28.67
CA ASP A 297 -42.55 3.04 29.50
C ASP A 297 -41.44 2.44 28.66
N TRP A 298 -40.24 2.39 29.23
CA TRP A 298 -39.14 1.71 28.58
C TRP A 298 -38.09 1.37 29.64
N VAL A 299 -37.23 0.42 29.30
CA VAL A 299 -35.94 0.31 29.95
C VAL A 299 -35.02 1.28 29.22
N LYS A 300 -34.58 2.33 29.90
CA LYS A 300 -33.81 3.36 29.23
C LYS A 300 -32.56 2.75 28.59
N PRO A 301 -32.33 2.97 27.30
CA PRO A 301 -31.15 2.41 26.65
C PRO A 301 -29.86 3.04 27.15
N GLU A 302 -28.78 2.26 27.13
CA GLU A 302 -27.47 2.73 27.54
C GLU A 302 -26.52 2.98 26.38
N ALA A 303 -26.71 2.31 25.25
CA ALA A 303 -25.83 2.49 24.10
C ALA A 303 -26.53 1.97 22.87
N GLY A 304 -26.06 2.41 21.72
CA GLY A 304 -26.58 1.97 20.45
C GLY A 304 -27.51 2.97 19.81
N THR A 305 -28.29 2.46 18.86
CA THR A 305 -29.09 3.26 17.94
C THR A 305 -30.59 3.07 18.09
N ILE A 306 -31.02 2.24 19.04
CA ILE A 306 -32.41 1.82 19.13
C ILE A 306 -32.87 1.82 20.58
N ALA A 307 -34.20 1.85 20.74
CA ALA A 307 -34.85 1.68 22.03
C ALA A 307 -36.03 0.74 21.83
N PHE A 308 -36.45 0.09 22.92
CA PHE A 308 -37.54 -0.88 22.89
C PHE A 308 -38.64 -0.54 23.89
N PRO A 309 -39.30 0.61 23.74
CA PRO A 309 -40.39 0.96 24.65
C PRO A 309 -41.56 0.01 24.50
N PHE A 310 -42.49 0.11 25.46
CA PHE A 310 -43.63 -0.78 25.49
C PHE A 310 -44.84 -0.04 26.04
N PHE A 311 -46.02 -0.52 25.64
CA PHE A 311 -47.25 -0.08 26.30
C PHE A 311 -47.36 -0.83 27.62
N THR A 312 -47.69 -0.10 28.69
CA THR A 312 -47.84 -0.72 30.00
C THR A 312 -49.20 -1.36 30.18
N ASP A 313 -49.97 -1.46 29.11
CA ASP A 313 -51.30 -2.07 29.15
C ASP A 313 -51.24 -3.40 28.43
N PRO A 314 -51.46 -4.52 29.14
CA PRO A 314 -51.32 -5.84 28.49
C PRO A 314 -52.36 -6.10 27.40
N ASN A 315 -53.24 -5.15 27.08
CA ASN A 315 -54.29 -5.41 26.13
C ASN A 315 -54.02 -4.79 24.77
N ILE A 316 -53.29 -3.67 24.74
CA ILE A 316 -52.94 -3.04 23.48
C ILE A 316 -51.86 -3.85 22.79
N ASN A 317 -52.01 -4.01 21.48
CA ASN A 317 -51.08 -4.78 20.65
C ASN A 317 -50.36 -3.78 19.75
N SER A 318 -49.02 -3.72 19.86
CA SER A 318 -48.26 -2.72 19.12
C SER A 318 -48.43 -2.86 17.62
N LYS A 319 -48.80 -4.06 17.17
CA LYS A 319 -49.01 -4.30 15.75
C LYS A 319 -50.14 -3.44 15.19
N ILE A 320 -51.20 -3.25 15.98
CA ILE A 320 -52.34 -2.47 15.50
C ILE A 320 -52.06 -0.98 15.61
N VAL A 321 -51.34 -0.56 16.66
CA VAL A 321 -50.93 0.84 16.74
C VAL A 321 -49.97 1.17 15.60
N ALA A 322 -49.00 0.30 15.35
CA ALA A 322 -48.01 0.57 14.31
C ALA A 322 -48.65 0.59 12.92
N LYS A 323 -49.61 -0.30 12.68
CA LYS A 323 -50.28 -0.34 11.38
C LYS A 323 -51.00 0.98 11.10
N ARG A 324 -51.75 1.47 12.08
CA ARG A 324 -52.47 2.73 11.90
C ARG A 324 -51.51 3.90 11.77
N LEU A 325 -50.35 3.82 12.44
CA LEU A 325 -49.39 4.90 12.37
C LEU A 325 -48.74 4.99 10.99
N VAL A 326 -48.42 3.85 10.38
CA VAL A 326 -47.72 3.89 9.11
C VAL A 326 -48.69 4.17 7.95
N GLU A 327 -49.94 3.71 8.03
CA GLU A 327 -50.87 3.96 6.92
C GLU A 327 -51.41 5.37 6.93
N ASP A 328 -51.74 5.90 8.10
CA ASP A 328 -52.37 7.22 8.21
C ASP A 328 -51.37 8.37 8.23
N HIS A 329 -50.13 8.12 8.62
CA HIS A 329 -49.15 9.19 8.76
C HIS A 329 -47.81 8.87 8.13
N GLY A 330 -47.63 7.68 7.57
CA GLY A 330 -46.35 7.35 6.97
C GLY A 330 -45.22 7.17 7.96
N VAL A 331 -45.53 6.99 9.25
CA VAL A 331 -44.52 6.80 10.28
C VAL A 331 -44.37 5.32 10.56
N LEU A 332 -43.16 4.80 10.41
CA LEU A 332 -42.90 3.38 10.60
C LEU A 332 -42.17 3.14 11.92
N LEU A 333 -42.81 2.39 12.81
CA LEU A 333 -42.18 1.81 13.98
C LEU A 333 -42.19 0.29 13.79
N LEU A 334 -41.17 -0.38 14.33
CA LEU A 334 -41.11 -1.83 14.23
C LEU A 334 -41.91 -2.43 15.37
N PRO A 335 -43.02 -3.12 15.09
CA PRO A 335 -43.83 -3.70 16.17
C PRO A 335 -43.10 -4.83 16.87
N GLY A 336 -43.36 -4.95 18.18
CA GLY A 336 -42.65 -5.89 19.03
C GLY A 336 -42.87 -7.34 18.69
N GLU A 337 -43.89 -7.65 17.89
CA GLU A 337 -44.11 -9.04 17.46
C GLU A 337 -42.91 -9.60 16.72
N ALA A 338 -42.16 -8.74 16.02
CA ALA A 338 -40.93 -9.16 15.34
C ALA A 338 -39.90 -9.73 16.31
N PHE A 339 -40.03 -9.44 17.61
CA PHE A 339 -39.19 -10.02 18.64
C PHE A 339 -39.98 -10.87 19.63
N ASP A 340 -41.23 -11.21 19.30
CA ASP A 340 -42.12 -11.94 20.20
C ASP A 340 -42.28 -11.20 21.54
N ARG A 341 -42.43 -9.88 21.46
CA ARG A 341 -42.76 -9.03 22.60
C ARG A 341 -43.89 -8.10 22.16
N PRO A 342 -45.13 -8.59 22.14
CA PRO A 342 -46.22 -7.84 21.49
C PRO A 342 -46.46 -6.45 22.06
N SER A 343 -46.19 -6.23 23.36
CA SER A 343 -46.43 -4.93 23.94
C SER A 343 -45.36 -3.91 23.58
N HIS A 344 -44.22 -4.35 23.06
CA HIS A 344 -43.12 -3.45 22.76
C HIS A 344 -43.17 -2.96 21.32
N PHE A 345 -42.36 -1.97 21.03
CA PHE A 345 -42.04 -1.56 19.68
C PHE A 345 -40.65 -0.97 19.70
N ARG A 346 -39.92 -1.18 18.61
CA ARG A 346 -38.57 -0.63 18.48
C ARG A 346 -38.64 0.68 17.71
N ILE A 347 -37.84 1.64 18.13
CA ILE A 347 -37.81 2.95 17.50
C ILE A 347 -36.35 3.35 17.30
N ALA A 348 -36.06 3.87 16.12
CA ALA A 348 -34.70 4.29 15.80
C ALA A 348 -34.40 5.61 16.49
N LEU A 349 -33.23 5.69 17.14
CA LEU A 349 -32.79 6.91 17.82
C LEU A 349 -31.83 7.74 16.97
N GLY A 350 -31.25 7.15 15.93
CA GLY A 350 -30.28 7.83 15.10
C GLY A 350 -30.87 8.48 13.88
N VAL A 351 -32.04 9.08 14.03
CA VAL A 351 -32.66 9.83 12.95
C VAL A 351 -32.62 11.30 13.34
N GLU A 352 -32.87 12.15 12.36
CA GLU A 352 -32.93 13.57 12.64
C GLU A 352 -33.98 13.81 13.72
N PRO A 353 -33.67 14.56 14.77
CA PRO A 353 -34.66 14.76 15.84
C PRO A 353 -35.97 15.38 15.40
N SER A 354 -36.01 16.11 14.29
CA SER A 354 -37.28 16.62 13.78
C SER A 354 -38.18 15.48 13.33
N LEU A 355 -37.63 14.52 12.58
CA LEU A 355 -38.44 13.38 12.17
C LEU A 355 -38.83 12.52 13.37
N PHE A 356 -37.91 12.37 14.33
CA PHE A 356 -38.22 11.65 15.55
C PHE A 356 -39.38 12.28 16.29
N GLN A 357 -39.32 13.60 16.51
CA GLN A 357 -40.39 14.29 17.20
C GLN A 357 -41.68 14.25 16.39
N TYR A 358 -41.58 14.41 15.08
CA TYR A 358 -42.75 14.29 14.22
C TYR A 358 -43.38 12.90 14.39
N ALA A 359 -42.55 11.86 14.49
CA ALA A 359 -43.08 10.51 14.66
C ALA A 359 -43.81 10.36 15.99
N LEU A 360 -43.23 10.92 17.07
CA LEU A 360 -43.86 10.84 18.38
C LEU A 360 -45.20 11.58 18.39
N GLU A 361 -45.25 12.73 17.74
CA GLU A 361 -46.49 13.51 17.72
C GLU A 361 -47.57 12.79 16.93
N LYS A 362 -47.20 12.05 15.88
CA LYS A 362 -48.20 11.23 15.20
C LYS A 362 -48.55 9.99 16.03
N LEU A 363 -47.57 9.45 16.76
CA LEU A 363 -47.84 8.33 17.65
C LEU A 363 -48.79 8.73 18.77
N ALA A 364 -48.65 9.95 19.28
CA ALA A 364 -49.58 10.42 20.30
C ALA A 364 -50.99 10.52 19.75
N ILE A 365 -51.13 10.87 18.47
CA ILE A 365 -52.46 10.97 17.85
C ILE A 365 -53.10 9.59 17.74
N VAL A 366 -52.33 8.59 17.35
CA VAL A 366 -52.87 7.23 17.25
C VAL A 366 -53.26 6.71 18.63
N ILE A 367 -52.50 7.06 19.66
CA ILE A 367 -52.83 6.63 21.02
C ILE A 367 -54.10 7.32 21.51
N GLU A 368 -54.16 8.64 21.35
CA GLU A 368 -55.34 9.41 21.78
C GLU A 368 -56.62 8.85 21.18
N THR A 369 -56.60 8.52 19.90
CA THR A 369 -57.76 7.93 19.25
C THR A 369 -57.66 6.41 19.27
N ARG B 17 1.02 -13.39 -4.60
CA ARG B 17 1.75 -12.14 -4.43
C ARG B 17 2.90 -12.03 -5.43
N VAL B 18 3.11 -13.10 -6.18
CA VAL B 18 4.19 -13.13 -7.18
C VAL B 18 3.78 -12.27 -8.38
N PRO B 19 4.66 -11.42 -8.90
CA PRO B 19 4.23 -10.43 -9.91
C PRO B 19 3.73 -11.03 -11.21
N TYR B 20 4.11 -12.24 -11.59
CA TYR B 20 3.71 -12.78 -12.88
C TYR B 20 2.77 -13.97 -12.67
N ASN B 21 1.55 -13.64 -12.23
CA ASN B 21 0.56 -14.63 -11.84
C ASN B 21 -0.30 -14.95 -13.06
N LEU B 22 -0.13 -16.17 -13.59
CA LEU B 22 -0.94 -16.69 -14.68
C LEU B 22 -1.88 -17.78 -14.20
N GLY B 23 -2.04 -17.92 -12.89
CA GLY B 23 -2.80 -18.99 -12.29
C GLY B 23 -4.23 -18.66 -11.94
N GLU B 24 -4.68 -17.45 -12.25
CA GLU B 24 -6.04 -17.01 -11.97
C GLU B 24 -6.92 -17.20 -13.21
N SER B 25 -8.23 -17.13 -12.99
CA SER B 25 -9.21 -17.27 -14.05
C SER B 25 -9.86 -15.94 -14.42
N SER B 26 -9.44 -14.84 -13.81
CA SER B 26 -9.89 -13.52 -14.19
C SER B 26 -8.91 -12.92 -15.19
N VAL B 27 -9.38 -11.90 -15.91
CA VAL B 27 -8.52 -11.17 -16.83
C VAL B 27 -7.78 -10.11 -16.02
N ASP B 28 -6.80 -9.46 -16.62
CA ASP B 28 -6.04 -8.43 -15.94
C ASP B 28 -6.98 -7.34 -15.42
N ASN B 29 -6.93 -7.10 -14.12
CA ASN B 29 -7.93 -6.26 -13.47
C ASN B 29 -7.58 -4.79 -13.57
N PHE B 30 -8.62 -3.97 -13.70
CA PHE B 30 -8.46 -2.52 -13.68
C PHE B 30 -8.17 -2.01 -12.27
N THR B 31 -7.64 -0.80 -12.20
CA THR B 31 -7.87 -0.01 -11.01
C THR B 31 -9.26 0.60 -11.12
N LEU B 32 -9.79 1.06 -9.97
CA LEU B 32 -11.11 1.68 -10.00
C LEU B 32 -11.14 2.87 -10.96
N GLY B 33 -10.09 3.69 -10.93
CA GLY B 33 -10.03 4.84 -11.82
C GLY B 33 -9.99 4.46 -13.29
N GLU B 34 -9.21 3.43 -13.65
CA GLU B 34 -9.18 2.98 -15.03
C GLU B 34 -10.56 2.55 -15.51
N LEU B 35 -11.30 1.84 -14.66
CA LEU B 35 -12.63 1.36 -15.04
C LEU B 35 -13.62 2.52 -15.16
N LEU B 36 -13.59 3.44 -14.20
CA LEU B 36 -14.51 4.57 -14.24
C LEU B 36 -14.24 5.47 -15.44
N ASN B 37 -12.98 5.54 -15.89
CA ASN B 37 -12.70 6.29 -17.11
C ASN B 37 -13.40 5.68 -18.32
N LEU B 38 -13.70 4.38 -18.28
CA LEU B 38 -14.40 3.72 -19.37
C LEU B 38 -15.91 3.72 -19.19
N THR B 39 -16.41 3.64 -17.95
CA THR B 39 -17.84 3.55 -17.77
C THR B 39 -18.52 4.90 -17.62
N GLY B 40 -17.77 5.96 -17.30
CA GLY B 40 -18.34 7.28 -17.10
C GLY B 40 -19.09 7.47 -15.81
N ASP B 41 -19.04 6.49 -14.90
CA ASP B 41 -19.86 6.49 -13.70
C ASP B 41 -19.23 7.24 -12.53
N ARG B 42 -18.09 7.90 -12.73
CA ARG B 42 -17.36 8.47 -11.60
C ARG B 42 -18.19 9.54 -10.88
N ASP B 43 -18.76 10.48 -11.61
CA ASP B 43 -19.45 11.60 -10.98
C ASP B 43 -20.71 11.16 -10.25
N ALA B 44 -21.35 10.08 -10.73
CA ALA B 44 -22.61 9.65 -10.12
C ALA B 44 -22.39 8.96 -8.77
N LEU B 45 -21.20 8.42 -8.52
CA LEU B 45 -20.96 7.67 -7.29
C LEU B 45 -21.17 8.53 -6.05
N ASP B 46 -20.79 9.81 -6.13
CA ASP B 46 -20.85 10.67 -4.95
C ASP B 46 -22.27 10.90 -4.45
N GLN B 47 -23.26 10.79 -5.34
CA GLN B 47 -24.64 11.02 -4.90
C GLN B 47 -25.31 9.77 -4.37
N LEU B 48 -24.68 8.61 -4.48
CA LEU B 48 -25.28 7.38 -4.00
C LEU B 48 -25.44 7.40 -2.48
N SER B 49 -26.61 7.00 -2.01
CA SER B 49 -26.86 6.86 -0.59
C SER B 49 -26.24 5.56 -0.10
N LEU B 50 -25.64 5.60 1.10
CA LEU B 50 -25.05 4.40 1.68
C LEU B 50 -26.05 3.61 2.54
N MET B 51 -27.34 3.90 2.39
CA MET B 51 -28.35 3.02 2.95
C MET B 51 -28.31 1.68 2.22
N ASN B 52 -29.07 0.72 2.75
CA ASN B 52 -29.09 -0.60 2.16
C ASN B 52 -29.58 -0.56 0.73
N ASN B 53 -28.87 -1.26 -0.14
CA ASN B 53 -29.25 -1.40 -1.53
C ASN B 53 -30.57 -2.17 -1.64
N ASP B 54 -31.20 -2.07 -2.81
CA ASP B 54 -32.28 -2.99 -3.16
C ASP B 54 -31.81 -4.42 -2.92
N THR B 55 -32.61 -5.18 -2.16
CA THR B 55 -32.20 -6.53 -1.76
C THR B 55 -32.20 -7.52 -2.91
N HIS B 56 -32.79 -7.19 -4.06
CA HIS B 56 -32.62 -7.96 -5.28
C HIS B 56 -31.48 -7.45 -6.14
N GLY B 57 -30.79 -6.41 -5.68
CA GLY B 57 -29.94 -5.63 -6.58
C GLY B 57 -30.71 -4.48 -7.17
N SER B 58 -29.98 -3.43 -7.53
CA SER B 58 -30.63 -2.24 -8.05
C SER B 58 -31.33 -2.53 -9.37
N LEU B 59 -32.37 -1.75 -9.67
CA LEU B 59 -33.05 -1.90 -10.94
C LEU B 59 -32.11 -1.60 -12.11
N ARG B 60 -31.21 -0.63 -11.93
CA ARG B 60 -30.24 -0.31 -12.97
C ARG B 60 -29.38 -1.51 -13.31
N LEU B 61 -28.90 -2.23 -12.29
CA LEU B 61 -28.08 -3.42 -12.55
C LEU B 61 -28.92 -4.55 -13.16
N ARG B 62 -30.10 -4.81 -12.61
CA ARG B 62 -30.90 -5.91 -13.12
C ARG B 62 -31.42 -5.63 -14.52
N GLU B 63 -31.70 -4.37 -14.85
CA GLU B 63 -32.09 -4.05 -16.21
C GLU B 63 -30.92 -4.23 -17.16
N ALA B 64 -29.70 -3.89 -16.72
CA ALA B 64 -28.51 -4.12 -17.54
C ALA B 64 -28.26 -5.61 -17.73
N ILE B 65 -28.43 -6.41 -16.68
CA ILE B 65 -28.28 -7.85 -16.82
C ILE B 65 -29.34 -8.41 -17.76
N ALA B 66 -30.59 -7.98 -17.55
CA ALA B 66 -31.71 -8.52 -18.33
C ALA B 66 -31.60 -8.15 -19.80
N SER B 67 -31.03 -6.98 -20.10
CA SER B 67 -30.91 -6.54 -21.49
C SER B 67 -29.99 -7.44 -22.31
N LEU B 68 -29.23 -8.33 -21.66
CA LEU B 68 -28.32 -9.22 -22.38
C LEU B 68 -29.04 -10.33 -23.12
N ASP B 69 -30.27 -10.69 -22.72
CA ASP B 69 -31.00 -11.78 -23.36
C ASP B 69 -32.49 -11.49 -23.31
N LYS B 70 -33.17 -11.84 -24.41
CA LYS B 70 -34.60 -11.64 -24.48
C LYS B 70 -35.36 -12.50 -23.47
N SER B 71 -34.80 -13.66 -23.11
CA SER B 71 -35.46 -14.57 -22.17
C SER B 71 -35.40 -14.08 -20.73
N VAL B 72 -34.66 -13.02 -20.43
CA VAL B 72 -34.43 -12.57 -19.07
C VAL B 72 -35.14 -11.24 -18.85
N SER B 73 -35.95 -11.19 -17.81
CA SER B 73 -36.55 -9.96 -17.33
C SER B 73 -35.86 -9.50 -16.05
N PRO B 74 -35.90 -8.20 -15.74
CA PRO B 74 -35.23 -7.73 -14.51
C PRO B 74 -35.77 -8.37 -13.24
N ASP B 75 -36.98 -8.91 -13.27
CA ASP B 75 -37.56 -9.55 -12.09
C ASP B 75 -37.10 -10.99 -11.90
N ASP B 76 -36.43 -11.58 -12.88
CA ASP B 76 -35.93 -12.94 -12.74
C ASP B 76 -34.55 -13.00 -12.11
N ILE B 77 -33.99 -11.86 -11.69
CA ILE B 77 -32.58 -11.75 -11.36
C ILE B 77 -32.43 -11.42 -9.87
N LEU B 78 -31.55 -12.16 -9.19
CA LEU B 78 -31.14 -11.82 -7.84
C LEU B 78 -29.64 -11.57 -7.85
N VAL B 79 -29.25 -10.34 -7.52
CA VAL B 79 -27.84 -9.97 -7.48
C VAL B 79 -27.24 -10.45 -6.16
N THR B 80 -26.05 -11.03 -6.22
CA THR B 80 -25.36 -11.54 -5.05
C THR B 80 -23.92 -11.05 -5.05
N ALA B 81 -23.25 -11.28 -3.93
CA ALA B 81 -21.84 -10.90 -3.75
C ALA B 81 -20.98 -11.98 -4.38
N GLY B 82 -20.86 -11.92 -5.70
CA GLY B 82 -20.22 -12.97 -6.48
C GLY B 82 -21.15 -14.15 -6.68
N THR B 83 -20.80 -15.00 -7.66
CA THR B 83 -21.57 -16.21 -7.87
C THR B 83 -21.31 -17.23 -6.77
N THR B 84 -20.23 -17.07 -6.01
CA THR B 84 -19.99 -17.95 -4.87
C THR B 84 -21.15 -17.88 -3.88
N GLU B 85 -21.64 -16.68 -3.59
CA GLU B 85 -22.80 -16.56 -2.71
C GLU B 85 -24.04 -17.14 -3.36
N ALA B 86 -24.25 -16.85 -4.65
CA ALA B 86 -25.40 -17.42 -5.36
C ALA B 86 -25.37 -18.94 -5.32
N ILE B 87 -24.19 -19.52 -5.51
CA ILE B 87 -24.05 -20.99 -5.47
C ILE B 87 -24.44 -21.52 -4.10
N LEU B 88 -23.95 -20.88 -3.03
CA LEU B 88 -24.28 -21.31 -1.68
C LEU B 88 -25.77 -21.20 -1.43
N ILE B 89 -26.37 -20.07 -1.81
CA ILE B 89 -27.79 -19.85 -1.56
C ILE B 89 -28.62 -20.87 -2.33
N TYR B 90 -28.28 -21.07 -3.61
CA TYR B 90 -29.09 -21.95 -4.46
C TYR B 90 -29.06 -23.39 -3.96
N PHE B 91 -27.87 -23.91 -3.67
CA PHE B 91 -27.80 -25.29 -3.20
C PHE B 91 -28.45 -25.45 -1.82
N LYS B 92 -28.38 -24.42 -0.98
CA LYS B 92 -29.06 -24.49 0.32
C LYS B 92 -30.57 -24.61 0.15
N VAL B 93 -31.18 -23.73 -0.66
CA VAL B 93 -32.63 -23.74 -0.78
C VAL B 93 -33.11 -25.06 -1.38
N ARG B 94 -32.35 -25.61 -2.33
CA ARG B 94 -32.77 -26.83 -3.03
C ARG B 94 -32.33 -28.10 -2.31
N TYR B 95 -31.69 -27.99 -1.15
CA TYR B 95 -31.22 -29.18 -0.45
C TYR B 95 -32.36 -29.91 0.25
N ARG B 96 -32.30 -31.23 0.19
CA ARG B 96 -33.13 -32.09 1.03
C ARG B 96 -32.38 -33.39 1.27
N SER B 97 -32.72 -34.05 2.37
CA SER B 97 -32.02 -35.26 2.75
C SER B 97 -32.07 -36.30 1.64
N GLY B 98 -30.92 -36.92 1.37
CA GLY B 98 -30.81 -37.95 0.35
C GLY B 98 -30.67 -37.42 -1.07
N ALA B 99 -30.62 -36.11 -1.26
CA ALA B 99 -30.46 -35.55 -2.59
C ALA B 99 -29.01 -35.67 -3.05
N ASN B 100 -28.83 -35.76 -4.36
CA ASN B 100 -27.50 -35.78 -4.94
C ASN B 100 -27.39 -34.70 -6.00
N VAL B 101 -26.15 -34.33 -6.32
CA VAL B 101 -25.84 -33.37 -7.37
C VAL B 101 -24.84 -34.02 -8.33
N VAL B 102 -24.99 -33.73 -9.62
CA VAL B 102 -24.05 -34.20 -10.64
C VAL B 102 -23.21 -33.01 -11.08
N VAL B 103 -21.90 -33.13 -10.93
CA VAL B 103 -20.95 -32.07 -11.24
C VAL B 103 -19.93 -32.61 -12.22
N PRO B 104 -19.86 -32.07 -13.44
CA PRO B 104 -18.74 -32.42 -14.32
C PRO B 104 -17.45 -31.80 -13.82
N VAL B 105 -16.42 -32.63 -13.71
CA VAL B 105 -15.11 -32.16 -13.24
C VAL B 105 -14.06 -32.51 -14.30
N PRO B 106 -12.97 -31.73 -14.42
CA PRO B 106 -12.59 -30.57 -13.61
C PRO B 106 -13.49 -29.35 -13.80
N THR B 107 -13.73 -28.63 -12.71
CA THR B 107 -14.51 -27.40 -12.74
C THR B 107 -14.15 -26.57 -11.52
N PHE B 108 -14.74 -25.38 -11.43
CA PHE B 108 -14.50 -24.53 -10.27
C PHE B 108 -14.89 -25.27 -9.00
N HIS B 109 -13.95 -25.34 -8.05
CA HIS B 109 -14.10 -26.25 -6.92
C HIS B 109 -15.35 -25.97 -6.10
N VAL B 110 -15.77 -24.70 -6.03
CA VAL B 110 -16.95 -24.33 -5.24
C VAL B 110 -18.18 -25.08 -5.73
N LEU B 111 -18.25 -25.38 -7.04
CA LEU B 111 -19.44 -25.98 -7.61
C LEU B 111 -19.70 -27.38 -7.08
N TYR B 112 -18.67 -28.11 -6.65
CA TYR B 112 -18.90 -29.39 -6.01
C TYR B 112 -18.60 -29.40 -4.51
N GLU B 113 -17.76 -28.49 -4.02
CA GLU B 113 -17.45 -28.51 -2.59
C GLU B 113 -18.56 -27.89 -1.76
N THR B 114 -19.16 -26.80 -2.24
CA THR B 114 -20.30 -26.22 -1.53
C THR B 114 -21.45 -27.22 -1.38
N PRO B 115 -21.87 -27.95 -2.42
CA PRO B 115 -22.88 -29.00 -2.20
C PRO B 115 -22.46 -30.04 -1.18
N ALA B 116 -21.17 -30.39 -1.15
CA ALA B 116 -20.69 -31.35 -0.16
C ALA B 116 -20.85 -30.81 1.25
N PHE B 117 -20.50 -29.54 1.47
CA PHE B 117 -20.66 -28.92 2.78
C PHE B 117 -22.12 -28.92 3.23
N LEU B 118 -23.05 -28.78 2.30
CA LEU B 118 -24.47 -28.73 2.61
C LEU B 118 -25.12 -30.09 2.78
N GLY B 119 -24.36 -31.18 2.62
CA GLY B 119 -24.90 -32.51 2.82
C GLY B 119 -25.30 -33.26 1.56
N TYR B 120 -25.15 -32.66 0.39
CA TYR B 120 -25.47 -33.36 -0.85
C TYR B 120 -24.52 -34.53 -1.06
N GLU B 121 -25.04 -35.60 -1.68
CA GLU B 121 -24.17 -36.59 -2.30
C GLU B 121 -23.69 -36.04 -3.63
N VAL B 122 -22.38 -35.93 -3.80
CA VAL B 122 -21.81 -35.35 -5.02
C VAL B 122 -21.34 -36.49 -5.91
N ARG B 123 -21.92 -36.58 -7.10
CA ARG B 123 -21.54 -37.57 -8.11
C ARG B 123 -20.74 -36.86 -9.20
N TYR B 124 -19.49 -37.25 -9.38
CA TYR B 124 -18.59 -36.57 -10.30
C TYR B 124 -18.70 -37.18 -11.69
N LEU B 125 -18.84 -36.32 -12.69
CA LEU B 125 -18.75 -36.70 -14.10
C LEU B 125 -17.38 -36.30 -14.61
N GLN B 126 -16.50 -37.27 -14.79
CA GLN B 126 -15.12 -36.96 -15.16
C GLN B 126 -15.09 -36.47 -16.59
N LEU B 127 -14.74 -35.19 -16.77
CA LEU B 127 -14.49 -34.63 -18.09
C LEU B 127 -13.06 -34.94 -18.47
N ARG B 128 -12.85 -35.20 -19.76
CA ARG B 128 -11.61 -35.82 -20.20
C ARG B 128 -11.04 -35.14 -21.43
N ALA B 129 -9.71 -35.00 -21.43
CA ALA B 129 -9.05 -34.36 -22.55
C ALA B 129 -9.11 -35.23 -23.80
N GLU B 130 -9.16 -36.56 -23.65
CA GLU B 130 -9.24 -37.41 -24.83
C GLU B 130 -10.58 -37.26 -25.53
N ASN B 131 -11.62 -36.85 -24.80
CA ASN B 131 -12.93 -36.54 -25.36
C ASN B 131 -13.16 -35.04 -25.49
N GLY B 132 -12.09 -34.25 -25.53
CA GLY B 132 -12.25 -32.80 -25.66
C GLY B 132 -12.92 -32.13 -24.49
N PHE B 133 -12.90 -32.74 -23.30
CA PHE B 133 -13.59 -32.21 -22.11
C PHE B 133 -15.07 -31.96 -22.35
N ARG B 134 -15.69 -32.77 -23.21
CA ARG B 134 -17.09 -32.60 -23.55
C ARG B 134 -17.96 -33.55 -22.75
N ILE B 135 -19.21 -33.15 -22.56
CA ILE B 135 -20.16 -33.95 -21.79
C ILE B 135 -20.66 -35.09 -22.65
N ASP B 136 -20.52 -36.32 -22.15
CA ASP B 136 -21.08 -37.47 -22.85
C ASP B 136 -22.50 -37.71 -22.35
N PRO B 137 -23.51 -37.60 -23.21
CA PRO B 137 -24.89 -37.75 -22.71
C PRO B 137 -25.18 -39.11 -22.10
N GLN B 138 -24.59 -40.17 -22.65
CA GLN B 138 -24.89 -41.50 -22.12
C GLN B 138 -24.20 -41.72 -20.78
N GLU B 139 -23.06 -41.06 -20.54
CA GLU B 139 -22.41 -41.14 -19.24
C GLU B 139 -23.04 -40.21 -18.21
N LEU B 140 -23.73 -39.17 -18.65
CA LEU B 140 -24.43 -38.31 -17.71
C LEU B 140 -25.72 -38.95 -17.23
N ALA B 141 -26.45 -39.61 -18.13
CA ALA B 141 -27.68 -40.28 -17.75
C ALA B 141 -27.44 -41.44 -16.79
N LYS B 142 -26.24 -42.01 -16.78
CA LYS B 142 -25.88 -43.06 -15.84
C LYS B 142 -25.57 -42.52 -14.46
N LEU B 143 -25.50 -41.20 -14.28
CA LEU B 143 -25.25 -40.59 -12.98
C LEU B 143 -26.46 -39.86 -12.42
N VAL B 144 -27.46 -39.57 -13.24
CA VAL B 144 -28.65 -38.83 -12.83
C VAL B 144 -29.76 -39.82 -12.56
N ASP B 145 -30.30 -39.79 -11.33
CA ASP B 145 -31.46 -40.59 -10.98
C ASP B 145 -32.57 -39.68 -10.45
N ASP B 146 -33.58 -40.30 -9.83
CA ASP B 146 -34.71 -39.55 -9.32
C ASP B 146 -34.37 -38.72 -8.09
N ASN B 147 -33.25 -38.99 -7.43
CA ASN B 147 -32.78 -38.20 -6.30
C ASN B 147 -31.89 -37.04 -6.70
N THR B 148 -31.52 -36.95 -7.97
CA THR B 148 -30.68 -35.85 -8.44
C THR B 148 -31.49 -34.56 -8.49
N GLU B 149 -31.09 -33.58 -7.68
CA GLU B 149 -31.79 -32.31 -7.68
C GLU B 149 -31.13 -31.26 -8.57
N VAL B 150 -29.81 -31.33 -8.77
CA VAL B 150 -29.08 -30.33 -9.54
C VAL B 150 -28.10 -31.03 -10.47
N ILE B 151 -28.05 -30.59 -11.72
CA ILE B 151 -26.98 -30.94 -12.65
C ILE B 151 -26.19 -29.67 -12.91
N VAL B 152 -24.93 -29.65 -12.51
CA VAL B 152 -24.10 -28.46 -12.72
C VAL B 152 -23.64 -28.42 -14.15
N LEU B 153 -23.79 -27.25 -14.79
CA LEU B 153 -23.38 -27.05 -16.17
C LEU B 153 -22.57 -25.76 -16.25
N ASN B 154 -21.25 -25.89 -16.24
CA ASN B 154 -20.35 -24.74 -16.29
C ASN B 154 -19.96 -24.54 -17.76
N THR B 155 -20.54 -23.52 -18.40
CA THR B 155 -20.22 -23.26 -19.80
C THR B 155 -20.16 -21.76 -20.05
N PRO B 156 -19.05 -21.23 -20.56
CA PRO B 156 -17.76 -21.89 -20.86
C PRO B 156 -17.12 -22.54 -19.63
N GLN B 157 -16.37 -23.62 -19.84
CA GLN B 157 -15.80 -24.38 -18.73
C GLN B 157 -14.56 -23.72 -18.16
N ASN B 158 -14.48 -23.70 -16.84
CA ASN B 158 -13.22 -23.46 -16.13
C ASN B 158 -12.75 -24.81 -15.61
N PRO B 159 -11.54 -25.29 -15.96
CA PRO B 159 -10.41 -24.64 -16.61
C PRO B 159 -10.25 -24.84 -18.13
N SER B 160 -11.10 -25.65 -18.76
CA SER B 160 -10.82 -26.06 -20.13
C SER B 160 -11.11 -24.96 -21.16
N GLY B 161 -12.12 -24.13 -20.91
CA GLY B 161 -12.54 -23.19 -21.93
C GLY B 161 -13.45 -23.78 -22.99
N VAL B 162 -13.92 -25.01 -22.79
CA VAL B 162 -14.80 -25.68 -23.75
C VAL B 162 -16.20 -25.13 -23.61
N VAL B 163 -16.86 -24.88 -24.76
CA VAL B 163 -18.26 -24.48 -24.81
C VAL B 163 -19.10 -25.70 -25.16
N CYS B 164 -20.12 -25.98 -24.36
CA CYS B 164 -21.00 -27.09 -24.65
C CYS B 164 -21.82 -26.81 -25.91
N SER B 165 -21.86 -27.78 -26.82
CA SER B 165 -22.55 -27.62 -28.09
C SER B 165 -24.07 -27.61 -27.90
N GLU B 166 -24.77 -27.24 -28.97
CA GLU B 166 -26.23 -27.20 -28.96
C GLU B 166 -26.82 -28.60 -28.74
N THR B 167 -26.15 -29.64 -29.24
CA THR B 167 -26.67 -31.00 -29.03
C THR B 167 -26.37 -31.50 -27.63
N GLU B 168 -25.22 -31.13 -27.07
CA GLU B 168 -24.92 -31.48 -25.69
C GLU B 168 -25.91 -30.83 -24.73
N ILE B 169 -26.28 -29.57 -25.00
CA ILE B 169 -27.22 -28.85 -24.14
C ILE B 169 -28.57 -29.56 -24.13
N GLN B 170 -29.08 -29.90 -25.31
CA GLN B 170 -30.40 -30.55 -25.40
C GLN B 170 -30.38 -31.93 -24.76
N SER B 171 -29.26 -32.65 -24.87
CA SER B 171 -29.18 -33.96 -24.23
C SER B 171 -29.15 -33.84 -22.71
N ILE B 172 -28.46 -32.82 -22.19
CA ILE B 172 -28.47 -32.60 -20.75
C ILE B 172 -29.86 -32.19 -20.28
N ILE B 173 -30.52 -31.30 -21.02
CA ILE B 173 -31.88 -30.91 -20.71
C ILE B 173 -32.81 -32.11 -20.72
N GLU B 174 -32.57 -33.08 -21.60
CA GLU B 174 -33.48 -34.22 -21.67
C GLU B 174 -33.29 -35.14 -20.48
N ILE B 175 -32.05 -35.33 -20.03
CA ILE B 175 -31.80 -36.12 -18.82
C ILE B 175 -32.36 -35.40 -17.60
N ALA B 176 -32.26 -34.06 -17.58
CA ALA B 176 -32.77 -33.30 -16.44
C ALA B 176 -34.29 -33.28 -16.42
N GLU B 177 -34.93 -33.08 -17.57
CA GLU B 177 -36.39 -33.04 -17.61
C GLU B 177 -37.03 -34.40 -17.34
N LYS B 178 -36.32 -35.50 -17.61
CA LYS B 178 -36.88 -36.81 -17.36
C LYS B 178 -36.75 -37.23 -15.90
N HIS B 179 -35.80 -36.66 -15.17
CA HIS B 179 -35.65 -36.96 -13.75
C HIS B 179 -36.02 -35.78 -12.86
N ASN B 180 -36.51 -34.70 -13.44
CA ASN B 180 -36.91 -33.49 -12.71
C ASN B 180 -35.75 -32.94 -11.88
N ALA B 181 -34.55 -32.95 -12.46
CA ALA B 181 -33.37 -32.36 -11.85
C ALA B 181 -33.15 -30.98 -12.46
N GLU B 182 -32.76 -30.03 -11.63
CA GLU B 182 -32.50 -28.70 -12.14
C GLU B 182 -31.11 -28.62 -12.75
N ILE B 183 -30.94 -27.66 -13.65
CA ILE B 183 -29.68 -27.39 -14.31
C ILE B 183 -29.16 -26.05 -13.80
N LEU B 184 -28.03 -26.09 -13.08
CA LEU B 184 -27.35 -24.88 -12.62
C LEU B 184 -26.32 -24.50 -13.68
N ALA B 185 -26.65 -23.50 -14.50
CA ALA B 185 -25.79 -23.10 -15.62
C ALA B 185 -24.89 -21.95 -15.16
N ASP B 186 -23.64 -22.27 -14.84
CA ASP B 186 -22.65 -21.27 -14.47
C ASP B 186 -22.07 -20.69 -15.75
N GLU B 187 -22.62 -19.56 -16.19
CA GLU B 187 -22.24 -18.91 -17.45
C GLU B 187 -21.27 -17.75 -17.22
N HIS B 188 -20.35 -17.92 -16.27
CA HIS B 188 -19.43 -16.86 -15.86
C HIS B 188 -18.69 -16.24 -17.05
N TYR B 189 -18.29 -17.06 -18.02
CA TYR B 189 -17.38 -16.63 -19.08
C TYR B 189 -18.07 -16.38 -20.41
N ARG B 190 -19.40 -16.21 -20.39
CA ARG B 190 -20.15 -15.95 -21.62
C ARG B 190 -19.74 -14.65 -22.28
N PHE B 191 -19.05 -13.77 -21.57
CA PHE B 191 -18.72 -12.47 -22.14
C PHE B 191 -17.51 -12.49 -23.06
N LEU B 192 -16.75 -13.59 -23.09
CA LEU B 192 -15.52 -13.67 -23.88
C LEU B 192 -15.54 -14.91 -24.78
N PRO B 193 -16.38 -14.91 -25.81
CA PRO B 193 -16.18 -15.89 -26.90
C PRO B 193 -14.90 -15.59 -27.64
N HIS B 194 -14.33 -16.62 -28.28
CA HIS B 194 -13.08 -16.46 -29.02
C HIS B 194 -13.28 -16.31 -30.53
N THR B 198 -20.15 -13.33 -32.86
CA THR B 198 -21.05 -12.87 -31.80
C THR B 198 -20.27 -12.03 -30.77
N GLU B 199 -20.98 -11.14 -30.08
CA GLU B 199 -20.32 -10.31 -29.07
C GLU B 199 -20.17 -11.07 -27.75
N ILE B 200 -21.25 -11.68 -27.27
CA ILE B 200 -21.21 -12.52 -26.08
C ILE B 200 -22.00 -13.79 -26.37
N LEU B 201 -21.70 -14.84 -25.62
CA LEU B 201 -22.42 -16.09 -25.78
C LEU B 201 -23.84 -15.96 -25.25
N PRO B 202 -24.82 -16.58 -25.90
CA PRO B 202 -26.21 -16.45 -25.43
C PRO B 202 -26.41 -17.18 -24.11
N SER B 203 -27.27 -16.63 -23.27
CA SER B 203 -27.60 -17.27 -22.00
C SER B 203 -28.45 -18.51 -22.26
N LEU B 204 -28.24 -19.53 -21.42
CA LEU B 204 -29.03 -20.76 -21.49
C LEU B 204 -30.36 -20.67 -20.78
N TYR B 205 -30.66 -19.54 -20.13
CA TYR B 205 -31.81 -19.46 -19.24
C TYR B 205 -33.13 -19.78 -19.93
N GLY B 206 -33.38 -19.18 -21.08
CA GLY B 206 -34.67 -19.41 -21.72
C GLY B 206 -34.87 -20.78 -22.32
N LEU B 207 -33.79 -21.58 -22.44
CA LEU B 207 -33.89 -22.84 -23.18
C LEU B 207 -34.76 -23.89 -22.49
N SER B 208 -34.90 -23.85 -21.18
CA SER B 208 -35.73 -24.85 -20.51
C SER B 208 -36.12 -24.31 -19.15
N PRO B 209 -37.33 -24.65 -18.66
CA PRO B 209 -37.75 -24.17 -17.33
C PRO B 209 -36.89 -24.69 -16.17
N LYS B 210 -36.07 -25.71 -16.39
CA LYS B 210 -35.25 -26.28 -15.32
C LYS B 210 -33.90 -25.60 -15.18
N ILE B 211 -33.56 -24.68 -16.07
CA ILE B 211 -32.24 -24.07 -16.11
C ILE B 211 -32.25 -22.84 -15.22
N ILE B 212 -31.35 -22.82 -14.24
CA ILE B 212 -31.05 -21.63 -13.45
C ILE B 212 -29.70 -21.12 -13.91
N SER B 213 -29.62 -19.82 -14.21
CA SER B 213 -28.40 -19.25 -14.75
C SER B 213 -27.67 -18.43 -13.70
N LEU B 214 -26.35 -18.58 -13.67
CA LEU B 214 -25.46 -17.78 -12.84
C LEU B 214 -24.55 -16.97 -13.76
N GLY B 215 -24.40 -15.69 -13.46
CA GLY B 215 -23.52 -14.83 -14.24
C GLY B 215 -22.79 -13.86 -13.35
N SER B 216 -21.79 -13.21 -13.94
CA SER B 216 -21.03 -12.23 -13.17
C SER B 216 -20.18 -11.41 -14.13
N THR B 217 -19.88 -10.19 -13.71
CA THR B 217 -18.96 -9.32 -14.42
C THR B 217 -17.50 -9.59 -14.08
N GLY B 218 -17.23 -10.25 -12.96
CA GLY B 218 -15.90 -10.30 -12.38
C GLY B 218 -14.74 -10.82 -13.23
N CYS B 220 -14.54 -11.52 -16.50
CA CYS B 220 -14.42 -11.10 -17.90
C CYS B 220 -14.12 -9.62 -18.08
N PHE B 221 -14.41 -8.81 -17.06
CA PHE B 221 -14.38 -7.37 -17.20
C PHE B 221 -13.26 -6.70 -16.42
N GLY B 222 -12.36 -7.47 -15.82
CA GLY B 222 -11.25 -6.88 -15.09
C GLY B 222 -11.65 -6.23 -13.78
N CYS B 223 -12.69 -6.73 -13.12
CA CYS B 223 -13.13 -6.17 -11.85
C CYS B 223 -13.65 -7.28 -10.94
N ILE B 224 -12.85 -8.34 -10.81
CA ILE B 224 -13.25 -9.48 -9.99
C ILE B 224 -13.48 -9.04 -8.54
N GLY B 225 -12.76 -8.01 -8.09
CA GLY B 225 -12.88 -7.54 -6.72
C GLY B 225 -14.17 -6.83 -6.39
N LEU B 226 -14.97 -6.45 -7.38
CA LEU B 226 -16.24 -5.79 -7.08
C LEU B 226 -17.20 -6.71 -6.33
N ARG B 227 -17.09 -8.03 -6.53
CA ARG B 227 -17.95 -9.02 -5.90
C ARG B 227 -19.40 -8.81 -6.29
N ILE B 228 -19.66 -8.85 -7.59
CA ILE B 228 -21.02 -8.75 -8.13
C ILE B 228 -21.27 -10.00 -8.96
N GLY B 229 -22.27 -10.77 -8.55
CA GLY B 229 -22.77 -11.86 -9.36
C GLY B 229 -24.28 -11.83 -9.38
N TRP B 230 -24.87 -12.79 -10.09
CA TRP B 230 -26.31 -12.83 -10.13
C TRP B 230 -26.79 -14.24 -10.40
N LEU B 231 -28.02 -14.50 -9.96
CA LEU B 231 -28.73 -15.73 -10.26
C LEU B 231 -29.98 -15.39 -11.06
N ILE B 232 -30.26 -16.21 -12.07
CA ILE B 232 -31.43 -16.02 -12.93
C ILE B 232 -32.26 -17.28 -12.86
N GLY B 233 -33.51 -17.15 -12.40
CA GLY B 233 -34.37 -18.30 -12.24
C GLY B 233 -35.83 -17.89 -12.24
N ASN B 234 -36.70 -18.88 -12.14
CA ASN B 234 -38.13 -18.64 -12.08
C ASN B 234 -38.48 -17.88 -10.80
N PRO B 235 -39.69 -17.30 -10.73
CA PRO B 235 -40.02 -16.48 -9.55
C PRO B 235 -39.92 -17.21 -8.22
N GLU B 236 -40.14 -18.53 -8.20
CA GLU B 236 -40.13 -19.21 -6.90
C GLU B 236 -38.72 -19.44 -6.40
N ILE B 237 -37.80 -19.81 -7.28
CA ILE B 237 -36.41 -19.98 -6.84
C ILE B 237 -35.82 -18.62 -6.46
N ILE B 238 -36.24 -17.54 -7.15
CA ILE B 238 -35.77 -16.21 -6.81
C ILE B 238 -36.24 -15.82 -5.42
N LYS B 239 -37.52 -16.09 -5.12
CA LYS B 239 -38.05 -15.76 -3.81
C LYS B 239 -37.36 -16.57 -2.71
N ALA B 240 -37.12 -17.86 -2.96
CA ALA B 240 -36.45 -18.70 -1.96
C ALA B 240 -35.01 -18.26 -1.75
N CYS B 241 -34.31 -17.94 -2.83
CA CYS B 241 -32.92 -17.49 -2.71
C CYS B 241 -32.85 -16.11 -2.06
N HIS B 242 -33.75 -15.20 -2.44
CA HIS B 242 -33.78 -13.89 -1.82
C HIS B 242 -34.01 -14.00 -0.33
N PHE B 243 -34.92 -14.89 0.09
CA PHE B 243 -35.16 -15.06 1.51
C PHE B 243 -33.91 -15.50 2.24
N PHE B 244 -33.22 -16.53 1.72
CA PHE B 244 -32.07 -17.04 2.45
C PHE B 244 -30.87 -16.12 2.34
N LYS B 245 -30.85 -15.22 1.36
CA LYS B 245 -29.74 -14.27 1.28
C LYS B 245 -29.66 -13.38 2.51
N ASP B 246 -30.77 -13.21 3.24
CA ASP B 246 -30.77 -12.46 4.49
C ASP B 246 -29.84 -13.06 5.54
N TYR B 247 -29.41 -14.30 5.34
CA TYR B 247 -28.57 -15.00 6.30
C TYR B 247 -27.15 -15.23 5.79
N THR B 248 -26.82 -14.71 4.61
CA THR B 248 -25.45 -14.72 4.11
C THR B 248 -24.88 -13.30 4.14
N THR B 249 -25.40 -12.38 3.33
CA THR B 249 -24.90 -11.02 3.30
C THR B 249 -25.98 -9.95 3.32
N HIS B 250 -27.26 -10.33 3.33
CA HIS B 250 -28.38 -9.40 3.25
C HIS B 250 -28.42 -8.67 1.92
N THR B 251 -27.51 -7.71 1.72
CA THR B 251 -27.49 -6.93 0.48
C THR B 251 -26.06 -6.78 0.00
N VAL B 252 -25.91 -6.47 -1.29
CA VAL B 252 -24.63 -6.04 -1.83
C VAL B 252 -24.56 -4.52 -1.77
N CYS B 253 -23.34 -3.98 -1.68
CA CYS B 253 -23.20 -2.54 -1.56
C CYS B 253 -23.74 -1.84 -2.79
N VAL B 254 -24.38 -0.69 -2.57
CA VAL B 254 -24.93 0.11 -3.66
C VAL B 254 -23.81 0.57 -4.60
N LEU B 255 -22.60 0.79 -4.06
CA LEU B 255 -21.50 1.26 -4.89
C LEU B 255 -21.07 0.19 -5.90
N ASN B 256 -20.81 -1.04 -5.42
CA ASN B 256 -20.45 -2.13 -6.32
C ASN B 256 -21.55 -2.40 -7.32
N ASP B 257 -22.79 -2.43 -6.84
CA ASP B 257 -23.96 -2.56 -7.71
C ASP B 257 -23.92 -1.53 -8.83
N TYR B 258 -23.70 -0.26 -8.48
CA TYR B 258 -23.73 0.80 -9.49
C TYR B 258 -22.61 0.65 -10.52
N ILE B 259 -21.41 0.34 -10.05
CA ILE B 259 -20.26 0.22 -10.95
C ILE B 259 -20.43 -0.96 -11.89
N ALA B 260 -20.90 -2.10 -11.37
CA ALA B 260 -21.10 -3.29 -12.19
C ALA B 260 -22.16 -3.04 -13.27
N ALA B 261 -23.19 -2.28 -12.95
CA ALA B 261 -24.20 -1.93 -13.95
C ALA B 261 -23.58 -1.14 -15.08
N GLY B 262 -22.77 -0.13 -14.74
CA GLY B 262 -22.09 0.64 -15.77
C GLY B 262 -21.09 -0.17 -16.56
N VAL B 263 -20.47 -1.17 -15.92
CA VAL B 263 -19.62 -2.11 -16.65
C VAL B 263 -20.43 -2.80 -17.75
N LEU B 264 -21.60 -3.32 -17.39
CA LEU B 264 -22.44 -4.02 -18.38
C LEU B 264 -22.96 -3.05 -19.43
N LEU B 265 -23.40 -1.85 -19.02
CA LEU B 265 -23.92 -0.91 -19.99
C LEU B 265 -22.85 -0.41 -20.95
N HIS B 266 -21.57 -0.53 -20.59
CA HIS B 266 -20.47 -0.13 -21.45
C HIS B 266 -19.56 -1.30 -21.77
N LYS B 267 -20.13 -2.50 -21.89
CA LYS B 267 -19.31 -3.67 -22.15
C LYS B 267 -18.55 -3.54 -23.46
N GLY B 268 -19.12 -2.82 -24.44
CA GLY B 268 -18.46 -2.62 -25.72
C GLY B 268 -17.22 -1.76 -25.63
N LYS B 269 -17.05 -1.03 -24.55
CA LYS B 269 -15.87 -0.22 -24.30
C LYS B 269 -14.81 -0.97 -23.50
N ILE B 270 -15.09 -2.22 -23.09
CA ILE B 270 -14.25 -2.98 -22.18
C ILE B 270 -13.85 -4.32 -22.79
N LEU B 271 -14.83 -5.09 -23.24
CA LEU B 271 -14.55 -6.46 -23.71
C LEU B 271 -13.65 -6.55 -24.95
N PRO B 272 -13.73 -5.68 -25.96
CA PRO B 272 -12.87 -5.89 -27.13
C PRO B 272 -11.39 -5.96 -26.79
N ARG B 273 -10.94 -5.14 -25.84
CA ARG B 273 -9.54 -5.22 -25.44
C ARG B 273 -9.18 -6.59 -24.90
N TYR B 274 -10.01 -7.14 -24.02
CA TYR B 274 -9.71 -8.45 -23.47
C TYR B 274 -9.82 -9.55 -24.52
N ARG B 275 -10.82 -9.47 -25.40
CA ARG B 275 -10.90 -10.45 -26.48
C ARG B 275 -9.65 -10.40 -27.35
N GLN B 276 -9.15 -9.20 -27.64
CA GLN B 276 -7.92 -9.04 -28.40
C GLN B 276 -6.71 -9.64 -27.68
N MET B 277 -6.60 -9.41 -26.37
CA MET B 277 -5.49 -9.99 -25.61
C MET B 277 -5.54 -11.50 -25.63
N ILE B 278 -6.74 -12.07 -25.48
CA ILE B 278 -6.87 -13.52 -25.36
C ILE B 278 -6.54 -14.22 -26.68
N GLN B 279 -7.00 -13.67 -27.81
CA GLN B 279 -6.72 -14.31 -29.09
C GLN B 279 -5.25 -14.16 -29.47
N HIS B 280 -4.62 -13.04 -29.10
CA HIS B 280 -3.19 -12.92 -29.32
C HIS B 280 -2.44 -13.97 -28.52
N ASN B 281 -2.85 -14.21 -27.27
CA ASN B 281 -2.20 -15.22 -26.43
C ASN B 281 -2.53 -16.63 -26.87
N ILE B 282 -3.72 -16.85 -27.41
CA ILE B 282 -4.04 -18.16 -28.00
C ILE B 282 -3.10 -18.43 -29.17
N GLN B 283 -2.88 -17.42 -30.01
CA GLN B 283 -1.92 -17.56 -31.10
C GLN B 283 -0.49 -17.75 -30.58
N GLN B 284 -0.13 -17.02 -29.52
CA GLN B 284 1.20 -17.21 -28.94
C GLN B 284 1.37 -18.62 -28.40
N PHE B 285 0.33 -19.17 -27.77
CA PHE B 285 0.44 -20.52 -27.24
C PHE B 285 0.43 -21.56 -28.36
N GLU B 286 -0.26 -21.28 -29.46
CA GLU B 286 -0.22 -22.20 -30.59
C GLU B 286 1.17 -22.25 -31.19
N THR B 287 1.81 -21.08 -31.33
CA THR B 287 3.22 -21.05 -31.72
C THR B 287 4.07 -21.82 -30.72
N PHE B 288 3.78 -21.67 -29.43
CA PHE B 288 4.52 -22.39 -28.40
C PHE B 288 4.32 -23.89 -28.52
N ILE B 289 3.10 -24.33 -28.84
CA ILE B 289 2.85 -25.76 -29.03
C ILE B 289 3.72 -26.30 -30.17
N LYS B 290 3.78 -25.55 -31.28
CA LYS B 290 4.59 -25.99 -32.41
C LYS B 290 6.07 -26.02 -32.05
N GLN B 291 6.54 -25.04 -31.28
CA GLN B 291 7.94 -25.02 -30.87
C GLN B 291 8.30 -26.20 -29.97
N GLN B 292 7.32 -26.73 -29.24
CA GLN B 292 7.56 -27.83 -28.32
C GLN B 292 7.48 -29.19 -29.00
N ARG B 293 7.06 -29.24 -30.26
CA ARG B 293 7.16 -30.43 -31.11
C ARG B 293 6.52 -31.65 -30.44
N GLY B 294 5.25 -31.49 -30.08
CA GLY B 294 4.45 -32.57 -29.53
C GLY B 294 4.53 -32.74 -28.03
N LEU B 295 5.46 -32.05 -27.36
CA LEU B 295 5.53 -32.16 -25.90
C LEU B 295 4.34 -31.49 -25.23
N ILE B 296 3.81 -30.43 -25.82
CA ILE B 296 2.69 -29.68 -25.26
C ILE B 296 1.50 -29.87 -26.19
N ASP B 297 0.34 -30.14 -25.61
CA ASP B 297 -0.90 -30.15 -26.38
C ASP B 297 -1.98 -29.50 -25.54
N TRP B 298 -3.14 -29.31 -26.16
CA TRP B 298 -4.30 -28.83 -25.43
C TRP B 298 -5.56 -29.16 -26.23
N VAL B 299 -6.68 -29.14 -25.52
CA VAL B 299 -7.98 -28.95 -26.15
C VAL B 299 -8.13 -27.44 -26.32
N LYS B 300 -8.14 -26.97 -27.56
CA LYS B 300 -8.17 -25.54 -27.79
C LYS B 300 -9.40 -24.93 -27.14
N PRO B 301 -9.25 -23.92 -26.29
CA PRO B 301 -10.42 -23.30 -25.66
C PRO B 301 -11.27 -22.60 -26.68
N GLU B 302 -12.57 -22.55 -26.41
CA GLU B 302 -13.51 -21.87 -27.28
C GLU B 302 -13.99 -20.54 -26.73
N ALA B 303 -13.95 -20.36 -25.41
CA ALA B 303 -14.41 -19.11 -24.81
C ALA B 303 -13.82 -18.99 -23.41
N GLY B 304 -13.83 -17.77 -22.90
CA GLY B 304 -13.40 -17.54 -21.55
C GLY B 304 -12.00 -16.99 -21.45
N THR B 305 -11.45 -17.15 -20.26
CA THR B 305 -10.22 -16.47 -19.89
C THR B 305 -9.06 -17.41 -19.65
N ILE B 306 -9.25 -18.72 -19.77
CA ILE B 306 -8.26 -19.70 -19.34
C ILE B 306 -8.13 -20.81 -20.37
N ALA B 307 -7.00 -21.51 -20.29
CA ALA B 307 -6.76 -22.71 -21.07
C ALA B 307 -6.17 -23.77 -20.15
N PHE B 308 -6.35 -25.03 -20.53
CA PHE B 308 -5.91 -26.18 -19.73
C PHE B 308 -5.00 -27.09 -20.56
N PRO B 309 -3.85 -26.60 -21.01
CA PRO B 309 -2.93 -27.47 -21.76
C PRO B 309 -2.37 -28.56 -20.87
N PHE B 310 -1.71 -29.52 -21.52
CA PHE B 310 -1.15 -30.66 -20.82
C PHE B 310 0.15 -31.06 -21.50
N PHE B 311 1.02 -31.68 -20.72
CA PHE B 311 2.20 -32.31 -21.28
C PHE B 311 1.81 -33.67 -21.86
N THR B 312 2.24 -33.95 -23.08
CA THR B 312 2.00 -35.25 -23.70
C THR B 312 3.00 -36.29 -23.26
N ASP B 313 3.80 -35.96 -22.24
CA ASP B 313 4.81 -36.87 -21.69
C ASP B 313 4.32 -37.36 -20.34
N PRO B 314 4.01 -38.65 -20.19
CA PRO B 314 3.46 -39.15 -18.92
C PRO B 314 4.44 -39.11 -17.76
N ASN B 315 5.64 -38.56 -17.94
CA ASN B 315 6.67 -38.66 -16.91
C ASN B 315 6.88 -37.38 -16.14
N ILE B 316 6.71 -36.23 -16.76
CA ILE B 316 6.83 -34.95 -16.07
C ILE B 316 5.56 -34.66 -15.26
N ASN B 317 5.75 -34.11 -14.08
CA ASN B 317 4.66 -33.76 -13.17
C ASN B 317 4.51 -32.26 -13.24
N SER B 318 3.32 -31.79 -13.65
CA SER B 318 3.13 -30.36 -13.85
C SER B 318 3.31 -29.57 -12.55
N LYS B 319 3.08 -30.19 -11.40
CA LYS B 319 3.21 -29.47 -10.14
C LYS B 319 4.67 -29.11 -9.88
N ILE B 320 5.61 -29.99 -10.21
CA ILE B 320 7.01 -29.65 -9.97
C ILE B 320 7.52 -28.71 -11.04
N VAL B 321 7.01 -28.81 -12.27
CA VAL B 321 7.34 -27.82 -13.29
C VAL B 321 6.86 -26.43 -12.85
N ALA B 322 5.62 -26.36 -12.36
CA ALA B 322 5.10 -25.08 -11.89
C ALA B 322 5.87 -24.61 -10.67
N LYS B 323 6.23 -25.54 -9.79
CA LYS B 323 7.06 -25.23 -8.62
C LYS B 323 8.35 -24.57 -9.04
N ARG B 324 9.07 -25.19 -9.97
CA ARG B 324 10.33 -24.63 -10.43
C ARG B 324 10.14 -23.37 -11.26
N LEU B 325 9.00 -23.23 -11.95
CA LEU B 325 8.79 -22.05 -12.78
C LEU B 325 8.60 -20.80 -11.93
N VAL B 326 7.90 -20.91 -10.81
CA VAL B 326 7.63 -19.73 -10.01
C VAL B 326 8.85 -19.33 -9.17
N GLU B 327 9.66 -20.29 -8.72
CA GLU B 327 10.80 -19.94 -7.89
C GLU B 327 11.93 -19.34 -8.71
N ASP B 328 12.17 -19.88 -9.90
CA ASP B 328 13.25 -19.43 -10.76
C ASP B 328 12.85 -18.26 -11.66
N HIS B 329 11.56 -18.07 -11.94
CA HIS B 329 11.17 -17.05 -12.90
C HIS B 329 10.01 -16.17 -12.43
N GLY B 330 9.47 -16.42 -11.24
CA GLY B 330 8.37 -15.61 -10.75
C GLY B 330 7.08 -15.76 -11.52
N VAL B 331 6.97 -16.82 -12.33
CA VAL B 331 5.77 -17.08 -13.12
C VAL B 331 4.96 -18.17 -12.45
N LEU B 332 3.70 -17.87 -12.16
CA LEU B 332 2.81 -18.84 -11.51
C LEU B 332 1.84 -19.40 -12.53
N LEU B 333 1.89 -20.72 -12.72
CA LEU B 333 0.86 -21.46 -13.42
C LEU B 333 0.14 -22.34 -12.42
N LEU B 334 -1.14 -22.60 -12.66
CA LEU B 334 -1.91 -23.45 -11.75
C LEU B 334 -1.70 -24.90 -12.13
N PRO B 335 -1.04 -25.71 -11.31
CA PRO B 335 -0.82 -27.11 -11.68
C PRO B 335 -2.12 -27.89 -11.73
N GLY B 336 -2.18 -28.84 -12.66
CA GLY B 336 -3.40 -29.58 -12.88
C GLY B 336 -3.84 -30.42 -11.71
N GLU B 337 -2.93 -30.69 -10.77
CA GLU B 337 -3.30 -31.43 -9.57
C GLU B 337 -4.43 -30.74 -8.82
N ALA B 338 -4.50 -29.40 -8.91
CA ALA B 338 -5.63 -28.66 -8.33
C ALA B 338 -6.97 -29.08 -8.91
N PHE B 339 -6.96 -29.72 -10.08
CA PHE B 339 -8.17 -30.27 -10.67
C PHE B 339 -8.10 -31.78 -10.80
N ASP B 340 -7.13 -32.42 -10.14
CA ASP B 340 -6.87 -33.85 -10.27
C ASP B 340 -6.61 -34.25 -11.73
N ARG B 341 -5.83 -33.42 -12.43
CA ARG B 341 -5.35 -33.73 -13.77
C ARG B 341 -3.85 -33.43 -13.78
N PRO B 342 -3.03 -34.36 -13.27
CA PRO B 342 -1.61 -34.03 -13.01
C PRO B 342 -0.83 -33.59 -14.23
N SER B 343 -1.16 -34.08 -15.41
CA SER B 343 -0.42 -33.70 -16.61
C SER B 343 -0.80 -32.32 -17.12
N HIS B 344 -1.89 -31.75 -16.63
CA HIS B 344 -2.37 -30.47 -17.11
C HIS B 344 -1.82 -29.32 -16.26
N PHE B 345 -1.99 -28.11 -16.78
CA PHE B 345 -1.81 -26.90 -15.99
C PHE B 345 -2.71 -25.82 -16.61
N ARG B 346 -3.22 -24.96 -15.76
CA ARG B 346 -4.08 -23.87 -16.23
C ARG B 346 -3.24 -22.62 -16.42
N ILE B 347 -3.55 -21.87 -17.47
CA ILE B 347 -2.82 -20.65 -17.77
C ILE B 347 -3.83 -19.57 -18.14
N ALA B 348 -3.65 -18.37 -17.59
CA ALA B 348 -4.56 -17.27 -17.86
C ALA B 348 -4.27 -16.69 -19.24
N LEU B 349 -5.33 -16.49 -20.02
CA LEU B 349 -5.22 -15.87 -21.34
C LEU B 349 -5.50 -14.38 -21.31
N GLY B 350 -6.11 -13.87 -20.25
CA GLY B 350 -6.48 -12.47 -20.16
C GLY B 350 -5.41 -11.63 -19.50
N VAL B 351 -4.16 -11.90 -19.84
CA VAL B 351 -3.03 -11.12 -19.38
C VAL B 351 -2.40 -10.43 -20.58
N GLU B 352 -1.54 -9.45 -20.31
CA GLU B 352 -0.81 -8.77 -21.37
C GLU B 352 -0.06 -9.78 -22.23
N PRO B 353 -0.14 -9.68 -23.56
CA PRO B 353 0.57 -10.65 -24.41
C PRO B 353 2.06 -10.66 -24.20
N SER B 354 2.65 -9.54 -23.77
CA SER B 354 4.07 -9.50 -23.45
C SER B 354 4.36 -10.35 -22.21
N LEU B 355 3.52 -10.25 -21.18
CA LEU B 355 3.70 -11.09 -19.99
C LEU B 355 3.45 -12.55 -20.31
N PHE B 356 2.46 -12.83 -21.16
CA PHE B 356 2.19 -14.20 -21.59
C PHE B 356 3.42 -14.79 -22.28
N GLN B 357 4.00 -14.03 -23.21
CA GLN B 357 5.17 -14.53 -23.93
C GLN B 357 6.36 -14.71 -22.99
N TYR B 358 6.55 -13.79 -22.04
CA TYR B 358 7.58 -13.99 -21.02
C TYR B 358 7.36 -15.30 -20.28
N ALA B 359 6.11 -15.61 -19.93
CA ALA B 359 5.82 -16.84 -19.22
C ALA B 359 6.12 -18.05 -20.08
N LEU B 360 5.76 -18.00 -21.37
CA LEU B 360 6.02 -19.11 -22.27
C LEU B 360 7.51 -19.33 -22.47
N GLU B 361 8.28 -18.24 -22.63
CA GLU B 361 9.71 -18.40 -22.85
C GLU B 361 10.42 -18.94 -21.62
N LYS B 362 9.97 -18.56 -20.41
CA LYS B 362 10.54 -19.17 -19.22
C LYS B 362 10.01 -20.58 -19.00
N LEU B 363 8.78 -20.87 -19.39
CA LEU B 363 8.28 -22.24 -19.29
C LEU B 363 9.08 -23.17 -20.18
N ALA B 364 9.52 -22.70 -21.34
CA ALA B 364 10.38 -23.51 -22.19
C ALA B 364 11.72 -23.78 -21.53
N ILE B 365 12.23 -22.81 -20.75
CA ILE B 365 13.51 -22.98 -20.06
C ILE B 365 13.38 -24.04 -18.96
N VAL B 366 12.29 -24.01 -18.20
CA VAL B 366 12.07 -25.01 -17.18
C VAL B 366 11.90 -26.39 -17.81
N ILE B 367 11.28 -26.44 -18.99
CA ILE B 367 11.06 -27.71 -19.68
C ILE B 367 12.39 -28.28 -20.17
N GLU B 368 13.23 -27.43 -20.80
CA GLU B 368 14.51 -27.89 -21.34
C GLU B 368 15.31 -28.63 -20.28
N THR B 369 15.44 -28.04 -19.10
CA THR B 369 16.09 -28.72 -17.99
C THR B 369 15.03 -29.33 -17.09
N PRO C 19 -3.67 8.92 -14.88
CA PRO C 19 -3.91 7.46 -14.90
C PRO C 19 -3.12 6.78 -16.01
N TYR C 20 -2.86 7.54 -17.07
CA TYR C 20 -2.14 7.06 -18.25
C TYR C 20 -0.86 7.89 -18.41
N ASN C 21 0.11 7.62 -17.55
CA ASN C 21 1.33 8.42 -17.47
C ASN C 21 2.38 7.79 -18.38
N LEU C 22 2.65 8.44 -19.50
CA LEU C 22 3.69 8.00 -20.43
C LEU C 22 4.89 8.95 -20.45
N GLY C 23 4.98 9.86 -19.49
CA GLY C 23 5.99 10.90 -19.49
C GLY C 23 7.24 10.64 -18.67
N GLU C 24 7.35 9.49 -18.04
CA GLU C 24 8.52 9.14 -17.25
C GLU C 24 9.51 8.32 -18.07
N SER C 25 10.72 8.19 -17.52
CA SER C 25 11.77 7.41 -18.15
C SER C 25 12.04 6.10 -17.43
N SER C 26 11.29 5.80 -16.37
CA SER C 26 11.39 4.51 -15.71
C SER C 26 10.28 3.59 -16.22
N VAL C 27 10.47 2.29 -15.99
CA VAL C 27 9.45 1.29 -16.34
C VAL C 27 8.42 1.23 -15.23
N ASP C 28 7.32 0.51 -15.48
CA ASP C 28 6.29 0.32 -14.47
C ASP C 28 6.89 -0.34 -13.23
N ASN C 29 6.73 0.30 -12.08
CA ASN C 29 7.47 -0.07 -10.88
C ASN C 29 6.77 -1.15 -10.07
N PHE C 30 7.57 -1.99 -9.44
CA PHE C 30 7.05 -3.00 -8.52
C PHE C 30 6.59 -2.36 -7.22
N THR C 31 5.76 -3.10 -6.49
CA THR C 31 5.70 -2.88 -5.06
C THR C 31 6.88 -3.59 -4.40
N LEU C 32 7.19 -3.18 -3.17
CA LEU C 32 8.28 -3.82 -2.43
C LEU C 32 8.02 -5.31 -2.26
N GLY C 33 6.78 -5.68 -1.93
CA GLY C 33 6.46 -7.09 -1.77
C GLY C 33 6.63 -7.87 -3.07
N GLU C 34 6.17 -7.29 -4.18
CA GLU C 34 6.38 -7.93 -5.48
C GLU C 34 7.87 -8.13 -5.76
N LEU C 35 8.68 -7.12 -5.45
CA LEU C 35 10.11 -7.20 -5.75
C LEU C 35 10.80 -8.25 -4.89
N LEU C 36 10.48 -8.28 -3.59
CA LEU C 36 11.09 -9.27 -2.70
C LEU C 36 10.67 -10.68 -3.05
N ASN C 37 9.45 -10.87 -3.54
CA ASN C 37 9.03 -12.18 -3.99
C ASN C 37 9.85 -12.67 -5.18
N LEU C 38 10.47 -11.74 -5.93
CA LEU C 38 11.34 -12.11 -7.03
C LEU C 38 12.79 -12.26 -6.59
N THR C 39 13.26 -11.45 -5.64
CA THR C 39 14.66 -11.48 -5.24
C THR C 39 14.95 -12.42 -4.09
N GLY C 40 13.93 -12.82 -3.33
CA GLY C 40 14.15 -13.69 -2.20
C GLY C 40 14.77 -13.04 -0.98
N ASP C 41 14.85 -11.72 -0.94
CA ASP C 41 15.60 -11.01 0.08
C ASP C 41 14.78 -10.67 1.34
N ARG C 42 13.53 -11.10 1.43
CA ARG C 42 12.66 -10.63 2.51
C ARG C 42 13.19 -11.03 3.88
N ASP C 43 13.55 -12.30 4.05
CA ASP C 43 13.94 -12.78 5.38
C ASP C 43 15.25 -12.15 5.82
N ALA C 44 16.14 -11.80 4.89
CA ALA C 44 17.42 -11.22 5.28
C ALA C 44 17.27 -9.78 5.73
N LEU C 45 16.21 -9.08 5.30
CA LEU C 45 16.07 -7.66 5.61
C LEU C 45 15.99 -7.41 7.12
N ASP C 46 15.31 -8.29 7.85
CA ASP C 46 15.07 -8.04 9.27
C ASP C 46 16.37 -8.04 10.06
N GLN C 47 17.39 -8.76 9.59
CA GLN C 47 18.65 -8.84 10.31
C GLN C 47 19.62 -7.73 9.94
N LEU C 48 19.31 -6.91 8.95
CA LEU C 48 20.18 -5.81 8.57
C LEU C 48 20.27 -4.78 9.68
N SER C 49 21.49 -4.33 9.95
CA SER C 49 21.71 -3.28 10.93
C SER C 49 21.40 -1.92 10.35
N LEU C 50 20.74 -1.07 11.14
CA LEU C 50 20.47 0.29 10.70
C LEU C 50 21.58 1.25 11.13
N MET C 51 22.74 0.71 11.48
CA MET C 51 23.93 1.54 11.56
C MET C 51 24.28 2.03 10.17
N ASN C 52 25.25 2.95 10.10
CA ASN C 52 25.67 3.49 8.82
C ASN C 52 26.18 2.37 7.92
N ASN C 53 25.71 2.39 6.68
CA ASN C 53 26.20 1.46 5.67
C ASN C 53 27.69 1.73 5.40
N ASP C 54 28.34 0.75 4.78
CA ASP C 54 29.65 0.98 4.19
C ASP C 54 29.59 2.21 3.30
N THR C 55 30.52 3.15 3.53
CA THR C 55 30.47 4.42 2.81
C THR C 55 30.76 4.29 1.33
N HIS C 56 31.27 3.15 0.88
CA HIS C 56 31.36 2.88 -0.55
C HIS C 56 30.13 2.15 -1.09
N GLY C 57 29.16 1.86 -0.24
CA GLY C 57 28.15 0.87 -0.57
C GLY C 57 28.56 -0.51 -0.11
N SER C 58 27.57 -1.34 0.18
CA SER C 58 27.85 -2.66 0.73
C SER C 58 28.63 -3.50 -0.27
N LEU C 59 29.41 -4.45 0.28
CA LEU C 59 30.16 -5.36 -0.58
C LEU C 59 29.23 -6.20 -1.45
N ARG C 60 28.08 -6.59 -0.91
CA ARG C 60 27.14 -7.38 -1.71
C ARG C 60 26.69 -6.61 -2.93
N LEU C 61 26.39 -5.32 -2.77
CA LEU C 61 25.95 -4.51 -3.91
C LEU C 61 27.09 -4.26 -4.89
N ARG C 62 28.27 -3.90 -4.38
CA ARG C 62 29.37 -3.60 -5.29
C ARG C 62 29.84 -4.85 -6.03
N GLU C 63 29.76 -6.02 -5.41
CA GLU C 63 30.11 -7.25 -6.13
C GLU C 63 29.06 -7.59 -7.18
N ALA C 64 27.78 -7.37 -6.88
CA ALA C 64 26.75 -7.62 -7.89
C ALA C 64 26.89 -6.66 -9.07
N ILE C 65 27.21 -5.39 -8.80
CA ILE C 65 27.49 -4.46 -9.90
C ILE C 65 28.72 -4.92 -10.68
N ALA C 66 29.79 -5.27 -9.96
CA ALA C 66 31.05 -5.62 -10.62
C ALA C 66 30.92 -6.89 -11.46
N SER C 67 30.06 -7.82 -11.04
CA SER C 67 29.90 -9.06 -11.79
C SER C 67 29.31 -8.84 -13.16
N LEU C 68 28.76 -7.65 -13.43
CA LEU C 68 28.16 -7.37 -14.73
C LEU C 68 29.21 -7.15 -15.82
N ASP C 69 30.45 -6.85 -15.46
CA ASP C 69 31.50 -6.59 -16.44
C ASP C 69 32.83 -7.07 -15.91
N LYS C 70 33.61 -7.70 -16.80
CA LYS C 70 34.92 -8.18 -16.41
C LYS C 70 35.88 -7.04 -16.14
N SER C 71 35.67 -5.88 -16.80
CA SER C 71 36.55 -4.75 -16.56
C SER C 71 36.31 -4.08 -15.20
N VAL C 72 35.26 -4.47 -14.48
CA VAL C 72 34.87 -3.80 -13.24
C VAL C 72 35.11 -4.75 -12.06
N SER C 73 35.86 -4.26 -11.08
CA SER C 73 36.03 -4.93 -9.81
C SER C 73 35.26 -4.18 -8.72
N PRO C 74 34.90 -4.84 -7.62
CA PRO C 74 34.09 -4.19 -6.58
C PRO C 74 34.73 -2.94 -5.97
N ASP C 75 36.05 -2.78 -6.05
CA ASP C 75 36.68 -1.59 -5.49
C ASP C 75 36.62 -0.39 -6.41
N ASP C 76 36.22 -0.57 -7.68
CA ASP C 76 36.11 0.54 -8.61
C ASP C 76 34.78 1.28 -8.47
N ILE C 77 33.95 0.92 -7.49
CA ILE C 77 32.54 1.33 -7.45
C ILE C 77 32.28 2.16 -6.20
N LEU C 78 31.60 3.29 -6.37
CA LEU C 78 31.07 4.09 -5.28
C LEU C 78 29.55 4.14 -5.44
N VAL C 79 28.84 3.59 -4.46
CA VAL C 79 27.37 3.61 -4.51
C VAL C 79 26.88 4.96 -4.01
N THR C 80 25.89 5.53 -4.71
CA THR C 80 25.35 6.85 -4.41
C THR C 80 23.83 6.77 -4.35
N ALA C 81 23.21 7.86 -3.89
CA ALA C 81 21.76 7.94 -3.80
C ALA C 81 21.21 8.33 -5.17
N GLY C 82 21.15 7.36 -6.06
CA GLY C 82 20.84 7.62 -7.45
C GLY C 82 22.05 8.18 -8.19
N THR C 83 21.97 8.13 -9.52
CA THR C 83 23.03 8.73 -10.32
C THR C 83 23.01 10.25 -10.26
N THR C 84 21.89 10.85 -9.82
CA THR C 84 21.87 12.29 -9.63
C THR C 84 22.93 12.72 -8.64
N GLU C 85 23.05 11.99 -7.51
CA GLU C 85 24.10 12.32 -6.56
C GLU C 85 25.47 12.07 -7.16
N ALA C 86 25.66 10.94 -7.83
CA ALA C 86 26.94 10.64 -8.44
C ALA C 86 27.35 11.73 -9.43
N ILE C 87 26.39 12.22 -10.22
CA ILE C 87 26.69 13.29 -11.16
C ILE C 87 27.20 14.52 -10.44
N LEU C 88 26.51 14.89 -9.35
CA LEU C 88 26.92 16.07 -8.57
C LEU C 88 28.30 15.89 -7.98
N ILE C 89 28.55 14.72 -7.38
CA ILE C 89 29.84 14.47 -6.74
C ILE C 89 30.96 14.51 -7.76
N TYR C 90 30.75 13.85 -8.90
CA TYR C 90 31.80 13.78 -9.91
C TYR C 90 32.13 15.16 -10.47
N PHE C 91 31.09 15.91 -10.86
CA PHE C 91 31.36 17.23 -11.44
C PHE C 91 31.94 18.19 -10.41
N LYS C 92 31.56 18.05 -9.14
CA LYS C 92 32.17 18.87 -8.11
C LYS C 92 33.66 18.57 -8.01
N VAL C 93 34.02 17.29 -7.97
CA VAL C 93 35.41 16.89 -7.80
C VAL C 93 36.27 17.41 -8.95
N ARG C 94 35.74 17.32 -10.17
CA ARG C 94 36.51 17.67 -11.35
C ARG C 94 36.45 19.15 -11.70
N TYR C 95 35.81 19.98 -10.90
CA TYR C 95 35.68 21.39 -11.25
C TYR C 95 36.98 22.14 -11.00
N ARG C 96 37.32 23.01 -11.95
CA ARG C 96 38.38 23.99 -11.77
C ARG C 96 38.04 25.21 -12.63
N SER C 97 38.58 26.35 -12.23
CA SER C 97 38.24 27.60 -12.90
C SER C 97 38.57 27.54 -14.39
N GLY C 98 37.62 28.01 -15.21
CA GLY C 98 37.78 28.00 -16.64
C GLY C 98 37.52 26.68 -17.32
N ALA C 99 37.13 25.65 -16.57
CA ALA C 99 36.86 24.36 -17.16
C ALA C 99 35.52 24.38 -17.89
N ASN C 100 35.43 23.56 -18.92
CA ASN C 100 34.18 23.40 -19.64
C ASN C 100 33.83 21.93 -19.74
N VAL C 101 32.55 21.65 -19.96
CA VAL C 101 32.05 20.31 -20.19
C VAL C 101 31.26 20.32 -21.49
N VAL C 102 31.37 19.24 -22.25
CA VAL C 102 30.63 19.07 -23.49
C VAL C 102 29.51 18.08 -23.25
N VAL C 103 28.28 18.51 -23.51
CA VAL C 103 27.10 17.70 -23.26
C VAL C 103 26.30 17.59 -24.56
N PRO C 104 26.15 16.40 -25.13
CA PRO C 104 25.21 16.25 -26.26
C PRO C 104 23.78 16.38 -25.75
N VAL C 105 23.00 17.19 -26.43
CA VAL C 105 21.60 17.41 -26.06
C VAL C 105 20.72 17.07 -27.26
N PRO C 106 19.46 16.63 -27.05
CA PRO C 106 18.75 16.46 -25.78
C PRO C 106 19.31 15.34 -24.91
N THR C 107 19.27 15.55 -23.59
CA THR C 107 19.70 14.53 -22.63
C THR C 107 19.03 14.87 -21.31
N PHE C 108 19.25 14.01 -20.31
CA PHE C 108 18.74 14.26 -18.97
C PHE C 108 19.24 15.60 -18.46
N HIS C 109 18.29 16.44 -18.01
CA HIS C 109 18.61 17.85 -17.75
C HIS C 109 19.72 18.02 -16.71
N VAL C 110 19.79 17.10 -15.74
CA VAL C 110 20.81 17.19 -14.69
C VAL C 110 22.21 17.15 -15.28
N LEU C 111 22.39 16.46 -16.41
CA LEU C 111 23.72 16.29 -16.98
C LEU C 111 24.33 17.59 -17.47
N TYR C 112 23.51 18.59 -17.82
CA TYR C 112 24.06 19.89 -18.16
C TYR C 112 23.74 20.97 -17.14
N GLU C 113 22.67 20.82 -16.35
CA GLU C 113 22.32 21.84 -15.38
C GLU C 113 23.21 21.75 -14.12
N THR C 114 23.50 20.54 -13.66
CA THR C 114 24.42 20.41 -12.53
C THR C 114 25.80 20.98 -12.82
N PRO C 115 26.44 20.72 -13.97
CA PRO C 115 27.70 21.41 -14.25
C PRO C 115 27.58 22.93 -14.27
N ALA C 116 26.45 23.44 -14.78
CA ALA C 116 26.24 24.89 -14.81
C ALA C 116 26.21 25.47 -13.41
N PHE C 117 25.49 24.82 -12.49
CA PHE C 117 25.43 25.27 -11.10
C PHE C 117 26.81 25.30 -10.45
N LEU C 118 27.67 24.37 -10.83
CA LEU C 118 29.00 24.27 -10.24
C LEU C 118 30.01 25.24 -10.86
N GLY C 119 29.59 26.04 -11.86
CA GLY C 119 30.46 27.02 -12.46
C GLY C 119 31.11 26.62 -13.78
N TYR C 120 30.87 25.41 -14.26
CA TYR C 120 31.43 25.00 -15.54
C TYR C 120 30.86 25.83 -16.69
N GLU C 121 31.67 26.05 -17.71
CA GLU C 121 31.16 26.45 -19.02
C GLU C 121 30.59 25.22 -19.72
N VAL C 122 29.31 25.28 -20.08
CA VAL C 122 28.64 24.15 -20.70
C VAL C 122 28.60 24.36 -22.21
N ARG C 123 29.23 23.46 -22.96
CA ARG C 123 29.21 23.50 -24.41
C ARG C 123 28.28 22.42 -24.93
N TYR C 124 27.21 22.83 -25.60
CA TYR C 124 26.16 21.92 -26.04
C TYR C 124 26.46 21.37 -27.42
N LEU C 125 26.35 20.05 -27.56
CA LEU C 125 26.40 19.37 -28.85
C LEU C 125 24.97 19.03 -29.25
N GLN C 126 24.42 19.80 -30.19
CA GLN C 126 23.02 19.64 -30.57
C GLN C 126 22.84 18.36 -31.38
N LEU C 127 22.14 17.39 -30.81
CA LEU C 127 21.77 16.18 -31.54
C LEU C 127 20.42 16.38 -32.23
N ARG C 128 20.27 15.79 -33.41
CA ARG C 128 19.11 16.07 -34.26
C ARG C 128 18.58 14.78 -34.85
N ALA C 129 17.26 14.69 -34.98
CA ALA C 129 16.64 13.46 -35.45
C ALA C 129 16.97 13.14 -36.90
N GLU C 130 17.24 14.16 -37.73
CA GLU C 130 17.59 13.89 -39.11
C GLU C 130 18.96 13.21 -39.22
N ASN C 131 19.82 13.35 -38.23
CA ASN C 131 21.08 12.61 -38.19
C ASN C 131 21.02 11.43 -37.24
N GLY C 132 19.83 10.93 -36.95
CA GLY C 132 19.65 9.80 -36.06
C GLY C 132 20.06 10.04 -34.63
N PHE C 133 20.10 11.29 -34.18
CA PHE C 133 20.55 11.65 -32.84
C PHE C 133 21.95 11.09 -32.56
N ARG C 134 22.76 10.98 -33.60
CA ARG C 134 24.09 10.42 -33.47
C ARG C 134 25.11 11.54 -33.35
N ILE C 135 26.20 11.27 -32.64
CA ILE C 135 27.26 12.24 -32.43
C ILE C 135 28.15 12.30 -33.67
N ASP C 136 28.33 13.50 -34.21
CA ASP C 136 29.26 13.71 -35.32
C ASP C 136 30.65 14.00 -34.74
N PRO C 137 31.65 13.17 -35.00
CA PRO C 137 32.96 13.37 -34.36
C PRO C 137 33.62 14.69 -34.72
N GLN C 138 33.46 15.16 -35.95
CA GLN C 138 34.13 16.42 -36.32
C GLN C 138 33.42 17.62 -35.70
N GLU C 139 32.12 17.51 -35.44
CA GLU C 139 31.45 18.61 -34.76
C GLU C 139 31.68 18.55 -33.26
N LEU C 140 31.99 17.37 -32.73
CA LEU C 140 32.37 17.25 -31.33
C LEU C 140 33.81 17.72 -31.12
N ALA C 141 34.71 17.42 -32.07
CA ALA C 141 36.08 17.90 -31.96
C ALA C 141 36.17 19.42 -32.02
N LYS C 142 35.15 20.08 -32.59
CA LYS C 142 35.09 21.53 -32.59
C LYS C 142 34.67 22.10 -31.25
N LEU C 143 34.26 21.25 -30.30
CA LEU C 143 33.83 21.69 -28.99
C LEU C 143 34.79 21.32 -27.87
N VAL C 144 35.70 20.37 -28.10
CA VAL C 144 36.61 19.88 -27.08
C VAL C 144 37.95 20.58 -27.24
N ASP C 145 38.38 21.29 -26.20
CA ASP C 145 39.71 21.87 -26.18
C ASP C 145 40.48 21.43 -24.94
N ASP C 146 41.60 22.08 -24.64
CA ASP C 146 42.41 21.66 -23.50
C ASP C 146 41.75 22.02 -22.17
N ASN C 147 40.76 22.90 -22.17
CA ASN C 147 40.02 23.21 -20.95
C ASN C 147 38.80 22.31 -20.75
N THR C 148 38.49 21.45 -21.71
CA THR C 148 37.37 20.52 -21.57
C THR C 148 37.77 19.45 -20.56
N GLU C 149 37.09 19.41 -19.42
CA GLU C 149 37.40 18.44 -18.39
C GLU C 149 36.52 17.20 -18.47
N VAL C 150 35.29 17.33 -18.98
CA VAL C 150 34.35 16.22 -19.04
C VAL C 150 33.63 16.24 -20.38
N ILE C 151 33.53 15.08 -21.01
CA ILE C 151 32.62 14.87 -22.13
C ILE C 151 31.54 13.89 -21.65
N VAL C 152 30.31 14.36 -21.64
CA VAL C 152 29.19 13.53 -21.21
C VAL C 152 28.77 12.63 -22.36
N LEU C 153 28.62 11.34 -22.09
CA LEU C 153 28.19 10.36 -23.08
C LEU C 153 27.07 9.53 -22.45
N ASN C 154 25.82 9.91 -22.73
CA ASN C 154 24.65 9.22 -22.20
C ASN C 154 24.22 8.19 -23.24
N THR C 155 24.55 6.93 -23.01
CA THR C 155 24.24 5.85 -23.93
C THR C 155 23.83 4.59 -23.17
N PRO C 156 22.65 4.02 -23.42
CA PRO C 156 21.58 4.48 -24.34
C PRO C 156 21.07 5.88 -23.99
N GLN C 157 20.66 6.65 -25.00
CA GLN C 157 20.27 8.03 -24.77
C GLN C 157 18.87 8.13 -24.20
N ASN C 158 18.72 9.02 -23.22
CA ASN C 158 17.43 9.55 -22.83
C ASN C 158 17.33 10.94 -23.42
N PRO C 159 16.34 11.26 -24.26
CA PRO C 159 15.08 10.59 -24.59
C PRO C 159 15.03 9.74 -25.87
N SER C 160 16.10 9.71 -26.67
CA SER C 160 15.99 9.11 -28.00
C SER C 160 16.01 7.58 -27.97
N GLY C 161 16.73 6.98 -27.03
CA GLY C 161 16.92 5.54 -27.06
C GLY C 161 18.02 5.08 -27.99
N VAL C 162 18.80 6.00 -28.54
CA VAL C 162 19.87 5.68 -29.47
C VAL C 162 21.06 5.12 -28.70
N VAL C 163 21.66 4.06 -29.23
CA VAL C 163 22.89 3.48 -28.70
C VAL C 163 24.05 3.98 -29.54
N CYS C 164 25.09 4.50 -28.90
CA CYS C 164 26.26 4.96 -29.64
C CYS C 164 26.98 3.76 -30.26
N SER C 165 27.34 3.87 -31.53
CA SER C 165 27.98 2.77 -32.20
C SER C 165 29.40 2.57 -31.66
N GLU C 166 29.98 1.42 -32.00
CA GLU C 166 31.34 1.13 -31.54
C GLU C 166 32.35 2.10 -32.14
N THR C 167 32.12 2.54 -33.37
CA THR C 167 33.03 3.51 -33.99
C THR C 167 32.82 4.92 -33.47
N GLU C 168 31.57 5.28 -33.11
CA GLU C 168 31.34 6.56 -32.46
C GLU C 168 32.04 6.64 -31.11
N ILE C 169 31.98 5.55 -30.34
CA ILE C 169 32.66 5.52 -29.04
C ILE C 169 34.16 5.69 -29.23
N GLN C 170 34.75 4.98 -30.20
CA GLN C 170 36.19 5.12 -30.41
C GLN C 170 36.56 6.53 -30.83
N SER C 171 35.71 7.19 -31.60
CA SER C 171 36.04 8.56 -32.01
C SER C 171 35.95 9.51 -30.83
N ILE C 172 34.99 9.29 -29.93
CA ILE C 172 34.88 10.12 -28.72
C ILE C 172 36.07 9.87 -27.80
N ILE C 173 36.46 8.60 -27.63
CA ILE C 173 37.62 8.26 -26.80
C ILE C 173 38.87 8.95 -27.32
N GLU C 174 39.01 9.05 -28.65
CA GLU C 174 40.21 9.65 -29.22
C GLU C 174 40.22 11.16 -29.05
N ILE C 175 39.07 11.80 -29.18
CA ILE C 175 39.00 13.24 -28.95
C ILE C 175 39.27 13.54 -27.47
N ALA C 176 38.76 12.67 -26.58
CA ALA C 176 38.96 12.90 -25.15
C ALA C 176 40.40 12.61 -24.73
N GLU C 177 41.00 11.54 -25.25
CA GLU C 177 42.38 11.22 -24.89
C GLU C 177 43.37 12.24 -25.45
N LYS C 178 43.01 12.93 -26.53
CA LYS C 178 43.90 13.92 -27.13
C LYS C 178 43.86 15.25 -26.38
N HIS C 179 42.77 15.53 -25.68
CA HIS C 179 42.62 16.76 -24.91
C HIS C 179 42.63 16.52 -23.40
N ASN C 180 42.94 15.29 -22.97
CA ASN C 180 43.00 14.92 -21.55
C ASN C 180 41.67 15.20 -20.84
N ALA C 181 40.57 14.92 -21.52
CA ALA C 181 39.23 15.05 -20.96
C ALA C 181 38.69 13.68 -20.57
N GLU C 182 38.01 13.62 -19.43
CA GLU C 182 37.37 12.38 -19.03
C GLU C 182 36.03 12.23 -19.74
N ILE C 183 35.56 10.99 -19.84
CA ILE C 183 34.27 10.68 -20.44
C ILE C 183 33.36 10.20 -19.32
N LEU C 184 32.29 10.95 -19.06
CA LEU C 184 31.28 10.55 -18.09
C LEU C 184 30.21 9.78 -18.85
N ALA C 185 30.24 8.46 -18.73
CA ALA C 185 29.34 7.57 -19.47
C ALA C 185 28.13 7.26 -18.60
N ASP C 186 27.02 7.93 -18.87
CA ASP C 186 25.76 7.67 -18.17
C ASP C 186 25.13 6.46 -18.84
N GLU C 187 25.34 5.27 -18.26
CA GLU C 187 24.87 4.01 -18.82
C GLU C 187 23.60 3.50 -18.13
N HIS C 188 22.72 4.43 -17.74
CA HIS C 188 21.52 4.10 -16.99
C HIS C 188 20.70 3.00 -17.66
N TYR C 189 20.58 3.04 -18.99
CA TYR C 189 19.63 2.19 -19.70
C TYR C 189 20.28 0.99 -20.38
N ARG C 190 21.51 0.65 -20.01
CA ARG C 190 22.21 -0.49 -20.60
C ARG C 190 21.52 -1.81 -20.33
N PHE C 191 20.59 -1.85 -19.37
CA PHE C 191 19.97 -3.11 -18.98
C PHE C 191 18.84 -3.53 -19.89
N LEU C 192 18.37 -2.66 -20.79
CA LEU C 192 17.23 -2.97 -21.65
C LEU C 192 17.58 -2.74 -23.12
N PRO C 193 18.42 -3.59 -23.70
CA PRO C 193 18.53 -3.61 -25.16
C PRO C 193 17.21 -4.07 -25.76
N HIS C 194 16.96 -3.65 -27.00
CA HIS C 194 15.72 -4.01 -27.67
C HIS C 194 15.93 -5.20 -28.63
N ILE C 200 22.30 -7.77 -21.57
CA ILE C 200 22.49 -6.34 -21.30
C ILE C 200 23.65 -5.79 -22.13
N LEU C 201 23.65 -4.49 -22.36
CA LEU C 201 24.74 -3.87 -23.09
C LEU C 201 25.98 -3.80 -22.22
N PRO C 202 27.16 -4.02 -22.79
CA PRO C 202 28.38 -4.00 -21.98
C PRO C 202 28.70 -2.59 -21.51
N SER C 203 29.28 -2.51 -20.30
CA SER C 203 29.71 -1.21 -19.78
C SER C 203 30.88 -0.68 -20.59
N LEU C 204 30.95 0.64 -20.71
CA LEU C 204 32.08 1.25 -21.40
C LEU C 204 33.31 1.33 -20.51
N TYR C 205 33.18 0.99 -19.23
CA TYR C 205 34.30 1.13 -18.32
C TYR C 205 35.41 0.17 -18.74
N GLY C 206 36.64 0.67 -18.76
CA GLY C 206 37.78 -0.11 -19.20
C GLY C 206 38.14 0.07 -20.66
N LEU C 207 37.24 0.63 -21.48
CA LEU C 207 37.58 0.82 -22.88
C LEU C 207 38.64 1.89 -23.05
N SER C 208 38.76 2.78 -22.06
CA SER C 208 39.74 3.84 -22.04
C SER C 208 39.92 4.26 -20.59
N PRO C 209 41.14 4.63 -20.18
CA PRO C 209 41.33 5.09 -18.80
C PRO C 209 40.56 6.37 -18.48
N LYS C 210 40.05 7.06 -19.51
CA LYS C 210 39.37 8.33 -19.34
C LYS C 210 37.89 8.17 -19.06
N ILE C 211 37.36 6.95 -19.13
CA ILE C 211 35.93 6.71 -19.04
C ILE C 211 35.56 6.47 -17.58
N ILE C 212 34.64 7.28 -17.07
CA ILE C 212 33.98 7.06 -15.79
C ILE C 212 32.55 6.64 -16.09
N SER C 213 32.08 5.59 -15.43
CA SER C 213 30.79 5.00 -15.74
C SER C 213 29.80 5.22 -14.62
N LEU C 214 28.56 5.54 -15.00
CA LEU C 214 27.43 5.68 -14.10
C LEU C 214 26.41 4.61 -14.44
N GLY C 215 25.87 3.97 -13.40
CA GLY C 215 24.84 2.97 -13.60
C GLY C 215 23.80 3.07 -12.50
N SER C 216 22.69 2.37 -12.70
CA SER C 216 21.65 2.41 -11.69
C SER C 216 20.64 1.31 -11.95
N THR C 217 20.01 0.84 -10.88
CA THR C 217 18.91 -0.10 -10.98
C THR C 217 17.59 0.57 -11.30
N GLY C 218 17.47 1.87 -11.05
CA GLY C 218 16.18 2.54 -11.02
C GLY C 218 15.26 2.44 -12.22
N CYS C 220 15.35 0.74 -15.07
CA CYS C 220 15.19 -0.50 -15.83
C CYS C 220 14.54 -1.66 -15.07
N PHE C 221 14.55 -1.59 -13.74
CA PHE C 221 14.18 -2.74 -12.92
C PHE C 221 12.87 -2.55 -12.17
N GLY C 222 12.14 -1.47 -12.42
CA GLY C 222 10.90 -1.25 -11.70
C GLY C 222 11.07 -0.87 -10.24
N CYS C 223 12.16 -0.19 -9.90
CA CYS C 223 12.38 0.22 -8.51
C CYS C 223 13.11 1.55 -8.47
N ILE C 224 12.61 2.53 -9.22
CA ILE C 224 13.23 3.86 -9.26
C ILE C 224 13.28 4.48 -7.87
N GLY C 225 12.30 4.17 -7.03
CA GLY C 225 12.21 4.78 -5.72
C GLY C 225 13.26 4.34 -4.72
N LEU C 226 13.99 3.24 -5.01
CA LEU C 226 15.03 2.78 -4.10
C LEU C 226 16.16 3.80 -3.98
N ARG C 227 16.37 4.63 -5.00
CA ARG C 227 17.41 5.65 -5.02
C ARG C 227 18.80 5.03 -4.85
N ILE C 228 19.12 4.11 -5.75
CA ILE C 228 20.43 3.46 -5.77
C ILE C 228 21.07 3.71 -7.12
N GLY C 229 22.23 4.36 -7.11
CA GLY C 229 23.07 4.46 -8.29
C GLY C 229 24.50 4.14 -7.92
N TRP C 230 25.36 4.18 -8.93
CA TRP C 230 26.76 3.91 -8.67
C TRP C 230 27.63 4.63 -9.69
N LEU C 231 28.86 4.91 -9.27
CA LEU C 231 29.89 5.46 -10.13
C LEU C 231 31.04 4.46 -10.19
N ILE C 232 31.61 4.29 -11.37
CA ILE C 232 32.73 3.38 -11.58
C ILE C 232 33.89 4.19 -12.13
N GLY C 233 35.01 4.18 -11.42
CA GLY C 233 36.16 4.96 -11.86
C GLY C 233 37.45 4.42 -11.28
N ASN C 234 38.55 5.06 -11.69
CA ASN C 234 39.86 4.70 -11.19
C ASN C 234 39.95 5.01 -9.70
N PRO C 235 40.95 4.47 -9.00
CA PRO C 235 41.00 4.66 -7.54
C PRO C 235 41.02 6.12 -7.10
N GLU C 236 41.61 7.02 -7.89
CA GLU C 236 41.74 8.40 -7.44
C GLU C 236 40.42 9.16 -7.56
N ILE C 237 39.67 8.93 -8.64
CA ILE C 237 38.37 9.60 -8.72
C ILE C 237 37.42 9.03 -7.67
N ILE C 238 37.54 7.74 -7.36
CA ILE C 238 36.68 7.14 -6.33
C ILE C 238 36.98 7.74 -4.97
N LYS C 239 38.26 7.88 -4.63
CA LYS C 239 38.63 8.48 -3.36
C LYS C 239 38.14 9.92 -3.26
N ALA C 240 38.28 10.69 -4.34
CA ALA C 240 37.80 12.07 -4.33
C ALA C 240 36.28 12.11 -4.26
N CYS C 241 35.60 11.23 -4.99
CA CYS C 241 34.14 11.18 -4.92
C CYS C 241 33.67 10.68 -3.56
N HIS C 242 34.36 9.68 -3.01
CA HIS C 242 34.00 9.18 -1.68
C HIS C 242 34.14 10.29 -0.64
N PHE C 243 35.22 11.08 -0.73
CA PHE C 243 35.43 12.16 0.23
C PHE C 243 34.29 13.17 0.17
N PHE C 244 33.92 13.61 -1.04
CA PHE C 244 32.91 14.65 -1.12
C PHE C 244 31.52 14.12 -0.81
N LYS C 245 31.33 12.79 -0.84
CA LYS C 245 30.05 12.20 -0.45
C LYS C 245 29.68 12.50 0.99
N ASP C 246 30.67 12.78 1.85
CA ASP C 246 30.38 13.13 3.24
C ASP C 246 29.56 14.42 3.35
N TYR C 247 29.50 15.22 2.30
CA TYR C 247 28.82 16.51 2.35
C TYR C 247 27.55 16.55 1.51
N THR C 248 27.15 15.44 0.91
CA THR C 248 25.86 15.34 0.23
C THR C 248 24.92 14.47 1.04
N THR C 249 25.19 13.16 1.14
CA THR C 249 24.35 12.25 1.90
C THR C 249 25.11 11.31 2.81
N HIS C 250 26.44 11.39 2.86
CA HIS C 250 27.29 10.53 3.67
C HIS C 250 27.21 9.08 3.21
N THR C 251 26.09 8.41 3.51
CA THR C 251 25.91 7.02 3.11
C THR C 251 24.51 6.84 2.55
N VAL C 252 24.35 5.79 1.74
CA VAL C 252 23.04 5.35 1.27
C VAL C 252 22.52 4.29 2.23
N CYS C 253 21.20 4.15 2.33
CA CYS C 253 20.62 3.25 3.31
C CYS C 253 21.04 1.81 3.05
N VAL C 254 21.30 1.08 4.14
CA VAL C 254 21.65 -0.34 4.03
C VAL C 254 20.49 -1.13 3.45
N LEU C 255 19.25 -0.68 3.69
CA LEU C 255 18.08 -1.41 3.21
C LEU C 255 17.97 -1.32 1.69
N ASN C 256 17.99 -0.10 1.14
CA ASN C 256 17.95 0.06 -0.32
C ASN C 256 19.15 -0.59 -0.98
N ASP C 257 20.33 -0.41 -0.40
CA ASP C 257 21.53 -1.09 -0.87
C ASP C 257 21.29 -2.59 -1.00
N TYR C 258 20.79 -3.22 0.06
CA TYR C 258 20.61 -4.67 0.04
C TYR C 258 19.58 -5.09 -0.99
N ILE C 259 18.46 -4.36 -1.10
CA ILE C 259 17.42 -4.72 -2.05
C ILE C 259 17.93 -4.55 -3.49
N ALA C 260 18.64 -3.44 -3.75
CA ALA C 260 19.13 -3.19 -5.09
C ALA C 260 20.13 -4.25 -5.52
N ALA C 261 20.95 -4.76 -4.59
CA ALA C 261 21.87 -5.83 -4.92
C ALA C 261 21.10 -7.09 -5.34
N GLY C 262 20.08 -7.45 -4.58
CA GLY C 262 19.28 -8.61 -4.94
C GLY C 262 18.53 -8.44 -6.24
N VAL C 263 18.17 -7.20 -6.57
CA VAL C 263 17.58 -6.91 -7.88
C VAL C 263 18.56 -7.31 -8.99
N LEU C 264 19.82 -6.91 -8.84
CA LEU C 264 20.85 -7.21 -9.83
C LEU C 264 21.14 -8.71 -9.90
N LEU C 265 21.23 -9.36 -8.74
CA LEU C 265 21.52 -10.79 -8.71
C LEU C 265 20.41 -11.64 -9.30
N HIS C 266 19.20 -11.11 -9.41
CA HIS C 266 18.07 -11.81 -10.01
C HIS C 266 17.50 -11.06 -11.20
N LYS C 267 18.37 -10.36 -11.94
CA LYS C 267 17.94 -9.54 -13.08
C LYS C 267 17.20 -10.36 -14.12
N GLY C 268 17.52 -11.66 -14.25
CA GLY C 268 16.84 -12.51 -15.21
C GLY C 268 15.39 -12.75 -14.90
N LYS C 269 14.96 -12.45 -13.68
CA LYS C 269 13.55 -12.52 -13.29
C LYS C 269 12.82 -11.20 -13.51
N ILE C 270 13.52 -10.16 -13.96
CA ILE C 270 12.95 -8.82 -14.04
C ILE C 270 13.10 -8.26 -15.43
N LEU C 271 14.32 -8.24 -15.95
CA LEU C 271 14.59 -7.57 -17.23
C LEU C 271 13.90 -8.24 -18.42
N PRO C 272 13.86 -9.57 -18.55
CA PRO C 272 13.19 -10.14 -19.74
C PRO C 272 11.72 -9.75 -19.86
N ARG C 273 11.00 -9.65 -18.75
CA ARG C 273 9.61 -9.25 -18.80
C ARG C 273 9.47 -7.83 -19.34
N TYR C 274 10.30 -6.90 -18.85
CA TYR C 274 10.25 -5.53 -19.33
C TYR C 274 10.69 -5.42 -20.79
N ARG C 275 11.67 -6.22 -21.20
CA ARG C 275 12.04 -6.26 -22.62
C ARG C 275 10.87 -6.67 -23.48
N GLN C 276 10.09 -7.66 -23.03
CA GLN C 276 8.90 -8.07 -23.76
C GLN C 276 7.90 -6.92 -23.87
N MET C 277 7.69 -6.19 -22.77
CA MET C 277 6.77 -5.05 -22.81
C MET C 277 7.25 -3.99 -23.79
N ILE C 278 8.54 -3.69 -23.77
CA ILE C 278 9.08 -2.63 -24.61
C ILE C 278 9.02 -3.03 -26.07
N GLN C 279 9.29 -4.29 -26.37
CA GLN C 279 9.23 -4.75 -27.75
C GLN C 279 7.80 -4.76 -28.27
N HIS C 280 6.84 -5.11 -27.39
CA HIS C 280 5.44 -5.00 -27.79
C HIS C 280 5.05 -3.55 -28.04
N ASN C 281 5.50 -2.63 -27.18
CA ASN C 281 5.14 -1.23 -27.36
C ASN C 281 5.85 -0.60 -28.54
N ILE C 282 7.07 -1.05 -28.85
CA ILE C 282 7.74 -0.59 -30.06
C ILE C 282 6.94 -0.97 -31.30
N GLN C 283 6.45 -2.20 -31.35
CA GLN C 283 5.64 -2.56 -32.50
C GLN C 283 4.33 -1.77 -32.54
N GLN C 284 3.72 -1.55 -31.38
CA GLN C 284 2.50 -0.76 -31.34
C GLN C 284 2.74 0.65 -31.86
N PHE C 285 3.91 1.22 -31.55
CA PHE C 285 4.19 2.55 -32.06
C PHE C 285 4.52 2.52 -33.54
N GLU C 286 5.12 1.43 -34.03
CA GLU C 286 5.36 1.30 -35.47
C GLU C 286 4.04 1.18 -36.21
N THR C 287 3.10 0.41 -35.67
CA THR C 287 1.74 0.38 -36.21
C THR C 287 1.12 1.77 -36.17
N PHE C 288 1.33 2.50 -35.07
CA PHE C 288 0.79 3.85 -34.96
C PHE C 288 1.41 4.78 -35.99
N ILE C 289 2.70 4.59 -36.28
CA ILE C 289 3.35 5.39 -37.31
C ILE C 289 2.70 5.15 -38.67
N LYS C 290 2.40 3.90 -39.00
CA LYS C 290 1.74 3.60 -40.27
C LYS C 290 0.34 4.20 -40.32
N GLN C 291 -0.38 4.16 -39.20
CA GLN C 291 -1.74 4.70 -39.17
C GLN C 291 -1.74 6.22 -39.35
N GLN C 292 -0.68 6.90 -38.94
CA GLN C 292 -0.61 8.35 -39.08
C GLN C 292 -0.04 8.79 -40.43
N ARG C 293 0.48 7.84 -41.21
CA ARG C 293 0.81 8.04 -42.63
C ARG C 293 1.76 9.24 -42.82
N GLY C 294 2.90 9.17 -42.14
CA GLY C 294 3.94 10.16 -42.30
C GLY C 294 3.82 11.40 -41.43
N LEU C 295 2.69 11.59 -40.75
CA LEU C 295 2.57 12.74 -39.87
C LEU C 295 3.48 12.60 -38.64
N ILE C 296 3.67 11.38 -38.17
CA ILE C 296 4.54 11.10 -37.02
C ILE C 296 5.68 10.21 -37.50
N ASP C 297 6.89 10.54 -37.06
CA ASP C 297 8.06 9.70 -37.33
C ASP C 297 8.90 9.61 -36.07
N TRP C 298 9.94 8.81 -36.12
CA TRP C 298 10.90 8.74 -35.03
C TRP C 298 12.21 8.19 -35.56
N VAL C 299 13.27 8.45 -34.79
CA VAL C 299 14.48 7.65 -34.86
C VAL C 299 14.20 6.43 -33.98
N LYS C 300 14.10 5.25 -34.59
CA LYS C 300 13.72 4.08 -33.83
C LYS C 300 14.72 3.85 -32.70
N PRO C 301 14.27 3.76 -31.46
CA PRO C 301 15.19 3.53 -30.34
C PRO C 301 15.83 2.15 -30.44
N GLU C 302 17.04 2.06 -29.89
CA GLU C 302 17.78 0.80 -29.86
C GLU C 302 17.81 0.17 -28.48
N ALA C 303 17.67 0.96 -27.42
CA ALA C 303 17.71 0.42 -26.08
C ALA C 303 17.09 1.42 -25.13
N GLY C 304 16.72 0.92 -23.96
CA GLY C 304 16.20 1.78 -22.92
C GLY C 304 14.69 1.70 -22.81
N THR C 305 14.15 2.73 -22.17
CA THR C 305 12.78 2.73 -21.72
C THR C 305 11.93 3.80 -22.38
N ILE C 306 12.51 4.59 -23.28
CA ILE C 306 11.85 5.76 -23.83
C ILE C 306 12.10 5.85 -25.33
N ALA C 307 11.23 6.61 -25.99
CA ALA C 307 11.40 6.96 -27.39
C ALA C 307 11.09 8.44 -27.55
N PHE C 308 11.66 9.06 -28.58
CA PHE C 308 11.49 10.49 -28.85
C PHE C 308 10.94 10.72 -30.24
N PRO C 309 9.71 10.27 -30.52
CA PRO C 309 9.12 10.53 -31.83
C PRO C 309 8.84 12.01 -32.04
N PHE C 310 8.49 12.35 -33.27
CA PHE C 310 8.27 13.75 -33.61
C PHE C 310 7.17 13.87 -34.65
N PHE C 311 6.50 15.01 -34.61
CA PHE C 311 5.59 15.41 -35.68
C PHE C 311 6.38 15.99 -36.84
N THR C 312 6.07 15.57 -38.06
CA THR C 312 6.70 16.13 -39.25
C THR C 312 6.04 17.42 -39.73
N ASP C 313 5.10 17.98 -38.96
CA ASP C 313 4.42 19.21 -39.34
C ASP C 313 4.88 20.36 -38.46
N PRO C 314 5.56 21.37 -39.02
CA PRO C 314 6.14 22.44 -38.19
C PRO C 314 5.13 23.32 -37.47
N ASN C 315 3.83 23.05 -37.57
CA ASN C 315 2.83 23.95 -37.01
C ASN C 315 2.25 23.43 -35.71
N ILE C 316 2.16 22.13 -35.55
CA ILE C 316 1.66 21.56 -34.31
C ILE C 316 2.73 21.66 -33.24
N ASN C 317 2.32 22.03 -32.04
CA ASN C 317 3.20 22.20 -30.90
C ASN C 317 2.93 21.05 -29.96
N SER C 318 3.97 20.26 -29.64
CA SER C 318 3.76 19.12 -28.77
C SER C 318 3.27 19.57 -27.40
N LYS C 319 3.60 20.80 -27.01
CA LYS C 319 3.17 21.32 -25.72
C LYS C 319 1.65 21.47 -25.68
N ILE C 320 1.06 21.92 -26.78
CA ILE C 320 -0.40 22.07 -26.80
C ILE C 320 -1.08 20.73 -27.07
N VAL C 321 -0.47 19.87 -27.87
CA VAL C 321 -1.01 18.52 -28.07
C VAL C 321 -1.02 17.76 -26.75
N ALA C 322 0.07 17.82 -26.01
CA ALA C 322 0.13 17.13 -24.72
C ALA C 322 -0.84 17.76 -23.73
N LYS C 323 -0.96 19.09 -23.73
CA LYS C 323 -1.92 19.75 -22.86
C LYS C 323 -3.33 19.26 -23.14
N ARG C 324 -3.70 19.22 -24.42
CA ARG C 324 -5.03 18.76 -24.80
C ARG C 324 -5.20 17.29 -24.48
N LEU C 325 -4.12 16.52 -24.59
CA LEU C 325 -4.19 15.08 -24.34
C LEU C 325 -4.38 14.76 -22.86
N VAL C 326 -3.70 15.50 -21.98
CA VAL C 326 -3.77 15.17 -20.57
C VAL C 326 -5.07 15.67 -19.95
N GLU C 327 -5.61 16.78 -20.42
CA GLU C 327 -6.86 17.29 -19.85
C GLU C 327 -8.08 16.54 -20.36
N ASP C 328 -8.10 16.18 -21.65
CA ASP C 328 -9.26 15.52 -22.23
C ASP C 328 -9.27 14.01 -22.04
N HIS C 329 -8.11 13.38 -21.85
CA HIS C 329 -8.05 11.94 -21.79
C HIS C 329 -7.18 11.41 -20.64
N GLY C 330 -6.54 12.27 -19.87
CA GLY C 330 -5.69 11.81 -18.79
C GLY C 330 -4.42 11.12 -19.24
N VAL C 331 -4.02 11.31 -20.49
CA VAL C 331 -2.81 10.69 -21.05
C VAL C 331 -1.70 11.73 -21.01
N LEU C 332 -0.59 11.40 -20.36
CA LEU C 332 0.54 12.31 -20.25
C LEU C 332 1.67 11.88 -21.17
N LEU C 333 2.00 12.73 -22.13
CA LEU C 333 3.24 12.63 -22.89
C LEU C 333 4.12 13.82 -22.52
N LEU C 334 5.43 13.62 -22.56
CA LEU C 334 6.36 14.70 -22.23
C LEU C 334 6.61 15.51 -23.49
N PRO C 335 6.18 16.78 -23.54
CA PRO C 335 6.41 17.58 -24.74
C PRO C 335 7.89 17.87 -24.96
N GLY C 336 8.27 17.98 -26.24
CA GLY C 336 9.67 18.10 -26.60
C GLY C 336 10.34 19.37 -26.15
N GLU C 337 9.58 20.40 -25.78
CA GLU C 337 10.19 21.61 -25.24
C GLU C 337 11.00 21.34 -23.99
N ALA C 338 10.62 20.31 -23.22
CA ALA C 338 11.43 19.92 -22.07
C ALA C 338 12.84 19.56 -22.48
N PHE C 339 13.06 19.25 -23.76
CA PHE C 339 14.40 19.02 -24.30
C PHE C 339 14.76 20.05 -25.36
N ASP C 340 13.97 21.12 -25.49
CA ASP C 340 14.15 22.14 -26.53
C ASP C 340 14.12 21.51 -27.93
N ARG C 341 13.18 20.59 -28.13
CA ARG C 341 12.89 19.99 -29.44
C ARG C 341 11.37 20.06 -29.63
N PRO C 342 10.87 21.22 -30.06
CA PRO C 342 9.40 21.46 -30.01
C PRO C 342 8.55 20.47 -30.78
N SER C 343 9.03 19.91 -31.90
CA SER C 343 8.21 18.97 -32.67
C SER C 343 8.18 17.58 -32.07
N HIS C 344 9.07 17.28 -31.12
CA HIS C 344 9.17 15.95 -30.55
C HIS C 344 8.30 15.83 -29.31
N PHE C 345 8.14 14.59 -28.85
CA PHE C 345 7.58 14.28 -27.56
C PHE C 345 8.18 12.96 -27.11
N ARG C 346 8.39 12.83 -25.80
CA ARG C 346 8.94 11.60 -25.26
C ARG C 346 7.80 10.72 -24.80
N ILE C 347 7.94 9.42 -25.03
CA ILE C 347 6.91 8.45 -24.66
C ILE C 347 7.58 7.29 -23.97
N ALA C 348 7.00 6.84 -22.87
CA ALA C 348 7.53 5.72 -22.11
C ALA C 348 7.16 4.41 -22.80
N LEU C 349 8.16 3.53 -22.96
CA LEU C 349 7.94 2.22 -23.54
C LEU C 349 7.77 1.11 -22.51
N GLY C 350 8.16 1.36 -21.26
CA GLY C 350 8.09 0.35 -20.23
C GLY C 350 6.81 0.42 -19.43
N VAL C 351 5.69 0.66 -20.10
CA VAL C 351 4.39 0.67 -19.46
C VAL C 351 3.62 -0.54 -19.96
N GLU C 352 2.56 -0.87 -19.25
CA GLU C 352 1.70 -1.96 -19.68
C GLU C 352 1.24 -1.67 -21.11
N PRO C 353 1.36 -2.62 -22.04
CA PRO C 353 1.00 -2.34 -23.43
C PRO C 353 -0.43 -1.90 -23.65
N SER C 354 -1.36 -2.27 -22.75
CA SER C 354 -2.73 -1.77 -22.87
C SER C 354 -2.79 -0.27 -22.60
N LEU C 355 -2.09 0.21 -21.58
CA LEU C 355 -2.07 1.64 -21.34
C LEU C 355 -1.38 2.38 -22.48
N PHE C 356 -0.31 1.78 -23.02
CA PHE C 356 0.40 2.35 -24.16
C PHE C 356 -0.54 2.49 -25.35
N GLN C 357 -1.23 1.41 -25.72
CA GLN C 357 -2.14 1.46 -26.86
C GLN C 357 -3.31 2.40 -26.59
N TYR C 358 -3.83 2.40 -25.37
CA TYR C 358 -4.86 3.37 -25.01
C TYR C 358 -4.37 4.79 -25.25
N ALA C 359 -3.11 5.05 -24.88
CA ALA C 359 -2.53 6.38 -25.06
C ALA C 359 -2.42 6.75 -26.54
N LEU C 360 -1.98 5.81 -27.37
CA LEU C 360 -1.86 6.09 -28.80
C LEU C 360 -3.23 6.37 -29.42
N GLU C 361 -4.25 5.61 -29.00
CA GLU C 361 -5.58 5.79 -29.56
C GLU C 361 -6.18 7.15 -29.17
N LYS C 362 -5.88 7.63 -27.96
CA LYS C 362 -6.31 8.96 -27.57
C LYS C 362 -5.46 10.03 -28.24
N LEU C 363 -4.18 9.74 -28.49
CA LEU C 363 -3.34 10.67 -29.24
C LEU C 363 -3.84 10.82 -30.67
N ALA C 364 -4.34 9.73 -31.26
CA ALA C 364 -4.93 9.82 -32.60
C ALA C 364 -6.18 10.69 -32.60
N ILE C 365 -6.95 10.67 -31.52
CA ILE C 365 -8.14 11.50 -31.44
C ILE C 365 -7.76 12.98 -31.40
N VAL C 366 -6.71 13.30 -30.64
CA VAL C 366 -6.25 14.68 -30.57
C VAL C 366 -5.68 15.13 -31.91
N ILE C 367 -4.99 14.24 -32.62
CA ILE C 367 -4.40 14.61 -33.91
C ILE C 367 -5.47 14.82 -34.97
N GLU C 368 -6.38 13.84 -35.12
CA GLU C 368 -7.41 13.91 -36.14
C GLU C 368 -8.21 15.20 -36.06
N THR C 369 -8.61 15.59 -34.86
CA THR C 369 -9.35 16.82 -34.66
C THR C 369 -8.42 17.98 -34.29
N VAL D 18 36.28 -1.38 14.83
CA VAL D 18 36.41 -1.80 16.22
C VAL D 18 35.04 -2.13 16.81
N PRO D 19 34.99 -3.18 17.64
CA PRO D 19 33.69 -3.61 18.20
C PRO D 19 33.15 -2.69 19.29
N TYR D 20 34.01 -1.94 19.97
CA TYR D 20 33.59 -1.11 21.09
C TYR D 20 33.76 0.36 20.72
N ASN D 21 32.87 0.81 19.85
CA ASN D 21 32.93 2.14 19.26
C ASN D 21 32.12 3.12 20.11
N LEU D 22 32.82 4.03 20.79
CA LEU D 22 32.17 5.09 21.54
C LEU D 22 32.41 6.45 20.90
N GLY D 23 32.92 6.49 19.67
CA GLY D 23 33.29 7.71 19.01
C GLY D 23 32.24 8.29 18.10
N GLU D 24 31.07 7.66 18.02
CA GLU D 24 29.99 8.12 17.17
C GLU D 24 29.03 9.01 17.96
N SER D 25 28.17 9.72 17.24
CA SER D 25 27.17 10.57 17.85
C SER D 25 25.76 9.99 17.78
N SER D 26 25.60 8.79 17.25
CA SER D 26 24.32 8.11 17.26
C SER D 26 24.21 7.19 18.47
N VAL D 27 22.98 6.79 18.78
CA VAL D 27 22.73 5.83 19.84
C VAL D 27 22.91 4.44 19.24
N ASP D 28 22.94 3.41 20.09
CA ASP D 28 23.05 2.05 19.59
C ASP D 28 21.92 1.75 18.61
N ASN D 29 22.27 1.36 17.40
CA ASN D 29 21.30 1.26 16.33
C ASN D 29 20.57 -0.07 16.36
N PHE D 30 19.29 -0.04 16.00
CA PHE D 30 18.51 -1.25 15.86
C PHE D 30 18.94 -2.02 14.62
N THR D 31 18.59 -3.30 14.59
CA THR D 31 18.37 -3.93 13.30
C THR D 31 16.99 -3.52 12.79
N LEU D 32 16.77 -3.70 11.49
CA LEU D 32 15.47 -3.36 10.93
C LEU D 32 14.35 -4.13 11.61
N GLY D 33 14.56 -5.42 11.86
CA GLY D 33 13.54 -6.21 12.54
C GLY D 33 13.27 -5.73 13.95
N GLU D 34 14.32 -5.37 14.69
CA GLU D 34 14.13 -4.81 16.03
C GLU D 34 13.30 -3.54 15.96
N LEU D 35 13.56 -2.69 14.96
CA LEU D 35 12.84 -1.43 14.84
C LEU D 35 11.38 -1.66 14.44
N LEU D 36 11.13 -2.50 13.43
CA LEU D 36 9.76 -2.74 13.00
C LEU D 36 8.92 -3.40 14.08
N ASN D 37 9.54 -4.23 14.92
CA ASN D 37 8.81 -4.81 16.05
C ASN D 37 8.33 -3.74 17.03
N LEU D 38 8.97 -2.58 17.05
CA LEU D 38 8.53 -1.48 17.91
C LEU D 38 7.54 -0.54 17.22
N THR D 39 7.68 -0.32 15.91
CA THR D 39 6.79 0.59 15.21
C THR D 39 5.56 -0.09 14.62
N GLY D 40 5.60 -1.40 14.45
CA GLY D 40 4.49 -2.13 13.86
C GLY D 40 4.34 -2.01 12.37
N ASP D 41 5.32 -1.43 11.67
CA ASP D 41 5.19 -1.09 10.26
C ASP D 41 5.56 -2.23 9.31
N ARG D 42 5.88 -3.42 9.83
CA ARG D 42 6.43 -4.47 8.99
C ARG D 42 5.46 -4.87 7.89
N ASP D 43 4.19 -5.11 8.25
CA ASP D 43 3.23 -5.62 7.29
C ASP D 43 2.90 -4.60 6.20
N ALA D 44 2.99 -3.30 6.51
CA ALA D 44 2.66 -2.29 5.52
C ALA D 44 3.73 -2.12 4.45
N LEU D 45 4.97 -2.51 4.73
CA LEU D 45 6.07 -2.27 3.79
C LEU D 45 5.84 -2.98 2.46
N ASP D 46 5.27 -4.19 2.49
CA ASP D 46 5.14 -4.97 1.26
C ASP D 46 4.21 -4.30 0.27
N GLN D 47 3.28 -3.46 0.73
CA GLN D 47 2.36 -2.80 -0.19
C GLN D 47 2.90 -1.50 -0.75
N LEU D 48 4.02 -1.00 -0.25
CA LEU D 48 4.54 0.27 -0.75
C LEU D 48 4.99 0.13 -2.19
N SER D 49 4.60 1.09 -3.03
CA SER D 49 5.04 1.14 -4.40
C SER D 49 6.45 1.71 -4.46
N LEU D 50 7.29 1.13 -5.32
CA LEU D 50 8.66 1.64 -5.49
C LEU D 50 8.77 2.71 -6.56
N MET D 51 7.65 3.31 -6.95
CA MET D 51 7.70 4.54 -7.71
C MET D 51 8.29 5.63 -6.84
N ASN D 52 8.55 6.79 -7.46
CA ASN D 52 9.13 7.91 -6.72
C ASN D 52 8.24 8.37 -5.58
N ASN D 53 8.86 8.59 -4.42
CA ASN D 53 8.18 9.14 -3.27
C ASN D 53 7.72 10.56 -3.57
N ASP D 54 6.80 11.05 -2.75
CA ASP D 54 6.48 12.48 -2.72
C ASP D 54 7.78 13.28 -2.60
N THR D 55 7.97 14.24 -3.50
CA THR D 55 9.25 14.96 -3.57
C THR D 55 9.48 15.88 -2.37
N HIS D 56 8.45 16.17 -1.58
CA HIS D 56 8.60 16.84 -0.29
C HIS D 56 8.73 15.84 0.85
N GLY D 57 8.72 14.56 0.56
CA GLY D 57 8.47 13.57 1.59
C GLY D 57 7.00 13.26 1.70
N SER D 58 6.70 12.04 2.15
CA SER D 58 5.32 11.59 2.21
C SER D 58 4.53 12.44 3.20
N LEU D 59 3.22 12.52 2.97
CA LEU D 59 2.36 13.24 3.89
C LEU D 59 2.37 12.58 5.28
N ARG D 60 2.47 11.25 5.31
CA ARG D 60 2.55 10.54 6.58
C ARG D 60 3.78 10.97 7.38
N LEU D 61 4.93 11.10 6.72
CA LEU D 61 6.13 11.55 7.41
C LEU D 61 6.03 13.02 7.79
N ARG D 62 5.57 13.87 6.86
CA ARG D 62 5.51 15.29 7.18
C ARG D 62 4.47 15.59 8.25
N GLU D 63 3.37 14.83 8.30
CA GLU D 63 2.42 15.02 9.39
C GLU D 63 3.00 14.54 10.72
N ALA D 64 3.76 13.44 10.70
CA ALA D 64 4.41 12.98 11.93
C ALA D 64 5.44 14.00 12.42
N ILE D 65 6.20 14.58 11.50
CA ILE D 65 7.15 15.64 11.86
C ILE D 65 6.42 16.86 12.38
N ALA D 66 5.36 17.28 11.68
CA ALA D 66 4.65 18.49 12.05
C ALA D 66 3.96 18.36 13.40
N SER D 67 3.49 17.16 13.75
CA SER D 67 2.79 16.99 15.02
C SER D 67 3.70 17.22 16.22
N LEU D 68 5.01 17.28 16.02
CA LEU D 68 5.92 17.51 17.14
C LEU D 68 5.87 18.94 17.66
N ASP D 69 5.41 19.90 16.87
CA ASP D 69 5.36 21.29 17.29
C ASP D 69 4.15 21.99 16.68
N LYS D 70 3.48 22.82 17.49
CA LYS D 70 2.31 23.54 16.99
C LYS D 70 2.69 24.58 15.95
N SER D 71 3.91 25.14 16.03
CA SER D 71 4.40 26.11 15.06
C SER D 71 4.75 25.50 13.70
N VAL D 72 4.74 24.18 13.58
CA VAL D 72 5.14 23.48 12.36
C VAL D 72 3.90 22.86 11.72
N SER D 73 3.67 23.18 10.45
CA SER D 73 2.64 22.54 9.66
C SER D 73 3.25 21.58 8.65
N PRO D 74 2.50 20.59 8.18
CA PRO D 74 3.06 19.62 7.22
C PRO D 74 3.60 20.26 5.95
N ASP D 75 3.14 21.46 5.60
CA ASP D 75 3.58 22.12 4.39
C ASP D 75 4.91 22.83 4.53
N ASP D 76 5.41 23.00 5.76
CA ASP D 76 6.68 23.68 5.99
C ASP D 76 7.88 22.76 5.92
N ILE D 77 7.69 21.49 5.55
CA ILE D 77 8.69 20.46 5.75
C ILE D 77 9.16 19.95 4.40
N LEU D 78 10.48 19.87 4.23
CA LEU D 78 11.09 19.21 3.09
C LEU D 78 11.93 18.05 3.62
N VAL D 79 11.55 16.83 3.24
CA VAL D 79 12.28 15.64 3.67
C VAL D 79 13.49 15.47 2.77
N THR D 80 14.64 15.16 3.38
CA THR D 80 15.91 14.99 2.68
C THR D 80 16.60 13.72 3.17
N ALA D 81 17.66 13.33 2.46
CA ALA D 81 18.47 12.15 2.79
C ALA D 81 19.48 12.53 3.87
N GLY D 82 18.99 12.57 5.11
CA GLY D 82 19.77 13.09 6.21
C GLY D 82 19.80 14.61 6.20
N THR D 83 20.20 15.17 7.34
CA THR D 83 20.37 16.62 7.42
C THR D 83 21.59 17.09 6.66
N THR D 84 22.52 16.19 6.33
CA THR D 84 23.65 16.57 5.49
C THR D 84 23.18 17.09 4.14
N GLU D 85 22.19 16.42 3.54
CA GLU D 85 21.63 16.93 2.29
C GLU D 85 20.92 18.25 2.50
N ALA D 86 20.12 18.35 3.57
CA ALA D 86 19.43 19.60 3.87
C ALA D 86 20.41 20.75 4.07
N ILE D 87 21.52 20.49 4.76
CA ILE D 87 22.52 21.53 4.98
C ILE D 87 23.10 22.01 3.65
N LEU D 88 23.46 21.06 2.78
CA LEU D 88 23.98 21.42 1.46
C LEU D 88 22.94 22.18 0.65
N ILE D 89 21.70 21.70 0.66
CA ILE D 89 20.65 22.32 -0.14
C ILE D 89 20.40 23.74 0.34
N TYR D 90 20.30 23.91 1.66
CA TYR D 90 19.98 25.23 2.21
C TYR D 90 21.08 26.24 1.91
N PHE D 91 22.33 25.88 2.18
CA PHE D 91 23.43 26.81 1.96
C PHE D 91 23.61 27.15 0.49
N LYS D 92 23.34 26.19 -0.41
CA LYS D 92 23.35 26.51 -1.84
C LYS D 92 22.29 27.54 -2.17
N VAL D 93 21.08 27.36 -1.64
CA VAL D 93 19.99 28.27 -1.96
C VAL D 93 20.32 29.69 -1.50
N ARG D 94 20.91 29.82 -0.32
CA ARG D 94 21.18 31.12 0.29
C ARG D 94 22.52 31.71 -0.12
N TYR D 95 23.29 31.06 -0.99
CA TYR D 95 24.61 31.57 -1.31
C TYR D 95 24.53 32.75 -2.28
N ARG D 96 25.35 33.75 -2.03
CA ARG D 96 25.55 34.84 -2.98
C ARG D 96 26.95 35.41 -2.75
N SER D 97 27.49 36.05 -3.77
CA SER D 97 28.86 36.56 -3.69
C SER D 97 29.04 37.49 -2.50
N GLY D 98 30.13 37.27 -1.76
CA GLY D 98 30.42 38.08 -0.59
C GLY D 98 29.68 37.72 0.68
N ALA D 99 28.86 36.68 0.66
CA ALA D 99 28.12 36.30 1.86
C ALA D 99 29.02 35.56 2.84
N ASN D 100 28.69 35.69 4.13
CA ASN D 100 29.40 34.96 5.16
C ASN D 100 28.41 34.24 6.06
N VAL D 101 28.91 33.21 6.74
CA VAL D 101 28.14 32.45 7.72
C VAL D 101 28.91 32.44 9.03
N VAL D 102 28.20 32.48 10.14
CA VAL D 102 28.78 32.40 11.48
C VAL D 102 28.50 31.02 12.03
N VAL D 103 29.56 30.29 12.37
CA VAL D 103 29.42 28.93 12.88
C VAL D 103 30.11 28.83 14.23
N PRO D 104 29.37 28.60 15.31
CA PRO D 104 30.02 28.29 16.59
C PRO D 104 30.65 26.90 16.54
N VAL D 105 31.91 26.83 16.95
CA VAL D 105 32.66 25.58 16.97
C VAL D 105 33.14 25.35 18.40
N PRO D 106 33.34 24.11 18.85
CA PRO D 106 33.20 22.85 18.10
C PRO D 106 31.75 22.52 17.73
N THR D 107 31.58 21.97 16.53
CA THR D 107 30.28 21.53 16.07
C THR D 107 30.50 20.49 14.98
N PHE D 108 29.40 19.93 14.48
CA PHE D 108 29.49 18.96 13.39
C PHE D 108 30.19 19.60 12.20
N HIS D 109 31.23 18.91 11.69
CA HIS D 109 32.13 19.54 10.72
C HIS D 109 31.40 20.01 9.47
N VAL D 110 30.34 19.29 9.08
CA VAL D 110 29.59 19.64 7.87
C VAL D 110 29.02 21.06 7.96
N LEU D 111 28.68 21.51 9.18
CA LEU D 111 28.02 22.81 9.36
C LEU D 111 28.92 23.96 8.95
N TYR D 112 30.24 23.79 9.00
CA TYR D 112 31.13 24.83 8.50
C TYR D 112 31.88 24.45 7.22
N GLU D 113 32.08 23.16 6.95
CA GLU D 113 32.83 22.79 5.75
C GLU D 113 31.97 22.88 4.48
N THR D 114 30.70 22.49 4.55
CA THR D 114 29.83 22.67 3.38
C THR D 114 29.68 24.13 2.98
N PRO D 115 29.44 25.09 3.89
CA PRO D 115 29.46 26.49 3.45
C PRO D 115 30.79 26.90 2.83
N ALA D 116 31.90 26.40 3.37
CA ALA D 116 33.21 26.72 2.79
C ALA D 116 33.32 26.21 1.36
N PHE D 117 32.86 24.97 1.12
CA PHE D 117 32.85 24.42 -0.24
C PHE D 117 32.00 25.25 -1.19
N LEU D 118 30.91 25.83 -0.69
CA LEU D 118 30.02 26.61 -1.54
C LEU D 118 30.49 28.04 -1.76
N GLY D 119 31.62 28.44 -1.18
CA GLY D 119 32.17 29.76 -1.39
C GLY D 119 31.89 30.77 -0.29
N TYR D 120 31.16 30.38 0.75
CA TYR D 120 30.91 31.28 1.87
C TYR D 120 32.20 31.64 2.59
N GLU D 121 32.24 32.86 3.11
CA GLU D 121 33.21 33.20 4.15
C GLU D 121 32.69 32.64 5.47
N VAL D 122 33.47 31.79 6.11
CA VAL D 122 33.07 31.13 7.35
C VAL D 122 33.74 31.84 8.52
N ARG D 123 32.94 32.41 9.40
CA ARG D 123 33.43 33.08 10.61
C ARG D 123 33.16 32.20 11.81
N TYR D 124 34.22 31.78 12.49
CA TYR D 124 34.11 30.83 13.59
C TYR D 124 33.92 31.58 14.91
N LEU D 125 32.92 31.15 15.67
CA LEU D 125 32.69 31.61 17.03
C LEU D 125 33.19 30.50 17.95
N GLN D 126 34.36 30.71 18.55
CA GLN D 126 35.01 29.65 19.33
C GLN D 126 34.27 29.43 20.64
N LEU D 127 33.64 28.27 20.79
CA LEU D 127 33.03 27.89 22.06
C LEU D 127 34.07 27.23 22.95
N ARG D 128 33.95 27.47 24.25
CA ARG D 128 35.00 27.10 25.18
C ARG D 128 34.41 26.48 26.43
N ALA D 129 35.14 25.49 26.97
CA ALA D 129 34.65 24.77 28.14
C ALA D 129 34.60 25.67 29.37
N GLU D 130 35.46 26.70 29.44
CA GLU D 130 35.43 27.59 30.58
C GLU D 130 34.14 28.42 30.62
N ASN D 131 33.48 28.62 29.48
CA ASN D 131 32.19 29.29 29.44
C ASN D 131 31.03 28.31 29.30
N GLY D 132 31.25 27.06 29.67
CA GLY D 132 30.19 26.07 29.53
C GLY D 132 29.77 25.81 28.11
N PHE D 133 30.64 26.12 27.14
CA PHE D 133 30.35 25.98 25.72
C PHE D 133 29.09 26.77 25.32
N ARG D 134 28.83 27.87 26.00
CA ARG D 134 27.65 28.67 25.77
C ARG D 134 27.97 29.86 24.87
N ILE D 135 26.96 30.31 24.14
CA ILE D 135 27.13 31.41 23.18
C ILE D 135 27.18 32.73 23.93
N ASP D 136 28.24 33.50 23.69
CA ASP D 136 28.36 34.83 24.26
C ASP D 136 27.73 35.84 23.31
N PRO D 137 26.67 36.55 23.70
CA PRO D 137 25.99 37.45 22.74
C PRO D 137 26.86 38.56 22.22
N GLN D 138 27.75 39.12 23.05
CA GLN D 138 28.58 40.22 22.59
C GLN D 138 29.66 39.74 21.64
N GLU D 139 30.09 38.47 21.77
CA GLU D 139 31.08 37.89 20.87
C GLU D 139 30.47 37.44 19.56
N LEU D 140 29.15 37.19 19.52
CA LEU D 140 28.50 36.86 18.25
C LEU D 140 28.28 38.11 17.41
N ALA D 141 27.92 39.22 18.04
CA ALA D 141 27.72 40.46 17.31
C ALA D 141 29.00 40.99 16.68
N LYS D 142 30.17 40.62 17.21
CA LYS D 142 31.42 41.04 16.60
C LYS D 142 31.77 40.21 15.36
N LEU D 143 31.01 39.16 15.07
CA LEU D 143 31.21 38.35 13.87
C LEU D 143 30.11 38.52 12.85
N VAL D 144 28.95 39.06 13.23
CA VAL D 144 27.80 39.20 12.35
C VAL D 144 27.81 40.61 11.80
N ASP D 145 27.82 40.73 10.47
CA ASP D 145 27.66 42.02 9.80
C ASP D 145 26.50 41.94 8.83
N ASP D 146 26.41 42.94 7.95
CA ASP D 146 25.30 43.00 7.00
C ASP D 146 25.42 41.95 5.89
N ASN D 147 26.60 41.35 5.72
CA ASN D 147 26.80 40.30 4.73
C ASN D 147 26.52 38.91 5.29
N THR D 148 26.25 38.79 6.58
CA THR D 148 25.95 37.48 7.17
C THR D 148 24.56 37.01 6.74
N GLU D 149 24.51 35.91 6.01
CA GLU D 149 23.24 35.34 5.58
C GLU D 149 22.75 34.23 6.48
N VAL D 150 23.64 33.52 7.17
CA VAL D 150 23.27 32.38 8.02
C VAL D 150 24.05 32.43 9.31
N ILE D 151 23.37 32.23 10.44
CA ILE D 151 23.99 31.95 11.73
C ILE D 151 23.63 30.53 12.10
N VAL D 152 24.64 29.67 12.24
CA VAL D 152 24.40 28.28 12.60
C VAL D 152 24.17 28.18 14.10
N LEU D 153 23.12 27.45 14.49
CA LEU D 153 22.76 27.25 15.89
C LEU D 153 22.50 25.76 16.10
N ASN D 154 23.52 25.04 16.57
CA ASN D 154 23.42 23.60 16.80
C ASN D 154 23.01 23.40 18.26
N THR D 155 21.73 23.09 18.48
CA THR D 155 21.26 22.88 19.85
C THR D 155 20.25 21.75 19.87
N PRO D 156 20.47 20.70 20.69
CA PRO D 156 21.64 20.44 21.56
C PRO D 156 22.95 20.37 20.78
N GLN D 157 24.05 20.77 21.39
CA GLN D 157 25.32 20.86 20.69
C GLN D 157 25.97 19.49 20.55
N ASN D 158 26.50 19.23 19.37
CA ASN D 158 27.48 18.17 19.15
C ASN D 158 28.83 18.85 19.03
N PRO D 159 29.83 18.52 19.88
CA PRO D 159 29.97 17.42 20.82
C PRO D 159 29.64 17.69 22.29
N SER D 160 29.31 18.93 22.66
CA SER D 160 29.23 19.25 24.08
C SER D 160 27.96 18.73 24.73
N GLY D 161 26.85 18.69 24.01
CA GLY D 161 25.57 18.39 24.62
C GLY D 161 24.91 19.56 25.31
N VAL D 162 25.44 20.76 25.13
CA VAL D 162 24.88 21.95 25.76
C VAL D 162 23.63 22.39 25.01
N VAL D 163 22.59 22.74 25.76
CA VAL D 163 21.37 23.33 25.22
C VAL D 163 21.43 24.83 25.42
N CYS D 164 21.26 25.59 24.35
CA CYS D 164 21.24 27.04 24.48
C CYS D 164 19.97 27.48 25.19
N SER D 165 20.14 28.33 26.19
CA SER D 165 19.02 28.82 26.97
C SER D 165 18.15 29.76 26.15
N GLU D 166 16.97 30.09 26.71
CA GLU D 166 16.05 31.02 26.05
C GLU D 166 16.67 32.39 25.88
N THR D 167 17.53 32.81 26.81
CA THR D 167 18.13 34.12 26.70
C THR D 167 19.23 34.14 25.64
N GLU D 168 19.96 33.03 25.49
CA GLU D 168 20.91 32.94 24.38
C GLU D 168 20.18 32.96 23.05
N ILE D 169 19.08 32.19 22.93
CA ILE D 169 18.34 32.13 21.69
C ILE D 169 17.69 33.47 21.36
N GLN D 170 17.02 34.08 22.35
CA GLN D 170 16.36 35.36 22.11
C GLN D 170 17.38 36.43 21.74
N SER D 171 18.59 36.36 22.31
CA SER D 171 19.62 37.32 21.93
C SER D 171 20.12 37.04 20.51
N ILE D 172 20.27 35.76 20.14
CA ILE D 172 20.67 35.44 18.77
C ILE D 172 19.56 35.84 17.80
N ILE D 173 18.31 35.59 18.17
CA ILE D 173 17.18 35.98 17.33
C ILE D 173 17.20 37.48 17.06
N GLU D 174 17.55 38.29 18.07
CA GLU D 174 17.55 39.74 17.88
C GLU D 174 18.76 40.19 17.08
N ILE D 175 19.91 39.54 17.28
CA ILE D 175 21.10 39.87 16.48
C ILE D 175 20.89 39.47 15.03
N ALA D 176 20.18 38.37 14.79
CA ALA D 176 19.94 37.94 13.42
C ALA D 176 18.93 38.85 12.72
N GLU D 177 17.87 39.24 13.43
CA GLU D 177 16.87 40.12 12.84
C GLU D 177 17.40 41.51 12.57
N LYS D 178 18.45 41.93 13.28
CA LYS D 178 19.03 43.25 13.06
C LYS D 178 19.93 43.31 11.84
N HIS D 179 20.50 42.18 11.44
CA HIS D 179 21.34 42.12 10.24
C HIS D 179 20.69 41.32 9.13
N ASN D 180 19.43 40.91 9.31
CA ASN D 180 18.68 40.12 8.33
C ASN D 180 19.42 38.84 7.94
N ALA D 181 20.00 38.19 8.93
CA ALA D 181 20.65 36.90 8.75
C ALA D 181 19.70 35.80 9.22
N GLU D 182 19.65 34.71 8.47
CA GLU D 182 18.81 33.60 8.89
C GLU D 182 19.52 32.77 9.94
N ILE D 183 18.73 32.06 10.74
CA ILE D 183 19.25 31.18 11.79
C ILE D 183 18.96 29.75 11.36
N LEU D 184 20.03 28.99 11.12
CA LEU D 184 19.91 27.57 10.79
C LEU D 184 20.00 26.79 12.10
N ALA D 185 18.85 26.34 12.60
CA ALA D 185 18.77 25.65 13.89
C ALA D 185 18.86 24.16 13.63
N ASP D 186 20.04 23.58 13.85
CA ASP D 186 20.23 22.14 13.73
C ASP D 186 19.77 21.48 15.03
N GLU D 187 18.52 21.01 15.03
CA GLU D 187 17.88 20.43 16.21
C GLU D 187 17.92 18.91 16.19
N HIS D 188 19.05 18.36 15.72
CA HIS D 188 19.18 16.92 15.55
C HIS D 188 18.86 16.15 16.84
N TYR D 189 19.31 16.67 17.98
CA TYR D 189 19.27 15.93 19.24
C TYR D 189 18.13 16.37 20.15
N ARG D 190 17.12 17.05 19.60
CA ARG D 190 16.00 17.51 20.41
C ARG D 190 15.19 16.37 21.01
N PHE D 191 15.36 15.16 20.51
CA PHE D 191 14.55 14.03 20.95
C PHE D 191 15.05 13.39 22.24
N LEU D 192 16.24 13.73 22.71
CA LEU D 192 16.82 13.11 23.90
C LEU D 192 17.22 14.16 24.91
N PRO D 193 16.24 14.81 25.56
CA PRO D 193 16.57 15.60 26.75
C PRO D 193 17.04 14.68 27.86
N HIS D 194 17.85 15.22 28.77
CA HIS D 194 18.35 14.41 29.87
C HIS D 194 17.54 14.62 31.14
N ASP D 195 17.64 15.79 31.75
CA ASP D 195 16.95 16.04 33.00
C ASP D 195 15.77 16.98 32.89
N GLN D 196 15.59 17.62 31.73
CA GLN D 196 14.36 18.39 31.50
C GLN D 196 13.15 17.47 31.63
N ASP D 197 12.07 18.01 32.19
CA ASP D 197 10.86 17.23 32.43
C ASP D 197 9.92 17.26 31.23
N THR D 198 10.47 16.99 30.06
CA THR D 198 9.69 16.91 28.82
C THR D 198 10.11 15.65 28.07
N GLU D 199 9.22 15.17 27.19
CA GLU D 199 9.58 14.02 26.38
C GLU D 199 10.61 14.38 25.33
N ILE D 200 10.43 15.53 24.67
CA ILE D 200 11.40 16.06 23.71
C ILE D 200 11.52 17.55 23.91
N LEU D 201 12.66 18.09 23.50
CA LEU D 201 12.87 19.54 23.56
C LEU D 201 12.06 20.24 22.47
N PRO D 202 11.51 21.41 22.75
CA PRO D 202 10.71 22.10 21.73
C PRO D 202 11.58 22.63 20.60
N SER D 203 11.02 22.59 19.40
CA SER D 203 11.70 23.13 18.23
C SER D 203 11.78 24.66 18.32
N LEU D 204 12.85 25.21 17.75
CA LEU D 204 12.95 26.66 17.70
C LEU D 204 12.15 27.26 16.56
N TYR D 205 11.57 26.44 15.69
CA TYR D 205 10.84 26.96 14.55
C TYR D 205 9.62 27.74 15.04
N GLY D 206 9.37 28.89 14.42
CA GLY D 206 8.30 29.75 14.84
C GLY D 206 8.69 30.81 15.86
N LEU D 207 9.85 30.68 16.51
CA LEU D 207 10.24 31.69 17.48
C LEU D 207 10.61 33.00 16.79
N SER D 208 11.00 32.93 15.51
CA SER D 208 11.34 34.10 14.72
C SER D 208 11.23 33.71 13.26
N PRO D 209 10.83 34.63 12.38
CA PRO D 209 10.76 34.29 10.95
C PRO D 209 12.10 33.94 10.33
N LYS D 210 13.21 34.21 11.00
CA LYS D 210 14.53 33.96 10.45
C LYS D 210 15.06 32.56 10.77
N ILE D 211 14.35 31.79 11.58
CA ILE D 211 14.83 30.48 12.02
C ILE D 211 14.37 29.43 11.02
N ILE D 212 15.33 28.68 10.48
CA ILE D 212 15.07 27.48 9.70
C ILE D 212 15.51 26.28 10.53
N SER D 213 14.62 25.30 10.67
CA SER D 213 14.87 24.16 11.53
C SER D 213 15.31 22.94 10.72
N LEU D 214 16.31 22.23 11.24
CA LEU D 214 16.75 20.95 10.72
C LEU D 214 16.49 19.88 11.78
N GLY D 215 15.93 18.76 11.35
CA GLY D 215 15.68 17.65 12.26
C GLY D 215 15.95 16.34 11.55
N SER D 216 16.00 15.28 12.36
CA SER D 216 16.24 13.95 11.83
C SER D 216 15.95 12.92 12.91
N THR D 217 15.55 11.73 12.45
CA THR D 217 15.38 10.59 13.35
C THR D 217 16.69 9.86 13.62
N GLY D 218 17.70 10.07 12.78
CA GLY D 218 18.88 9.22 12.76
C GLY D 218 19.64 9.03 14.06
N CYS D 220 18.99 9.94 17.25
CA CYS D 220 18.26 9.72 18.50
C CYS D 220 17.45 8.43 18.57
N PHE D 221 17.13 7.83 17.44
CA PHE D 221 16.19 6.71 17.40
C PHE D 221 16.82 5.37 17.03
N GLY D 222 18.14 5.29 16.91
CA GLY D 222 18.77 4.03 16.57
C GLY D 222 18.59 3.60 15.12
N CYS D 223 18.46 4.55 14.21
CA CYS D 223 18.29 4.22 12.79
C CYS D 223 18.99 5.27 11.94
N ILE D 224 20.25 5.56 12.26
CA ILE D 224 21.01 6.55 11.51
C ILE D 224 21.12 6.14 10.05
N GLY D 225 21.16 4.83 9.78
CA GLY D 225 21.31 4.34 8.42
C GLY D 225 20.11 4.57 7.53
N LEU D 226 18.95 4.92 8.09
CA LEU D 226 17.78 5.19 7.24
C LEU D 226 17.99 6.40 6.33
N ARG D 227 18.85 7.34 6.74
CA ARG D 227 19.13 8.55 5.96
C ARG D 227 17.85 9.36 5.74
N ILE D 228 17.21 9.74 6.85
CA ILE D 228 16.02 10.57 6.81
C ILE D 228 16.27 11.83 7.64
N GLY D 229 16.21 12.99 6.98
CA GLY D 229 16.21 14.26 7.68
C GLY D 229 15.13 15.17 7.12
N TRP D 230 15.06 16.37 7.69
CA TRP D 230 14.09 17.31 7.19
C TRP D 230 14.55 18.73 7.47
N LEU D 231 14.08 19.64 6.63
CA LEU D 231 14.26 21.07 6.78
C LEU D 231 12.89 21.70 6.98
N ILE D 232 12.78 22.63 7.92
CA ILE D 232 11.53 23.31 8.21
C ILE D 232 11.79 24.81 8.04
N GLY D 233 11.02 25.43 7.15
CA GLY D 233 11.19 26.85 6.85
C GLY D 233 9.93 27.41 6.23
N ASN D 234 9.98 28.71 5.93
CA ASN D 234 8.86 29.38 5.30
C ASN D 234 8.62 28.81 3.90
N PRO D 235 7.44 29.07 3.31
CA PRO D 235 7.16 28.47 1.99
C PRO D 235 8.17 28.84 0.93
N GLU D 236 8.81 30.00 1.00
CA GLU D 236 9.72 30.40 -0.06
C GLU D 236 11.05 29.67 0.03
N ILE D 237 11.59 29.48 1.23
CA ILE D 237 12.83 28.70 1.36
C ILE D 237 12.56 27.23 1.07
N ILE D 238 11.37 26.73 1.41
CA ILE D 238 11.03 25.34 1.10
C ILE D 238 10.98 25.14 -0.40
N LYS D 239 10.36 26.09 -1.12
CA LYS D 239 10.27 26.00 -2.58
C LYS D 239 11.65 26.02 -3.22
N ALA D 240 12.53 26.90 -2.75
CA ALA D 240 13.87 26.98 -3.32
C ALA D 240 14.68 25.72 -3.00
N CYS D 241 14.54 25.19 -1.77
CA CYS D 241 15.23 23.97 -1.42
C CYS D 241 14.67 22.77 -2.19
N HIS D 242 13.35 22.70 -2.33
CA HIS D 242 12.75 21.62 -3.11
C HIS D 242 13.28 21.61 -4.53
N PHE D 243 13.40 22.79 -5.15
CA PHE D 243 13.91 22.88 -6.52
C PHE D 243 15.32 22.32 -6.61
N PHE D 244 16.22 22.77 -5.73
CA PHE D 244 17.60 22.35 -5.90
C PHE D 244 17.83 20.91 -5.49
N LYS D 245 16.91 20.30 -4.72
CA LYS D 245 17.05 18.90 -4.37
C LYS D 245 17.00 17.97 -5.58
N ASP D 246 16.39 18.41 -6.69
CA ASP D 246 16.41 17.64 -7.92
C ASP D 246 17.81 17.41 -8.46
N TYR D 247 18.80 18.14 -7.97
CA TYR D 247 20.17 18.02 -8.44
C TYR D 247 21.10 17.39 -7.40
N THR D 248 20.56 16.98 -6.25
CA THR D 248 21.32 16.23 -5.26
C THR D 248 20.86 14.76 -5.23
N THR D 249 19.63 14.49 -4.80
CA THR D 249 19.12 13.13 -4.75
C THR D 249 17.70 12.97 -5.29
N HIS D 250 17.07 14.06 -5.73
CA HIS D 250 15.70 14.06 -6.23
C HIS D 250 14.70 13.71 -5.15
N THR D 251 14.64 12.43 -4.76
CA THR D 251 13.71 11.99 -3.73
C THR D 251 14.40 11.02 -2.78
N VAL D 252 13.82 10.86 -1.59
CA VAL D 252 14.20 9.81 -0.66
C VAL D 252 13.31 8.60 -0.91
N CYS D 253 13.82 7.42 -0.60
CA CYS D 253 13.06 6.20 -0.85
C CYS D 253 11.78 6.17 -0.03
N VAL D 254 10.72 5.63 -0.63
CA VAL D 254 9.45 5.51 0.07
C VAL D 254 9.59 4.62 1.29
N LEU D 255 10.49 3.63 1.24
CA LEU D 255 10.63 2.71 2.36
C LEU D 255 11.20 3.41 3.59
N ASN D 256 12.34 4.11 3.42
CA ASN D 256 12.92 4.84 4.54
C ASN D 256 11.97 5.92 5.06
N ASP D 257 11.32 6.64 4.15
CA ASP D 257 10.28 7.59 4.49
C ASP D 257 9.24 6.94 5.41
N TYR D 258 8.71 5.79 4.98
CA TYR D 258 7.64 5.14 5.73
C TYR D 258 8.13 4.69 7.11
N ILE D 259 9.32 4.09 7.17
CA ILE D 259 9.85 3.61 8.44
C ILE D 259 10.13 4.75 9.39
N ALA D 260 10.71 5.84 8.87
CA ALA D 260 11.00 7.02 9.70
C ALA D 260 9.72 7.63 10.25
N ALA D 261 8.65 7.63 9.45
CA ALA D 261 7.38 8.15 9.93
C ALA D 261 6.87 7.32 11.10
N GLY D 262 6.90 5.99 10.95
CA GLY D 262 6.47 5.13 12.03
C GLY D 262 7.34 5.23 13.27
N VAL D 263 8.63 5.52 13.08
CA VAL D 263 9.52 5.79 14.20
C VAL D 263 9.01 6.99 15.01
N LEU D 264 8.68 8.09 14.33
CA LEU D 264 8.19 9.26 15.04
C LEU D 264 6.82 9.00 15.66
N LEU D 265 5.94 8.33 14.94
CA LEU D 265 4.61 8.03 15.44
C LEU D 265 4.64 7.10 16.65
N HIS D 266 5.72 6.35 16.84
CA HIS D 266 5.88 5.47 17.99
C HIS D 266 7.10 5.86 18.81
N LYS D 267 7.41 7.14 18.86
CA LYS D 267 8.60 7.61 19.57
C LYS D 267 8.57 7.21 21.04
N GLY D 268 7.37 7.14 21.63
CA GLY D 268 7.25 6.73 23.02
C GLY D 268 7.61 5.27 23.26
N LYS D 269 7.67 4.46 22.21
CA LYS D 269 8.08 3.07 22.33
C LYS D 269 9.59 2.90 22.14
N ILE D 270 10.31 3.99 21.83
CA ILE D 270 11.71 3.93 21.44
C ILE D 270 12.57 4.81 22.34
N LEU D 271 12.19 6.08 22.49
CA LEU D 271 13.04 7.03 23.19
C LEU D 271 13.27 6.73 24.67
N PRO D 272 12.30 6.26 25.46
CA PRO D 272 12.59 6.04 26.89
C PRO D 272 13.76 5.11 27.15
N ARG D 273 13.92 4.07 26.34
CA ARG D 273 15.07 3.17 26.51
C ARG D 273 16.39 3.91 26.34
N TYR D 274 16.48 4.76 25.31
CA TYR D 274 17.72 5.49 25.09
C TYR D 274 17.97 6.53 26.17
N ARG D 275 16.91 7.19 26.66
CA ARG D 275 17.08 8.14 27.75
C ARG D 275 17.61 7.46 29.01
N GLN D 276 17.06 6.28 29.34
CA GLN D 276 17.55 5.54 30.50
C GLN D 276 19.02 5.15 30.35
N MET D 277 19.41 4.71 29.15
CA MET D 277 20.82 4.36 28.92
C MET D 277 21.70 5.59 29.09
N ILE D 278 21.28 6.73 28.54
CA ILE D 278 22.12 7.92 28.56
C ILE D 278 22.29 8.45 29.99
N GLN D 279 21.20 8.47 30.77
CA GLN D 279 21.29 8.98 32.13
C GLN D 279 22.07 8.04 33.04
N HIS D 280 21.94 6.72 32.82
CA HIS D 280 22.78 5.78 33.55
C HIS D 280 24.26 5.99 33.22
N ASN D 281 24.56 6.24 31.94
CA ASN D 281 25.94 6.47 31.54
C ASN D 281 26.46 7.81 32.04
N ILE D 282 25.59 8.82 32.14
CA ILE D 282 25.97 10.08 32.76
C ILE D 282 26.34 9.85 34.22
N GLN D 283 25.55 9.03 34.93
CA GLN D 283 25.88 8.69 36.30
C GLN D 283 27.18 7.90 36.39
N GLN D 284 27.40 6.97 35.45
CA GLN D 284 28.64 6.22 35.44
C GLN D 284 29.84 7.12 35.21
N PHE D 285 29.71 8.10 34.30
CA PHE D 285 30.82 9.00 34.05
C PHE D 285 31.06 9.96 35.21
N GLU D 286 30.00 10.34 35.93
CA GLU D 286 30.19 11.18 37.10
C GLU D 286 30.93 10.42 38.20
N THR D 287 30.57 9.15 38.40
CA THR D 287 31.37 8.29 39.28
C THR D 287 32.81 8.20 38.81
N PHE D 288 33.02 8.07 37.50
CA PHE D 288 34.36 8.02 36.93
C PHE D 288 35.11 9.32 37.17
N ILE D 289 34.42 10.46 37.09
CA ILE D 289 35.04 11.75 37.35
C ILE D 289 35.54 11.82 38.80
N LYS D 290 34.73 11.35 39.74
CA LYS D 290 35.12 11.34 41.14
C LYS D 290 36.31 10.41 41.39
N GLN D 291 36.32 9.25 40.72
CA GLN D 291 37.43 8.31 40.88
C GLN D 291 38.74 8.87 40.33
N GLN D 292 38.65 9.77 39.34
CA GLN D 292 39.85 10.33 38.73
C GLN D 292 40.40 11.53 39.50
N ARG D 293 39.68 12.01 40.49
CA ARG D 293 40.17 12.99 41.47
C ARG D 293 40.72 14.24 40.79
N GLY D 294 39.87 14.87 39.96
CA GLY D 294 40.18 16.12 39.32
C GLY D 294 40.92 16.02 38.01
N LEU D 295 41.38 14.82 37.62
CA LEU D 295 42.06 14.69 36.33
C LEU D 295 41.09 14.84 35.17
N ILE D 296 39.85 14.40 35.35
CA ILE D 296 38.83 14.46 34.30
C ILE D 296 37.74 15.42 34.75
N ASP D 297 37.33 16.30 33.83
CA ASP D 297 36.18 17.17 34.07
C ASP D 297 35.35 17.23 32.80
N TRP D 298 34.19 17.87 32.90
CA TRP D 298 33.37 18.11 31.71
C TRP D 298 32.41 19.24 32.00
N VAL D 299 31.89 19.82 30.93
CA VAL D 299 30.64 20.56 30.97
C VAL D 299 29.54 19.51 30.89
N LYS D 300 28.77 19.35 31.95
CA LYS D 300 27.78 18.28 31.97
C LYS D 300 26.80 18.47 30.79
N PRO D 301 26.61 17.46 29.95
CA PRO D 301 25.66 17.62 28.85
C PRO D 301 24.24 17.76 29.36
N GLU D 302 23.42 18.49 28.61
CA GLU D 302 22.04 18.72 28.98
C GLU D 302 21.08 17.90 28.14
N ALA D 303 21.47 17.52 26.93
CA ALA D 303 20.62 16.75 26.04
C ALA D 303 21.51 16.12 24.99
N GLY D 304 20.97 15.11 24.34
CA GLY D 304 21.66 14.49 23.24
C GLY D 304 22.29 13.16 23.60
N THR D 305 23.23 12.77 22.75
CA THR D 305 23.79 11.43 22.74
C THR D 305 25.27 11.39 23.07
N ILE D 306 25.90 12.54 23.30
CA ILE D 306 27.34 12.64 23.39
C ILE D 306 27.73 13.52 24.56
N ALA D 307 28.98 13.37 25.00
CA ALA D 307 29.57 14.25 25.99
C ALA D 307 30.97 14.60 25.53
N PHE D 308 31.48 15.73 26.00
CA PHE D 308 32.78 16.26 25.61
C PHE D 308 33.67 16.50 26.83
N PRO D 309 34.01 15.46 27.59
CA PRO D 309 34.90 15.64 28.73
C PRO D 309 36.31 16.01 28.26
N PHE D 310 37.12 16.43 29.23
CA PHE D 310 38.47 16.86 28.93
C PHE D 310 39.39 16.49 30.09
N PHE D 311 40.67 16.34 29.76
CA PHE D 311 41.70 16.24 30.78
C PHE D 311 42.05 17.62 31.30
N THR D 312 42.19 17.73 32.62
CA THR D 312 42.56 18.98 33.27
C THR D 312 44.06 19.29 33.19
N ASP D 313 44.77 18.57 32.33
CA ASP D 313 46.18 18.81 32.06
C ASP D 313 46.25 19.48 30.69
N PRO D 314 46.70 20.74 30.60
CA PRO D 314 46.53 21.50 29.36
C PRO D 314 47.32 21.02 28.16
N ASN D 315 48.15 19.99 28.28
CA ASN D 315 48.99 19.58 27.15
C ASN D 315 48.99 18.09 26.85
N ILE D 316 48.62 17.22 27.79
CA ILE D 316 48.59 15.80 27.48
C ILE D 316 47.60 15.59 26.34
N ASN D 317 47.93 14.66 25.45
CA ASN D 317 47.30 14.56 24.15
C ASN D 317 46.25 13.46 24.14
N SER D 318 45.01 13.86 23.88
CA SER D 318 43.91 12.89 23.84
C SER D 318 44.06 11.91 22.68
N LYS D 319 44.74 12.31 21.60
CA LYS D 319 44.87 11.38 20.47
C LYS D 319 45.74 10.18 20.84
N ILE D 320 46.80 10.39 21.62
CA ILE D 320 47.65 9.25 21.96
C ILE D 320 47.00 8.41 23.06
N VAL D 321 46.24 9.03 23.95
CA VAL D 321 45.42 8.25 24.88
C VAL D 321 44.39 7.44 24.11
N ALA D 322 43.74 8.07 23.13
CA ALA D 322 42.74 7.37 22.33
C ALA D 322 43.36 6.24 21.51
N LYS D 323 44.53 6.46 20.92
CA LYS D 323 45.20 5.41 20.15
C LYS D 323 45.50 4.20 21.02
N ARG D 324 46.09 4.44 22.20
CA ARG D 324 46.39 3.34 23.11
C ARG D 324 45.13 2.69 23.64
N LEU D 325 44.04 3.44 23.76
CA LEU D 325 42.81 2.85 24.24
C LEU D 325 42.21 1.90 23.20
N VAL D 326 42.28 2.28 21.92
CA VAL D 326 41.70 1.45 20.87
C VAL D 326 42.62 0.29 20.52
N GLU D 327 43.95 0.47 20.62
CA GLU D 327 44.86 -0.61 20.25
C GLU D 327 44.94 -1.66 21.35
N ASP D 328 44.98 -1.25 22.61
CA ASP D 328 45.12 -2.17 23.72
C ASP D 328 43.79 -2.74 24.21
N HIS D 329 42.67 -2.06 23.98
CA HIS D 329 41.40 -2.49 24.54
C HIS D 329 40.25 -2.49 23.55
N GLY D 330 40.47 -2.08 22.31
CA GLY D 330 39.40 -2.06 21.32
C GLY D 330 38.32 -1.04 21.57
N VAL D 331 38.58 -0.06 22.42
CA VAL D 331 37.60 0.99 22.72
C VAL D 331 37.98 2.24 21.94
N LEU D 332 37.03 2.74 21.14
CA LEU D 332 37.27 3.93 20.33
C LEU D 332 36.57 5.12 20.98
N LEU D 333 37.34 6.13 21.33
CA LEU D 333 36.84 7.45 21.68
C LEU D 333 37.30 8.42 20.60
N LEU D 334 36.52 9.48 20.39
CA LEU D 334 36.87 10.48 19.40
C LEU D 334 37.78 11.52 20.05
N PRO D 335 39.05 11.62 19.67
CA PRO D 335 39.93 12.61 20.29
C PRO D 335 39.51 14.02 19.92
N GLY D 336 39.71 14.93 20.88
CA GLY D 336 39.23 16.31 20.73
C GLY D 336 39.91 17.07 19.62
N GLU D 337 41.05 16.59 19.13
CA GLU D 337 41.72 17.23 18.00
C GLU D 337 40.82 17.31 16.78
N ALA D 338 39.89 16.36 16.63
CA ALA D 338 38.91 16.42 15.55
C ALA D 338 38.04 17.67 15.62
N PHE D 339 37.99 18.32 16.79
CA PHE D 339 37.30 19.59 16.97
C PHE D 339 38.23 20.73 17.35
N ASP D 340 39.55 20.54 17.21
CA ASP D 340 40.56 21.51 17.65
C ASP D 340 40.40 21.83 19.14
N ARG D 341 40.15 20.79 19.93
CA ARG D 341 40.12 20.89 21.38
C ARG D 341 40.99 19.76 21.92
N PRO D 342 42.31 19.93 21.91
CA PRO D 342 43.21 18.80 22.19
C PRO D 342 43.01 18.14 23.54
N SER D 343 42.60 18.89 24.56
CA SER D 343 42.41 18.28 25.88
C SER D 343 41.10 17.49 25.99
N HIS D 344 40.18 17.66 25.05
CA HIS D 344 38.89 17.01 25.12
C HIS D 344 38.89 15.68 24.37
N PHE D 345 37.84 14.91 24.59
CA PHE D 345 37.50 13.77 23.77
C PHE D 345 36.00 13.58 23.85
N ARG D 346 35.41 13.11 22.76
CA ARG D 346 33.97 12.87 22.71
C ARG D 346 33.70 11.39 23.02
N ILE D 347 32.63 11.15 23.78
CA ILE D 347 32.24 9.79 24.15
C ILE D 347 30.74 9.67 23.96
N ALA D 348 30.32 8.56 23.36
CA ALA D 348 28.91 8.31 23.11
C ALA D 348 28.21 7.90 24.40
N LEU D 349 27.06 8.49 24.67
CA LEU D 349 26.26 8.15 25.84
C LEU D 349 25.13 7.17 25.55
N GLY D 350 24.78 6.98 24.29
CA GLY D 350 23.67 6.12 23.92
C GLY D 350 24.08 4.70 23.64
N VAL D 351 24.99 4.18 24.47
CA VAL D 351 25.43 2.79 24.37
C VAL D 351 24.98 2.04 25.62
N GLU D 352 25.06 0.72 25.56
CA GLU D 352 24.77 -0.12 26.71
C GLU D 352 25.63 0.31 27.90
N PRO D 353 25.05 0.48 29.09
CA PRO D 353 25.87 0.87 30.25
C PRO D 353 26.96 -0.13 30.58
N SER D 354 26.77 -1.41 30.21
CA SER D 354 27.85 -2.38 30.40
C SER D 354 29.04 -2.07 29.49
N LEU D 355 28.77 -1.76 28.22
CA LEU D 355 29.86 -1.38 27.31
C LEU D 355 30.48 -0.05 27.71
N PHE D 356 29.64 0.88 28.16
CA PHE D 356 30.14 2.17 28.65
C PHE D 356 31.09 1.97 29.83
N GLN D 357 30.67 1.17 30.81
CA GLN D 357 31.49 0.93 31.99
C GLN D 357 32.77 0.20 31.63
N TYR D 358 32.70 -0.75 30.69
CA TYR D 358 33.92 -1.38 30.19
C TYR D 358 34.88 -0.35 29.62
N ALA D 359 34.37 0.62 28.86
CA ALA D 359 35.22 1.63 28.27
C ALA D 359 35.87 2.50 29.33
N LEU D 360 35.11 2.90 30.35
CA LEU D 360 35.66 3.75 31.40
C LEU D 360 36.73 3.01 32.18
N GLU D 361 36.51 1.73 32.48
CA GLU D 361 37.50 0.98 33.26
C GLU D 361 38.79 0.77 32.50
N LYS D 362 38.70 0.58 31.17
CA LYS D 362 39.92 0.52 30.39
C LYS D 362 40.54 1.89 30.18
N LEU D 363 39.71 2.94 30.11
CA LEU D 363 40.24 4.29 30.00
C LEU D 363 41.04 4.66 31.25
N ALA D 364 40.59 4.21 32.43
CA ALA D 364 41.37 4.44 33.64
C ALA D 364 42.69 3.68 33.60
N ILE D 365 42.71 2.49 32.99
CA ILE D 365 43.94 1.72 32.88
C ILE D 365 44.94 2.43 31.98
N VAL D 366 44.46 2.98 30.87
CA VAL D 366 45.32 3.75 29.98
C VAL D 366 45.83 5.00 30.67
N ILE D 367 44.99 5.61 31.51
CA ILE D 367 45.39 6.82 32.23
C ILE D 367 46.44 6.49 33.29
N GLU D 368 46.16 5.48 34.13
CA GLU D 368 47.08 5.12 35.20
C GLU D 368 48.48 4.84 34.66
N THR D 369 48.57 4.03 33.61
CA THR D 369 49.84 3.79 32.95
C THR D 369 49.95 4.67 31.71
#